data_9NP6
#
_entry.id   9NP6
#
_cell.length_a   1.00
_cell.length_b   1.00
_cell.length_c   1.00
_cell.angle_alpha   90.00
_cell.angle_beta   90.00
_cell.angle_gamma   90.00
#
_symmetry.space_group_name_H-M   'P 1'
#
loop_
_entity.id
_entity.type
_entity.pdbx_description
1 polymer "DNA 3'-5' helicase"
2 polymer "DNA 3'-5' helicase"
3 polymer 'DNA (30-MER)'
4 non-polymer 'PHOSPHOAMINOPHOSPHONIC ACID-ADENYLATE ESTER'
5 non-polymer 'IRON/SULFUR CLUSTER'
#
loop_
_entity_poly.entity_id
_entity_poly.type
_entity_poly.pdbx_seq_one_letter_code
_entity_poly.pdbx_strand_id
1 'polypeptide(L)'
;SMTTRPAESAPQTASTLLEPGSNGVVRLLGGPGTGKSSLLVDTAVQHILAGADPESVLLLTGSARLRTAARAAITARLLG
AGTVGVVREPLVRTVHSYAFAVLRLAAQRNGDPPPRLITSAEQDGIIRELLAGDLEDGHRSPVGWPEQLWPALTTAGFAT
ELRDLMARCTERGVDPIALQRLGRTAKRPEWLAAGRFAQAYEQIMLLRSAVGMAAPQATVPALGAAELVGAALEALGADD
ELLDTERNRIKLLLVDDAQHLDPQAARLVRALAAGTGLTVIAGDPDQSVFGYRGADPVLLRDDTHPAITLTQSYRCAPEI
ASAITGLGQRLPGVSDTRHWTGNPQREGTVTVRLAASTHAEGTMIADALRRAHLVDGIPWSQMAVIVRSVPRVGTALARA
LTAAGVPVQDNGTDVPVGRQPAAAALLTVLDVTATGHLDADSAVALLTGPIGRVDPVTLRQLRRALRRADGSQPPRDFGD
LLVDAIEREPKGLSAEHARTLRRLRAVLTAARRSDASGADPRYTLWQAWHASGLQRRWLAASERGGSVGAQADRDLDAVT
TLFDVADQYVNRTAGASLRGLVDHVTRLGAAVARTEPETAAEAVAVLSVHGALAGEWDFVVIAGVQEGLWPNMIPRGGVL
GTQHLVDVLDGVADMTDRTVSTRAPLVAEERRLLMAAMGRARTRVMITAVDSDTGDESLLPSPFCAEISAWATEPVAEPP
LVAPRVLAPSALVGRLRAVVCAPDGAVDDDARACAAAQLARLAAAGVPGADPSQWHAMTSLTTEEPLWSEPGHVVTLSPS
TLQMLTDCPLRWLLERHGGDDGRDVRSTVGSLVHALVSEPGKTESQLVNELEKVWDDLPYDAKWYSDNELARHRAMLETF
TRWREDTRRQLTEVATEIPVEGIVVEPGENTPGVRVRGRLDRLERDEAGRLVVVALKTGKSPVTKDDAQNHAQLAMYQLA
VAAGLLDDGDEPGGGKLVYLGKAGAAGATEREQDPLTPDKRAEWLETVGEAAAATAGPRFVARVNNGCANCPVRSSCPAQ
ANGDRP
;
A
2 'polypeptide(L)'
;MTQVASPVVQARYSPVELSAALGLFPPTDEQAAVIAAPPGPLVVIAGAGAGKTETMAARVVWLVANGFATPSQVLGLTFT
RKAAGQLLRRVRTRLARLAGAGLAPGSGASDESATVSTYHAFAGTLLREHGLLLPVEPDTRLLSETELWQLAYDVVCAHP
GHLDTEKTPAAVTAMVLRLSGALAEHLVDTDQLRDTHVELERLVHTLPAGPYQRDRGPSQWLLRMLATQTERTELVPLID
ALHQRMRAEKVMDFGMQMAAAARLAARFPQVGEQLRQRFRVVLLDEYQDTGHAQRIALSSLFGGGADDGLALTAVGDPIQ
SIYGWRGASATNLPRFTTDFPYSDGTPAPTLELRTSWRNPPSTLHVANAVSEEARRRSVAVRALRPRPDAEPGTIRCALL
NNVAAERDWVADHLARAYHGAIGRGEAAPTAAVLVRRNADAAPMAEALTARGVPVEVVGVAGLLAVPEVADLVAMLRLIA
DPTAGSAVMRILTGPRWRFGARDIAALWRRAVELDDRPKGELGTADIVAQAAPDADTACVADAICDPGDAERYSPAGYER
IVALGRELTMLRAHLGHPLPELVAEVRRVLGLDAEARAARPVAAGWAGTENLDRFSDLVSDFAGHAGASVSALLAYLDAA
VEVENGLAPAELTVSHDRVQILTVHAAKGLEWQVVAVPHLSARVFPSTTQARTWLTDASDLPPLLRGDRATESEIGVPVL
DTSDIYDRKILSDKISDHKKSLDQRRVDEERRLLYVAITRAEDTLLLSGHHWGATESKPRGPSEFLCELKTILEEATAAG
TPCGEIEHWAPDPAPGETNPLRDQVVEALWPPVASADDHVHRGAQLVAAAMAGEVSAEADQEGWAADVDALLAERERPPQ
QEDTELPGQLSVSTLVELSRDPKAALTRLRRRLPQRPDPHALLGTTFHEWVQRYFHAERLFDLDDLPGAVDSDSGRAVEE
SLAELQDAFVKSPWAARTPVEVEVPFDMVLGETVVRGRIDAVFAEPDGTTMVLAWKTGDPPETPEAKEHAAVQLAVYRLA
WAAMRGCPPESVRAAFHYVRSGQTVIPETLPGAEELVKLLAAAPTETAEEADRIT
;
B
3 'polydeoxyribonucleotide'
;(DT)(DC)(DA)(DT)(DA)(DT)(DC)(DC)(DT)(DC)(DT)(DA)(DA)(DT)(DG)(DC)(DG)(DA)(DG)(DC)
(DA)(DC)(DT)(DG)(DC)(DT)(DA)(DT)(DT)(DC)(DC)(DC)(DT)(DA)(DG)(DC)(DA)(DG)(DT)(DG)
(DC)(DT)(DC)(DG)(DC)(DA)(DT)(DT)(DA)(DG)(DA)(DG)(DG)(DA)(DT)(DA)(DT)(DG)(DA)
;
X
#
# COMPACT_ATOMS: atom_id res chain seq x y z
N LEU A 17 -62.77 7.33 -16.29
CA LEU A 17 -62.50 7.31 -14.85
C LEU A 17 -61.67 8.52 -14.44
N LEU A 18 -61.11 9.21 -15.42
CA LEU A 18 -60.30 10.40 -15.20
C LEU A 18 -60.95 11.55 -15.97
N GLU A 19 -61.92 12.19 -15.33
CA GLU A 19 -62.66 13.31 -15.90
C GLU A 19 -62.85 14.36 -14.82
N PRO A 20 -63.08 15.63 -15.20
CA PRO A 20 -63.33 16.65 -14.19
C PRO A 20 -64.51 16.31 -13.29
N GLY A 21 -65.55 15.69 -13.83
CA GLY A 21 -66.62 15.17 -13.02
C GLY A 21 -66.40 13.72 -12.68
N SER A 22 -65.86 13.46 -11.50
CA SER A 22 -65.54 12.10 -11.07
C SER A 22 -65.42 12.06 -9.56
N ASN A 23 -65.50 10.85 -9.01
CA ASN A 23 -65.41 10.66 -7.58
C ASN A 23 -64.91 9.25 -7.30
N GLY A 24 -64.39 9.06 -6.09
CA GLY A 24 -63.86 7.78 -5.68
C GLY A 24 -62.35 7.72 -5.77
N VAL A 25 -61.82 6.51 -5.59
CA VAL A 25 -60.39 6.25 -5.60
C VAL A 25 -60.08 5.37 -6.80
N VAL A 26 -59.13 5.79 -7.62
CA VAL A 26 -58.67 5.02 -8.77
C VAL A 26 -57.15 4.95 -8.71
N ARG A 27 -56.60 3.97 -9.43
CA ARG A 27 -55.17 3.73 -9.44
C ARG A 27 -54.79 3.17 -10.79
N LEU A 28 -53.55 3.46 -11.21
CA LEU A 28 -52.98 2.87 -12.42
C LEU A 28 -51.70 2.14 -12.04
N LEU A 29 -51.51 0.96 -12.63
CA LEU A 29 -50.58 -0.02 -12.11
C LEU A 29 -49.72 -0.60 -13.23
N GLY A 30 -48.50 -0.97 -12.88
CA GLY A 30 -47.64 -1.77 -13.75
C GLY A 30 -46.79 -0.93 -14.67
N GLY A 31 -45.63 -1.48 -15.03
CA GLY A 31 -44.81 -0.93 -16.08
C GLY A 31 -43.76 0.05 -15.59
N PRO A 32 -42.48 -0.23 -15.86
CA PRO A 32 -41.44 0.76 -15.61
C PRO A 32 -41.28 1.72 -16.78
N GLY A 33 -41.39 3.02 -16.52
CA GLY A 33 -41.27 4.02 -17.56
C GLY A 33 -42.52 4.21 -18.39
N THR A 34 -43.62 3.54 -18.06
CA THR A 34 -44.80 3.54 -18.92
C THR A 34 -45.37 4.94 -19.09
N GLY A 35 -45.23 5.80 -18.08
CA GLY A 35 -45.81 7.12 -18.16
C GLY A 35 -46.80 7.43 -17.05
N LYS A 36 -46.59 6.81 -15.90
CA LYS A 36 -47.45 7.08 -14.75
C LYS A 36 -47.43 8.56 -14.38
N SER A 37 -46.24 9.15 -14.29
CA SER A 37 -46.15 10.57 -13.96
C SER A 37 -46.74 11.44 -15.06
N SER A 38 -46.52 11.07 -16.32
CA SER A 38 -47.12 11.81 -17.42
C SER A 38 -48.65 11.71 -17.38
N LEU A 39 -49.18 10.51 -17.10
CA LEU A 39 -50.63 10.36 -16.98
C LEU A 39 -51.17 11.20 -15.83
N LEU A 40 -50.45 11.22 -14.70
CA LEU A 40 -50.90 12.00 -13.55
C LEU A 40 -50.92 13.49 -13.85
N VAL A 41 -49.87 13.99 -14.50
CA VAL A 41 -49.85 15.41 -14.82
C VAL A 41 -50.91 15.74 -15.87
N ASP A 42 -51.18 14.82 -16.80
CA ASP A 42 -52.24 15.04 -17.78
C ASP A 42 -53.60 15.12 -17.10
N THR A 43 -53.86 14.23 -16.14
CA THR A 43 -55.13 14.29 -15.42
C THR A 43 -55.23 15.56 -14.58
N ALA A 44 -54.12 15.98 -13.96
CA ALA A 44 -54.14 17.21 -13.17
C ALA A 44 -54.43 18.42 -14.05
N VAL A 45 -53.84 18.47 -15.24
CA VAL A 45 -54.08 19.61 -16.13
C VAL A 45 -55.50 19.58 -16.68
N GLN A 46 -55.98 18.39 -17.08
CA GLN A 46 -57.30 18.30 -17.68
C GLN A 46 -58.41 18.65 -16.69
N HIS A 47 -58.14 18.53 -15.40
CA HIS A 47 -59.13 18.82 -14.37
C HIS A 47 -59.15 20.28 -13.94
N ILE A 48 -58.28 21.11 -14.51
CA ILE A 48 -58.24 22.53 -14.15
C ILE A 48 -58.51 23.38 -15.38
N LEU A 59 -51.08 17.67 -5.02
CA LEU A 59 -50.30 16.63 -5.64
C LEU A 59 -49.13 16.24 -4.76
N LEU A 60 -48.41 15.19 -5.14
CA LEU A 60 -47.26 14.72 -4.37
C LEU A 60 -46.21 14.17 -5.33
N THR A 61 -44.95 14.34 -4.96
CA THR A 61 -43.82 13.89 -5.77
C THR A 61 -42.99 12.81 -5.10
N GLY A 62 -42.55 13.04 -3.88
CA GLY A 62 -41.73 12.07 -3.17
C GLY A 62 -40.25 12.36 -3.16
N SER A 63 -39.81 13.46 -3.77
CA SER A 63 -38.40 13.82 -3.77
C SER A 63 -38.27 15.31 -4.05
N ALA A 64 -37.31 15.96 -3.38
CA ALA A 64 -37.12 17.39 -3.54
C ALA A 64 -36.64 17.77 -4.94
N ARG A 65 -36.04 16.84 -5.68
CA ARG A 65 -35.61 17.11 -7.04
C ARG A 65 -36.69 16.76 -8.06
N LEU A 66 -37.44 15.68 -7.82
CA LEU A 66 -38.52 15.30 -8.72
C LEU A 66 -39.64 16.34 -8.72
N ARG A 67 -39.91 16.96 -7.56
CA ARG A 67 -40.96 17.96 -7.48
C ARG A 67 -40.64 19.17 -8.35
N THR A 68 -39.36 19.53 -8.48
CA THR A 68 -38.99 20.62 -9.37
C THR A 68 -39.32 20.30 -10.82
N ALA A 69 -39.04 19.07 -11.25
CA ALA A 69 -39.40 18.66 -12.60
C ALA A 69 -40.90 18.65 -12.81
N ALA A 70 -41.65 18.18 -11.81
CA ALA A 70 -43.11 18.17 -11.93
C ALA A 70 -43.66 19.59 -12.04
N ARG A 71 -43.14 20.51 -11.22
CA ARG A 71 -43.60 21.90 -11.29
C ARG A 71 -43.23 22.53 -12.63
N ALA A 72 -42.04 22.24 -13.14
CA ALA A 72 -41.63 22.77 -14.44
C ALA A 72 -42.55 22.26 -15.54
N ALA A 73 -42.87 20.97 -15.51
CA ALA A 73 -43.78 20.41 -16.52
C ALA A 73 -45.16 21.04 -16.43
N ILE A 74 -45.66 21.23 -15.21
CA ILE A 74 -46.98 21.83 -15.03
C ILE A 74 -47.00 23.25 -15.56
N THR A 75 -45.96 24.04 -15.23
CA THR A 75 -45.89 25.41 -15.72
C THR A 75 -45.77 25.45 -17.24
N ALA A 76 -45.01 24.52 -17.82
CA ALA A 76 -44.87 24.48 -19.28
C ALA A 76 -46.20 24.15 -19.94
N ARG A 77 -46.95 23.21 -19.39
CA ARG A 77 -48.23 22.85 -19.97
C ARG A 77 -49.22 24.01 -19.91
N LEU A 78 -49.24 24.73 -18.79
CA LEU A 78 -50.14 25.87 -18.63
C LEU A 78 -49.57 27.12 -19.30
N LEU A 91 -49.50 23.05 -6.01
CA LEU A 91 -48.89 22.65 -4.76
C LEU A 91 -48.01 21.42 -4.95
N VAL A 92 -46.75 21.63 -5.30
CA VAL A 92 -45.81 20.55 -5.55
C VAL A 92 -45.01 20.35 -4.25
N ARG A 93 -45.39 19.33 -3.48
CA ARG A 93 -44.75 19.04 -2.21
C ARG A 93 -44.41 17.55 -2.13
N THR A 94 -43.82 17.16 -1.02
CA THR A 94 -43.47 15.77 -0.73
C THR A 94 -44.17 15.31 0.54
N VAL A 95 -43.98 14.04 0.89
CA VAL A 95 -44.65 13.48 2.05
C VAL A 95 -44.18 14.17 3.32
N HIS A 96 -42.87 14.28 3.51
CA HIS A 96 -42.35 14.93 4.70
C HIS A 96 -42.63 16.42 4.70
N SER A 97 -42.56 17.07 3.53
CA SER A 97 -42.94 18.47 3.45
C SER A 97 -44.40 18.67 3.81
N TYR A 98 -45.28 17.78 3.33
CA TYR A 98 -46.69 17.88 3.68
C TYR A 98 -46.91 17.67 5.16
N ALA A 99 -46.19 16.72 5.76
CA ALA A 99 -46.31 16.50 7.20
C ALA A 99 -45.87 17.72 7.99
N PHE A 100 -44.76 18.35 7.58
CA PHE A 100 -44.32 19.56 8.25
C PHE A 100 -45.33 20.68 8.09
N ALA A 101 -45.91 20.82 6.90
CA ALA A 101 -46.89 21.87 6.66
C ALA A 101 -48.14 21.66 7.52
N VAL A 102 -48.63 20.43 7.62
CA VAL A 102 -49.80 20.18 8.44
C VAL A 102 -49.48 20.37 9.92
N LEU A 103 -48.26 20.02 10.34
CA LEU A 103 -47.88 20.27 11.73
C LEU A 103 -47.82 21.76 12.02
N ARG A 104 -47.29 22.55 11.09
CA ARG A 104 -47.25 23.99 11.28
C ARG A 104 -48.65 24.59 11.31
N LEU A 105 -49.56 24.10 10.45
CA LEU A 105 -50.92 24.58 10.45
C LEU A 105 -51.66 24.21 11.72
N ALA A 106 -51.33 23.05 12.31
CA ALA A 106 -51.98 22.62 13.54
C ALA A 106 -51.63 23.49 14.74
N ALA A 107 -50.61 24.34 14.63
CA ALA A 107 -50.21 25.19 15.74
C ALA A 107 -51.11 26.42 15.90
N GLN A 108 -52.03 26.65 14.97
CA GLN A 108 -52.94 27.78 15.06
C GLN A 108 -54.12 27.47 15.96
N SER A 120 -28.87 16.13 11.55
CA SER A 120 -29.03 14.79 12.13
C SER A 120 -27.99 14.55 13.20
N ALA A 121 -26.97 15.42 13.26
CA ALA A 121 -25.92 15.28 14.27
C ALA A 121 -26.45 15.55 15.67
N GLU A 122 -27.50 16.37 15.79
CA GLU A 122 -28.04 16.70 17.10
C GLU A 122 -28.62 15.48 17.79
N GLN A 123 -29.35 14.64 17.05
CA GLN A 123 -29.90 13.42 17.63
C GLN A 123 -28.79 12.46 18.03
N ASP A 124 -27.74 12.36 17.22
CA ASP A 124 -26.60 11.51 17.56
C ASP A 124 -25.93 12.00 18.84
N GLY A 125 -25.76 13.32 18.98
CA GLY A 125 -25.20 13.85 20.21
C GLY A 125 -26.08 13.59 21.41
N ILE A 126 -27.39 13.71 21.23
CA ILE A 126 -28.32 13.47 22.33
C ILE A 126 -28.23 12.03 22.79
N ILE A 127 -28.27 11.08 21.85
CA ILE A 127 -28.22 9.68 22.25
C ILE A 127 -26.86 9.32 22.83
N ARG A 128 -25.78 9.93 22.32
CA ARG A 128 -24.46 9.67 22.89
C ARG A 128 -24.37 10.19 24.32
N GLU A 129 -24.92 11.38 24.58
CA GLU A 129 -24.94 11.89 25.95
C GLU A 129 -25.78 11.02 26.86
N LEU A 130 -26.93 10.53 26.37
CA LEU A 130 -27.76 9.65 27.17
C LEU A 130 -27.02 8.35 27.50
N LEU A 131 -26.32 7.79 26.52
CA LEU A 131 -25.56 6.56 26.75
C LEU A 131 -24.43 6.80 27.74
N ALA A 132 -23.74 7.94 27.63
CA ALA A 132 -22.67 8.26 28.56
C ALA A 132 -23.21 8.42 29.97
N GLY A 133 -24.40 9.03 30.11
CA GLY A 133 -25.02 9.14 31.42
C GLY A 133 -25.45 7.79 31.97
N ASP A 134 -25.93 6.90 31.11
CA ASP A 134 -26.45 5.61 31.55
C ASP A 134 -25.32 4.57 31.54
N LEU A 135 -24.25 4.90 32.26
CA LEU A 135 -23.26 3.90 32.62
C LEU A 135 -22.78 3.99 34.06
N GLU A 136 -22.88 5.16 34.70
CA GLU A 136 -22.52 5.26 36.12
C GLU A 136 -23.61 4.66 37.00
N ASP A 137 -24.88 4.88 36.64
CA ASP A 137 -25.98 4.34 37.40
C ASP A 137 -26.10 2.84 37.20
N GLY A 138 -26.50 2.14 38.26
CA GLY A 138 -26.64 0.70 38.23
C GLY A 138 -28.06 0.23 38.40
N GLY A 144 -32.09 -0.64 31.47
CA GLY A 144 -31.90 -2.00 31.93
C GLY A 144 -31.20 -2.88 30.92
N TRP A 145 -29.91 -2.65 30.72
CA TRP A 145 -29.14 -3.38 29.75
C TRP A 145 -28.91 -4.83 30.20
N PRO A 146 -28.64 -5.74 29.27
CA PRO A 146 -28.58 -7.17 29.63
C PRO A 146 -27.32 -7.55 30.39
N GLU A 147 -26.60 -6.55 30.90
CA GLU A 147 -25.39 -6.69 31.70
C GLU A 147 -24.19 -7.20 30.90
N GLN A 148 -24.31 -7.31 29.57
CA GLN A 148 -23.19 -7.68 28.73
C GLN A 148 -22.78 -6.57 27.77
N LEU A 149 -23.54 -5.50 27.69
CA LEU A 149 -23.29 -4.41 26.76
C LEU A 149 -22.60 -3.22 27.42
N TRP A 150 -22.17 -3.37 28.67
CA TRP A 150 -21.46 -2.28 29.34
C TRP A 150 -20.17 -1.88 28.63
N PRO A 151 -19.29 -2.80 28.21
CA PRO A 151 -18.05 -2.37 27.55
C PRO A 151 -18.27 -1.60 26.26
N ALA A 152 -19.36 -1.87 25.53
CA ALA A 152 -19.59 -1.26 24.23
C ALA A 152 -20.35 0.05 24.29
N LEU A 153 -20.84 0.44 25.47
CA LEU A 153 -21.70 1.61 25.57
C LEU A 153 -20.94 2.88 25.19
N THR A 154 -19.67 2.97 25.59
CA THR A 154 -18.88 4.16 25.30
C THR A 154 -18.40 4.21 23.86
N THR A 155 -18.46 3.10 23.14
CA THR A 155 -18.01 3.08 21.76
C THR A 155 -18.96 3.86 20.86
N ALA A 156 -18.44 4.36 19.75
CA ALA A 156 -19.23 5.12 18.80
C ALA A 156 -20.00 4.23 17.84
N GLY A 157 -19.73 2.92 17.81
CA GLY A 157 -20.46 2.02 16.95
C GLY A 157 -21.79 1.56 17.51
N PHE A 158 -21.96 1.63 18.83
CA PHE A 158 -23.23 1.26 19.45
C PHE A 158 -24.29 2.34 19.27
N ALA A 159 -23.88 3.61 19.26
CA ALA A 159 -24.83 4.70 19.10
C ALA A 159 -25.52 4.63 17.74
N THR A 160 -24.76 4.36 16.68
CA THR A 160 -25.36 4.28 15.35
C THR A 160 -26.34 3.12 15.25
N GLU A 161 -25.97 1.96 15.81
CA GLU A 161 -26.86 0.81 15.76
C GLU A 161 -28.14 1.08 16.55
N LEU A 162 -28.01 1.71 17.72
CA LEU A 162 -29.20 2.03 18.51
C LEU A 162 -30.08 3.04 17.80
N ARG A 163 -29.48 4.05 17.17
CA ARG A 163 -30.26 5.02 16.42
C ARG A 163 -30.98 4.37 15.24
N ASP A 164 -30.30 3.47 14.54
CA ASP A 164 -30.96 2.76 13.45
C ASP A 164 -32.13 1.91 13.94
N LEU A 165 -31.93 1.20 15.06
CA LEU A 165 -33.02 0.40 15.60
C LEU A 165 -34.22 1.27 15.97
N MET A 166 -33.95 2.41 16.62
CA MET A 166 -35.04 3.33 16.95
C MET A 166 -35.73 3.83 15.69
N ALA A 167 -34.97 4.13 14.64
CA ALA A 167 -35.56 4.67 13.42
C ALA A 167 -36.46 3.65 12.73
N ARG A 168 -35.98 2.40 12.61
CA ARG A 168 -36.83 1.39 12.00
C ARG A 168 -38.02 1.01 12.87
N CYS A 169 -37.91 1.14 14.19
CA CYS A 169 -39.10 1.00 15.02
C CYS A 169 -40.09 2.12 14.77
N THR A 170 -39.59 3.34 14.58
CA THR A 170 -40.47 4.48 14.32
C THR A 170 -41.17 4.34 12.98
N GLU A 171 -40.46 3.85 11.96
CA GLU A 171 -41.03 3.80 10.61
C GLU A 171 -42.28 2.93 10.56
N ARG A 172 -42.24 1.78 11.21
CA ARG A 172 -43.37 0.85 11.18
C ARG A 172 -44.48 1.23 12.14
N GLY A 173 -44.37 2.38 12.82
CA GLY A 173 -45.39 2.81 13.75
C GLY A 173 -45.46 1.95 14.98
N VAL A 174 -44.42 2.01 15.81
CA VAL A 174 -44.33 1.20 17.02
C VAL A 174 -44.06 2.11 18.20
N ASP A 175 -44.87 1.96 19.25
CA ASP A 175 -44.67 2.73 20.47
C ASP A 175 -43.59 2.08 21.33
N PRO A 176 -42.92 2.87 22.20
CA PRO A 176 -41.93 2.27 23.10
C PRO A 176 -42.51 1.18 23.97
N ILE A 177 -43.75 1.34 24.43
CA ILE A 177 -44.39 0.28 25.20
C ILE A 177 -44.61 -0.95 24.34
N ALA A 178 -44.91 -0.74 23.05
CA ALA A 178 -45.05 -1.88 22.14
C ALA A 178 -43.73 -2.64 22.01
N LEU A 179 -42.61 -1.92 21.93
CA LEU A 179 -41.30 -2.57 21.91
C LEU A 179 -41.05 -3.31 23.22
N GLN A 180 -41.40 -2.70 24.35
CA GLN A 180 -41.26 -3.36 25.64
C GLN A 180 -42.21 -4.54 25.80
N ARG A 181 -43.22 -4.67 24.95
CA ARG A 181 -44.09 -5.84 24.95
C ARG A 181 -43.53 -6.98 24.11
N LEU A 182 -42.46 -6.76 23.37
CA LEU A 182 -41.89 -7.83 22.55
C LEU A 182 -41.13 -8.85 23.39
N GLY A 183 -40.62 -8.45 24.56
CA GLY A 183 -39.88 -9.35 25.41
C GLY A 183 -40.73 -10.47 25.99
N ARG A 188 -35.35 -12.05 25.64
CA ARG A 188 -34.77 -11.01 24.81
C ARG A 188 -34.79 -9.65 25.50
N PRO A 189 -33.86 -9.43 26.43
CA PRO A 189 -33.84 -8.17 27.17
C PRO A 189 -33.22 -7.01 26.41
N GLU A 190 -32.52 -7.27 25.30
CA GLU A 190 -31.97 -6.18 24.51
C GLU A 190 -33.06 -5.28 23.96
N TRP A 191 -34.15 -5.88 23.47
CA TRP A 191 -35.25 -5.09 22.94
C TRP A 191 -35.98 -4.35 24.05
N LEU A 192 -36.10 -4.97 25.24
CA LEU A 192 -36.70 -4.27 26.37
C LEU A 192 -35.89 -3.04 26.75
N ALA A 193 -34.57 -3.19 26.79
CA ALA A 193 -33.71 -2.06 27.11
C ALA A 193 -33.79 -0.99 26.03
N ALA A 194 -33.86 -1.39 24.77
CA ALA A 194 -34.00 -0.41 23.69
C ALA A 194 -35.31 0.34 23.80
N GLY A 195 -36.40 -0.35 24.14
CA GLY A 195 -37.67 0.31 24.32
C GLY A 195 -37.67 1.27 25.50
N ARG A 196 -37.05 0.87 26.61
CA ARG A 196 -36.91 1.77 27.74
C ARG A 196 -36.08 3.00 27.37
N PHE A 197 -35.00 2.79 26.61
CA PHE A 197 -34.19 3.90 26.15
C PHE A 197 -35.00 4.85 25.28
N ALA A 198 -35.82 4.30 24.38
CA ALA A 198 -36.65 5.13 23.51
C ALA A 198 -37.68 5.91 24.32
N GLN A 199 -38.31 5.26 25.30
CA GLN A 199 -39.31 5.97 26.10
C GLN A 199 -38.69 7.04 26.98
N ALA A 200 -37.45 6.83 27.43
CA ALA A 200 -36.74 7.90 28.12
C ALA A 200 -36.34 9.02 27.16
N TYR A 201 -36.02 8.66 25.92
CA TYR A 201 -35.66 9.68 24.92
C TYR A 201 -36.84 10.57 24.59
N GLU A 202 -38.05 9.99 24.50
CA GLU A 202 -39.23 10.80 24.21
C GLU A 202 -39.48 11.84 25.29
N GLN A 203 -39.34 11.45 26.56
CA GLN A 203 -39.54 12.39 27.65
C GLN A 203 -38.52 13.52 27.66
N ILE A 204 -37.38 13.34 26.99
CA ILE A 204 -36.37 14.39 26.90
C ILE A 204 -36.64 15.28 25.70
N LEU A 223 -37.83 18.12 17.37
CA LEU A 223 -38.15 16.86 16.73
C LEU A 223 -37.21 16.57 15.57
N GLY A 224 -37.29 15.36 15.02
CA GLY A 224 -36.46 14.93 13.92
C GLY A 224 -37.25 14.79 12.62
N ALA A 225 -36.56 14.26 11.61
CA ALA A 225 -37.14 14.03 10.30
C ALA A 225 -37.65 12.61 10.10
N ALA A 226 -37.43 11.71 11.07
CA ALA A 226 -37.86 10.33 10.93
C ALA A 226 -39.24 10.08 11.51
N GLU A 227 -39.62 10.80 12.56
CA GLU A 227 -40.93 10.68 13.17
C GLU A 227 -41.86 11.83 12.80
N LEU A 228 -41.51 12.61 11.78
CA LEU A 228 -42.33 13.77 11.41
C LEU A 228 -43.72 13.33 10.95
N VAL A 229 -43.78 12.30 10.10
CA VAL A 229 -45.06 11.80 9.63
C VAL A 229 -45.88 11.24 10.78
N GLY A 230 -45.24 10.48 11.67
CA GLY A 230 -45.95 9.91 12.81
C GLY A 230 -46.47 10.98 13.75
N ALA A 231 -45.64 12.00 14.02
CA ALA A 231 -46.09 13.09 14.89
C ALA A 231 -47.23 13.86 14.25
N ALA A 232 -47.14 14.12 12.94
CA ALA A 232 -48.23 14.82 12.26
C ALA A 232 -49.52 14.03 12.31
N LEU A 233 -49.44 12.71 12.11
CA LEU A 233 -50.64 11.89 12.20
C LEU A 233 -51.19 11.87 13.63
N GLU A 234 -50.31 11.82 14.62
CA GLU A 234 -50.77 11.83 16.01
C GLU A 234 -51.46 13.14 16.35
N ALA A 235 -50.96 14.26 15.84
CA ALA A 235 -51.64 15.53 16.02
C ALA A 235 -53.00 15.55 15.34
N LEU A 236 -53.21 14.69 14.35
CA LEU A 236 -54.51 14.59 13.69
C LEU A 236 -55.37 13.54 14.37
N GLY A 237 -56.68 13.64 14.15
CA GLY A 237 -57.63 12.76 14.76
C GLY A 237 -58.10 13.16 16.14
N ALA A 238 -57.52 14.22 16.71
CA ALA A 238 -57.93 14.76 18.00
C ALA A 238 -58.76 16.03 17.87
N ASP A 239 -58.34 16.95 16.99
CA ASP A 239 -59.11 18.16 16.77
C ASP A 239 -60.47 17.86 16.15
N ASP A 240 -60.51 16.89 15.23
CA ASP A 240 -61.70 16.43 14.52
C ASP A 240 -62.27 17.48 13.57
N GLU A 241 -61.67 18.66 13.49
CA GLU A 241 -62.12 19.71 12.58
C GLU A 241 -61.07 20.12 11.56
N LEU A 242 -59.77 20.03 11.91
CA LEU A 242 -58.73 20.37 10.95
C LEU A 242 -58.68 19.36 9.82
N LEU A 243 -58.89 18.07 10.12
CA LEU A 243 -58.85 17.05 9.09
C LEU A 243 -59.94 17.26 8.04
N ASP A 244 -61.16 17.57 8.49
CA ASP A 244 -62.25 17.80 7.54
C ASP A 244 -61.99 19.04 6.69
N THR A 245 -61.47 20.11 7.31
CA THR A 245 -61.15 21.31 6.55
C THR A 245 -60.08 21.05 5.51
N GLU A 246 -59.04 20.30 5.88
CA GLU A 246 -57.99 19.96 4.92
C GLU A 246 -58.53 19.09 3.79
N ARG A 247 -59.39 18.12 4.13
CA ARG A 247 -59.98 17.27 3.10
C ARG A 247 -60.84 18.08 2.14
N ASN A 248 -61.61 19.03 2.65
CA ASN A 248 -62.41 19.89 1.79
C ASN A 248 -61.55 20.82 0.94
N ARG A 249 -60.32 21.11 1.37
CA ARG A 249 -59.43 21.99 0.63
C ARG A 249 -58.62 21.25 -0.43
N ILE A 250 -58.79 19.93 -0.54
CA ILE A 250 -58.08 19.13 -1.53
C ILE A 250 -59.11 18.51 -2.48
N LYS A 251 -58.96 18.77 -3.77
CA LYS A 251 -59.83 18.21 -4.79
C LYS A 251 -59.19 17.08 -5.58
N LEU A 252 -57.86 17.08 -5.70
CA LEU A 252 -57.15 16.01 -6.39
C LEU A 252 -55.95 15.60 -5.56
N LEU A 253 -55.78 14.29 -5.38
CA LEU A 253 -54.64 13.73 -4.67
C LEU A 253 -53.84 12.87 -5.65
N LEU A 254 -52.58 13.25 -5.88
CA LEU A 254 -51.70 12.57 -6.82
C LEU A 254 -50.41 12.24 -6.08
N VAL A 255 -50.33 11.02 -5.54
CA VAL A 255 -49.16 10.65 -4.75
C VAL A 255 -47.92 10.49 -5.63
N ASP A 256 -48.08 9.85 -6.80
CA ASP A 256 -47.05 9.62 -7.81
C ASP A 256 -45.95 8.66 -7.35
N ASP A 257 -45.97 8.20 -6.11
CA ASP A 257 -44.94 7.28 -5.63
C ASP A 257 -45.55 6.46 -4.50
N ALA A 258 -45.94 5.23 -4.81
CA ALA A 258 -46.52 4.33 -3.81
C ALA A 258 -45.81 2.99 -3.73
N GLN A 259 -44.88 2.69 -4.63
CA GLN A 259 -44.16 1.42 -4.56
C GLN A 259 -43.31 1.36 -3.30
N HIS A 260 -42.65 2.45 -2.95
CA HIS A 260 -41.80 2.53 -1.76
C HIS A 260 -42.28 3.70 -0.91
N LEU A 261 -43.25 3.43 -0.03
CA LEU A 261 -43.77 4.43 0.89
C LEU A 261 -43.90 3.80 2.27
N ASP A 262 -43.51 4.55 3.30
CA ASP A 262 -43.56 4.04 4.66
C ASP A 262 -45.02 3.83 5.08
N PRO A 263 -45.28 2.84 5.95
CA PRO A 263 -46.66 2.60 6.39
C PRO A 263 -47.29 3.80 7.07
N GLN A 264 -46.51 4.61 7.79
CA GLN A 264 -47.06 5.84 8.35
C GLN A 264 -47.53 6.78 7.25
N ALA A 265 -46.73 6.95 6.21
CA ALA A 265 -47.16 7.77 5.08
C ALA A 265 -48.36 7.14 4.38
N ALA A 266 -48.39 5.81 4.29
CA ALA A 266 -49.51 5.14 3.64
C ALA A 266 -50.82 5.41 4.39
N ARG A 267 -50.79 5.29 5.73
CA ARG A 267 -52.00 5.54 6.49
C ARG A 267 -52.36 7.02 6.52
N LEU A 268 -51.36 7.91 6.48
CA LEU A 268 -51.64 9.33 6.38
C LEU A 268 -52.36 9.64 5.06
N VAL A 269 -51.90 9.04 3.96
CA VAL A 269 -52.56 9.23 2.68
C VAL A 269 -53.97 8.65 2.70
N ARG A 270 -54.12 7.46 3.28
CA ARG A 270 -55.44 6.84 3.35
C ARG A 270 -56.42 7.70 4.13
N ALA A 271 -55.98 8.25 5.26
CA ALA A 271 -56.83 9.17 6.03
C ALA A 271 -57.13 10.43 5.24
N LEU A 272 -56.13 10.98 4.54
CA LEU A 272 -56.34 12.17 3.73
C LEU A 272 -57.20 11.92 2.51
N ALA A 273 -57.42 10.65 2.15
CA ALA A 273 -58.25 10.30 0.99
C ALA A 273 -59.52 9.58 1.42
N ALA A 274 -60.11 10.02 2.54
CA ALA A 274 -61.38 9.45 2.98
C ALA A 274 -62.50 9.84 2.02
N GLY A 275 -62.71 11.13 1.83
CA GLY A 275 -63.69 11.61 0.86
C GLY A 275 -63.33 12.97 0.30
N THR A 276 -63.25 13.05 -1.03
CA THR A 276 -62.89 14.28 -1.72
C THR A 276 -63.06 14.07 -3.21
N GLY A 277 -63.27 15.17 -3.93
CA GLY A 277 -63.44 15.13 -5.37
C GLY A 277 -64.78 14.55 -5.79
N LEU A 278 -60.25 11.31 -8.55
CA LEU A 278 -59.45 11.85 -7.45
C LEU A 278 -58.77 10.73 -6.68
N THR A 279 -57.78 11.11 -5.85
CA THR A 279 -57.05 10.17 -5.00
C THR A 279 -56.43 9.04 -5.82
N VAL A 280 -55.51 9.41 -6.70
CA VAL A 280 -54.80 8.46 -7.55
C VAL A 280 -53.58 7.95 -6.79
N ILE A 281 -53.41 6.64 -6.75
CA ILE A 281 -52.41 5.99 -5.92
C ILE A 281 -51.44 5.19 -6.78
N ALA A 282 -51.13 5.71 -7.98
CA ALA A 282 -50.55 4.94 -9.07
C ALA A 282 -49.47 3.94 -8.64
N GLY A 283 -48.33 4.44 -8.18
CA GLY A 283 -47.25 3.57 -7.75
C GLY A 283 -46.81 2.52 -8.76
N ASP A 284 -46.10 1.49 -8.29
CA ASP A 284 -45.63 0.40 -9.14
C ASP A 284 -45.33 -0.84 -8.28
N PRO A 285 -46.32 -1.71 -8.05
CA PRO A 285 -46.10 -2.82 -7.10
C PRO A 285 -45.09 -3.84 -7.56
N ASP A 286 -44.70 -3.85 -8.84
CA ASP A 286 -43.73 -4.82 -9.31
C ASP A 286 -42.39 -4.66 -8.59
N GLN A 287 -41.95 -3.42 -8.40
CA GLN A 287 -40.69 -3.11 -7.73
C GLN A 287 -41.02 -2.63 -6.32
N SER A 288 -40.65 -3.41 -5.32
CA SER A 288 -40.89 -3.05 -3.94
C SER A 288 -40.01 -1.88 -3.52
N VAL A 298 -50.39 4.73 0.35
CA VAL A 298 -51.46 3.87 -0.11
C VAL A 298 -50.91 2.49 -0.48
N LEU A 299 -51.81 1.56 -0.77
CA LEU A 299 -51.44 0.20 -1.09
C LEU A 299 -52.00 -0.16 -2.47
N LEU A 300 -51.31 -1.09 -3.13
CA LEU A 300 -51.66 -1.47 -4.49
C LEU A 300 -52.01 -2.95 -4.64
N ARG A 301 -51.23 -3.83 -4.02
CA ARG A 301 -51.39 -5.26 -4.26
C ARG A 301 -52.77 -5.75 -3.81
N ASP A 302 -53.19 -5.37 -2.61
CA ASP A 302 -54.44 -5.84 -2.01
C ASP A 302 -55.29 -4.63 -1.66
N ASP A 303 -56.22 -4.27 -2.54
CA ASP A 303 -57.12 -3.17 -2.28
C ASP A 303 -58.35 -3.29 -3.18
N THR A 304 -59.38 -2.55 -2.82
CA THR A 304 -60.60 -2.43 -3.60
C THR A 304 -60.43 -1.35 -4.66
N HIS A 305 -61.55 -0.88 -5.24
CA HIS A 305 -61.63 0.17 -6.24
C HIS A 305 -61.09 -0.31 -7.59
N PRO A 306 -61.57 0.24 -8.69
CA PRO A 306 -61.08 -0.19 -10.00
C PRO A 306 -59.62 0.19 -10.21
N ALA A 307 -58.93 -0.61 -11.02
CA ALA A 307 -57.53 -0.40 -11.33
C ALA A 307 -57.33 -0.37 -12.83
N ILE A 308 -56.33 0.39 -13.26
CA ILE A 308 -55.99 0.56 -14.67
C ILE A 308 -54.69 -0.19 -14.94
N THR A 309 -54.65 -0.93 -16.03
CA THR A 309 -53.48 -1.71 -16.41
C THR A 309 -52.81 -1.07 -17.61
N LEU A 310 -51.48 -0.96 -17.54
CA LEU A 310 -50.68 -0.40 -18.61
C LEU A 310 -49.60 -1.40 -19.00
N THR A 311 -49.30 -1.45 -20.30
CA THR A 311 -48.39 -2.46 -20.84
C THR A 311 -47.31 -1.92 -21.76
N GLN A 312 -47.47 -0.73 -22.33
CA GLN A 312 -46.50 -0.20 -23.28
C GLN A 312 -45.49 0.65 -22.51
N SER A 313 -44.20 0.30 -22.65
CA SER A 313 -43.19 0.86 -21.75
C SER A 313 -42.83 2.30 -22.11
N TYR A 314 -42.77 2.61 -23.41
CA TYR A 314 -42.39 3.94 -23.93
C TYR A 314 -40.94 4.30 -23.65
N ARG A 315 -40.24 3.50 -22.82
CA ARG A 315 -38.87 3.86 -22.45
C ARG A 315 -37.98 2.63 -22.32
N CYS A 316 -38.26 1.57 -23.07
CA CYS A 316 -37.44 0.36 -23.01
C CYS A 316 -37.58 -0.40 -24.31
N ALA A 317 -36.45 -0.85 -24.85
CA ALA A 317 -36.47 -1.65 -26.06
C ALA A 317 -37.08 -3.02 -25.78
N PRO A 318 -37.67 -3.65 -26.79
CA PRO A 318 -38.26 -4.99 -26.57
C PRO A 318 -37.26 -6.02 -26.09
N GLU A 319 -36.00 -5.95 -26.51
CA GLU A 319 -35.00 -6.91 -26.04
C GLU A 319 -34.71 -6.73 -24.55
N ILE A 320 -34.62 -5.48 -24.10
CA ILE A 320 -34.41 -5.23 -22.68
C ILE A 320 -35.57 -5.76 -21.85
N ALA A 321 -36.79 -5.52 -22.31
CA ALA A 321 -37.96 -6.05 -21.62
C ALA A 321 -37.96 -7.57 -21.62
N SER A 322 -37.52 -8.18 -22.72
CA SER A 322 -37.45 -9.63 -22.79
C SER A 322 -36.46 -10.18 -21.76
N ALA A 323 -35.30 -9.54 -21.63
CA ALA A 323 -34.34 -9.97 -20.61
C ALA A 323 -34.89 -9.78 -19.21
N ILE A 324 -35.56 -8.65 -18.97
CA ILE A 324 -36.12 -8.37 -17.65
C ILE A 324 -37.16 -9.42 -17.29
N THR A 325 -38.05 -9.75 -18.22
CA THR A 325 -39.08 -10.75 -17.95
C THR A 325 -38.49 -12.15 -17.81
N GLY A 326 -37.43 -12.45 -18.58
CA GLY A 326 -36.76 -13.72 -18.41
C GLY A 326 -36.15 -13.88 -17.03
N LEU A 327 -35.54 -12.81 -16.52
CA LEU A 327 -35.13 -12.82 -15.12
C LEU A 327 -36.32 -12.89 -14.18
N GLY A 328 -37.45 -12.28 -14.54
CA GLY A 328 -38.60 -12.26 -13.66
C GLY A 328 -39.26 -13.61 -13.51
N GLN A 329 -39.11 -14.47 -14.51
CA GLN A 329 -39.71 -15.80 -14.36
C GLN A 329 -38.81 -16.69 -13.52
N ARG A 330 -38.33 -16.13 -12.39
CA ARG A 330 -37.65 -16.88 -11.34
C ARG A 330 -37.94 -16.29 -9.97
N LEU A 331 -38.92 -15.39 -9.88
CA LEU A 331 -39.18 -14.59 -8.70
C LEU A 331 -40.48 -15.03 -8.04
N PRO A 332 -40.53 -15.15 -6.70
CA PRO A 332 -41.76 -15.54 -6.01
C PRO A 332 -42.85 -14.47 -6.09
N ARG A 338 -46.87 -9.05 -14.30
CA ARG A 338 -45.44 -8.93 -14.56
C ARG A 338 -45.14 -8.92 -16.04
N HIS A 339 -46.18 -9.03 -16.86
CA HIS A 339 -46.04 -9.06 -18.31
C HIS A 339 -46.21 -7.64 -18.85
N TRP A 340 -45.18 -7.14 -19.53
CA TRP A 340 -45.21 -5.80 -20.11
C TRP A 340 -44.29 -5.77 -21.31
N THR A 341 -44.66 -4.99 -22.31
CA THR A 341 -43.91 -4.88 -23.55
C THR A 341 -43.23 -3.52 -23.63
N GLY A 342 -42.07 -3.49 -24.29
CA GLY A 342 -41.34 -2.26 -24.51
C GLY A 342 -41.87 -1.50 -25.71
N ASN A 343 -41.11 -0.48 -26.10
CA ASN A 343 -41.47 0.33 -27.25
C ASN A 343 -40.98 -0.35 -28.52
N PRO A 344 -41.87 -0.77 -29.43
CA PRO A 344 -41.40 -1.42 -30.66
C PRO A 344 -40.58 -0.51 -31.56
N GLN A 345 -40.74 0.81 -31.42
CA GLN A 345 -39.98 1.75 -32.24
C GLN A 345 -38.50 1.80 -31.88
N ARG A 346 -38.10 1.17 -30.78
CA ARG A 346 -36.71 1.17 -30.33
C ARG A 346 -36.01 -0.10 -30.76
N GLU A 347 -34.70 0.01 -30.97
CA GLU A 347 -33.84 -1.12 -31.26
C GLU A 347 -32.76 -1.18 -30.19
N GLY A 348 -32.74 -2.26 -29.41
CA GLY A 348 -31.92 -2.36 -28.24
C GLY A 348 -30.90 -3.49 -28.30
N THR A 349 -30.06 -3.55 -27.28
CA THR A 349 -29.02 -4.56 -27.18
C THR A 349 -28.65 -4.77 -25.72
N VAL A 350 -28.76 -6.01 -25.26
CA VAL A 350 -28.34 -6.41 -23.92
C VAL A 350 -27.18 -7.37 -24.07
N THR A 351 -26.03 -7.03 -23.48
CA THR A 351 -24.81 -7.80 -23.65
C THR A 351 -24.15 -8.03 -22.31
N VAL A 352 -23.39 -9.13 -22.25
CA VAL A 352 -22.69 -9.54 -21.04
C VAL A 352 -21.21 -9.65 -21.37
N ARG A 353 -20.36 -9.02 -20.55
CA ARG A 353 -18.93 -9.03 -20.77
C ARG A 353 -18.20 -9.49 -19.52
N LEU A 354 -17.13 -10.25 -19.71
CA LEU A 354 -16.32 -10.79 -18.62
C LEU A 354 -14.86 -10.44 -18.85
N ALA A 355 -14.17 -10.08 -17.78
CA ALA A 355 -12.78 -9.66 -17.82
C ALA A 355 -11.87 -10.79 -17.34
N ALA A 356 -10.57 -10.53 -17.42
CA ALA A 356 -9.56 -11.38 -16.80
C ALA A 356 -8.91 -10.72 -15.60
N SER A 357 -9.23 -9.47 -15.33
CA SER A 357 -8.69 -8.74 -14.19
C SER A 357 -9.58 -7.52 -13.94
N THR A 358 -9.39 -6.90 -12.77
CA THR A 358 -10.12 -5.68 -12.46
C THR A 358 -9.75 -4.57 -13.43
N HIS A 359 -8.46 -4.48 -13.79
CA HIS A 359 -8.02 -3.49 -14.75
C HIS A 359 -8.67 -3.72 -16.11
N ALA A 360 -8.85 -4.99 -16.50
CA ALA A 360 -9.50 -5.29 -17.77
C ALA A 360 -10.93 -4.79 -17.80
N GLU A 361 -11.68 -4.99 -16.71
CA GLU A 361 -13.06 -4.50 -16.65
C GLU A 361 -13.09 -2.98 -16.67
N GLY A 362 -12.27 -2.34 -15.84
CA GLY A 362 -12.23 -0.89 -15.82
C GLY A 362 -11.76 -0.28 -17.11
N THR A 363 -11.03 -1.05 -17.94
CA THR A 363 -10.61 -0.57 -19.24
C THR A 363 -11.67 -0.78 -20.31
N MET A 364 -12.34 -1.93 -20.34
CA MET A 364 -13.33 -2.12 -21.40
C MET A 364 -14.58 -1.30 -21.14
N ILE A 365 -14.87 -0.97 -19.87
CA ILE A 365 -16.00 -0.06 -19.62
C ILE A 365 -15.72 1.29 -20.26
N ALA A 366 -14.53 1.84 -20.04
CA ALA A 366 -14.17 3.11 -20.66
C ALA A 366 -14.07 2.99 -22.16
N ASP A 367 -13.62 1.83 -22.66
CA ASP A 367 -13.57 1.61 -24.11
C ASP A 367 -14.97 1.69 -24.70
N ALA A 368 -15.93 0.99 -24.11
CA ALA A 368 -17.30 0.99 -24.62
C ALA A 368 -17.90 2.38 -24.53
N LEU A 369 -17.68 3.08 -23.42
CA LEU A 369 -18.22 4.42 -23.30
C LEU A 369 -17.64 5.35 -24.36
N ARG A 370 -16.32 5.27 -24.58
CA ARG A 370 -15.67 6.13 -25.57
C ARG A 370 -16.17 5.83 -26.97
N ARG A 371 -16.26 4.55 -27.32
CA ARG A 371 -16.75 4.19 -28.66
C ARG A 371 -18.20 4.61 -28.85
N ALA A 372 -19.03 4.47 -27.81
CA ALA A 372 -20.42 4.89 -27.91
C ALA A 372 -20.52 6.39 -28.11
N HIS A 373 -19.69 7.17 -27.40
CA HIS A 373 -19.75 8.62 -27.55
C HIS A 373 -19.22 9.07 -28.91
N LEU A 374 -18.15 8.44 -29.39
CA LEU A 374 -17.47 8.93 -30.59
C LEU A 374 -18.02 8.30 -31.87
N VAL A 375 -18.07 6.98 -31.93
CA VAL A 375 -18.50 6.30 -33.16
C VAL A 375 -20.02 6.42 -33.32
N ASP A 376 -20.78 5.93 -32.35
CA ASP A 376 -22.23 6.02 -32.43
C ASP A 376 -22.70 7.46 -32.43
N GLY A 377 -22.10 8.31 -31.60
CA GLY A 377 -22.37 9.73 -31.62
C GLY A 377 -23.35 10.23 -30.58
N ILE A 378 -23.78 9.39 -29.65
CA ILE A 378 -24.69 9.86 -28.60
C ILE A 378 -23.95 10.85 -27.71
N PRO A 379 -24.61 11.88 -27.21
CA PRO A 379 -23.93 12.88 -26.38
C PRO A 379 -23.70 12.34 -24.98
N TRP A 380 -22.85 13.06 -24.24
CA TRP A 380 -22.61 12.72 -22.85
C TRP A 380 -23.88 12.92 -22.03
N SER A 381 -23.85 12.44 -20.79
CA SER A 381 -24.97 12.41 -19.84
C SER A 381 -26.05 11.43 -20.24
N GLN A 382 -25.94 10.77 -21.39
CA GLN A 382 -26.85 9.71 -21.78
C GLN A 382 -26.33 8.33 -21.42
N MET A 383 -25.09 8.23 -20.97
CA MET A 383 -24.53 6.99 -20.45
C MET A 383 -24.43 7.07 -18.94
N ALA A 384 -24.49 5.91 -18.29
CA ALA A 384 -24.35 5.86 -16.85
C ALA A 384 -23.83 4.49 -16.44
N VAL A 385 -23.03 4.46 -15.39
CA VAL A 385 -22.51 3.24 -14.81
C VAL A 385 -23.19 3.04 -13.47
N ILE A 386 -23.78 1.87 -13.29
CA ILE A 386 -24.56 1.54 -12.09
C ILE A 386 -23.87 0.40 -11.37
N VAL A 387 -23.55 0.62 -10.11
CA VAL A 387 -22.82 -0.35 -9.30
C VAL A 387 -23.53 -0.48 -7.95
N ARG A 388 -23.35 -1.64 -7.32
CA ARG A 388 -24.06 -1.92 -6.07
C ARG A 388 -23.66 -0.94 -4.97
N SER A 389 -22.38 -0.63 -4.85
CA SER A 389 -21.89 0.27 -3.81
C SER A 389 -20.77 1.12 -4.38
N VAL A 390 -20.93 2.45 -4.30
CA VAL A 390 -19.90 3.35 -4.80
C VAL A 390 -18.57 3.21 -4.06
N PRO A 391 -18.53 3.20 -2.72
CA PRO A 391 -17.23 3.08 -2.04
C PRO A 391 -16.50 1.79 -2.35
N ARG A 392 -17.23 0.69 -2.55
CA ARG A 392 -16.57 -0.61 -2.73
C ARG A 392 -15.90 -0.71 -4.11
N VAL A 393 -16.57 -0.24 -5.15
CA VAL A 393 -16.11 -0.42 -6.53
C VAL A 393 -15.94 0.92 -7.24
N GLY A 394 -16.92 1.82 -7.09
CA GLY A 394 -16.93 3.03 -7.91
C GLY A 394 -15.74 3.94 -7.69
N THR A 395 -15.13 3.88 -6.51
CA THR A 395 -13.99 4.76 -6.22
C THR A 395 -12.83 4.49 -7.17
N ALA A 396 -12.49 3.21 -7.36
CA ALA A 396 -11.43 2.86 -8.29
C ALA A 396 -11.88 2.95 -9.74
N LEU A 397 -13.16 2.63 -10.01
CA LEU A 397 -13.66 2.67 -11.37
C LEU A 397 -13.61 4.09 -11.94
N ALA A 398 -13.99 5.09 -11.14
CA ALA A 398 -13.95 6.46 -11.62
C ALA A 398 -12.52 6.89 -11.95
N ARG A 399 -11.56 6.52 -11.10
CA ARG A 399 -10.17 6.87 -11.36
C ARG A 399 -9.65 6.19 -12.61
N ALA A 400 -9.97 4.90 -12.80
CA ALA A 400 -9.50 4.19 -13.98
C ALA A 400 -10.26 4.61 -15.23
N LEU A 401 -11.41 5.27 -15.08
CA LEU A 401 -12.21 5.68 -16.22
C LEU A 401 -11.89 7.09 -16.69
N THR A 402 -11.58 8.00 -15.76
CA THR A 402 -11.26 9.36 -16.14
C THR A 402 -9.94 9.46 -16.89
N ALA A 403 -9.06 8.46 -16.75
CA ALA A 403 -7.79 8.49 -17.46
C ALA A 403 -7.96 8.27 -18.95
N ALA A 404 -9.09 7.70 -19.38
CA ALA A 404 -9.34 7.41 -20.78
C ALA A 404 -10.02 8.54 -21.52
N GLY A 405 -10.28 9.67 -20.86
CA GLY A 405 -10.87 10.81 -21.50
C GLY A 405 -12.38 10.91 -21.41
N VAL A 406 -13.02 10.04 -20.65
CA VAL A 406 -14.46 10.08 -20.47
C VAL A 406 -14.77 10.98 -19.27
N PRO A 407 -15.48 12.09 -19.46
CA PRO A 407 -15.75 12.98 -18.33
C PRO A 407 -16.62 12.32 -17.27
N VAL A 408 -16.37 12.67 -16.02
CA VAL A 408 -17.18 12.23 -14.89
C VAL A 408 -17.68 13.48 -14.17
N GLN A 409 -19.00 13.55 -13.96
CA GLN A 409 -19.60 14.75 -13.39
C GLN A 409 -19.35 14.88 -11.89
N ASP A 410 -18.96 13.79 -11.22
CA ASP A 410 -18.68 13.81 -9.78
C ASP A 410 -19.85 14.36 -8.98
N ASP A 414 -16.45 16.46 -0.40
CA ASP A 414 -15.61 15.29 -0.18
C ASP A 414 -14.57 15.56 0.91
N VAL A 415 -14.26 16.85 1.11
CA VAL A 415 -13.29 17.27 2.13
C VAL A 415 -13.89 18.39 2.95
N PRO A 416 -13.51 18.54 4.22
CA PRO A 416 -14.07 19.64 5.03
C PRO A 416 -13.57 21.00 4.56
N VAL A 417 -14.25 22.06 5.01
CA VAL A 417 -13.84 23.41 4.63
C VAL A 417 -12.48 23.76 5.20
N GLY A 418 -12.23 23.40 6.46
CA GLY A 418 -10.96 23.73 7.08
C GLY A 418 -9.79 22.99 6.46
N ARG A 419 -9.99 21.72 6.11
CA ARG A 419 -8.91 20.90 5.57
C ARG A 419 -8.46 21.34 4.18
N GLN A 420 -9.25 22.14 3.48
CA GLN A 420 -8.83 22.64 2.18
C GLN A 420 -7.71 23.66 2.35
N PRO A 421 -6.54 23.47 1.74
CA PRO A 421 -5.46 24.45 1.91
C PRO A 421 -5.84 25.83 1.41
N ALA A 422 -6.61 25.91 0.33
CA ALA A 422 -7.00 27.20 -0.23
C ALA A 422 -7.86 27.99 0.75
N ALA A 423 -8.80 27.32 1.42
CA ALA A 423 -9.60 28.00 2.44
C ALA A 423 -8.79 28.23 3.71
N ALA A 424 -7.90 27.30 4.05
CA ALA A 424 -7.07 27.46 5.25
C ALA A 424 -6.07 28.59 5.11
N ALA A 425 -5.78 29.04 3.89
CA ALA A 425 -4.88 30.17 3.71
C ALA A 425 -5.41 31.42 4.42
N LEU A 426 -6.70 31.69 4.29
CA LEU A 426 -7.29 32.84 4.99
C LEU A 426 -7.48 32.54 6.48
N LEU A 427 -7.69 31.28 6.84
CA LEU A 427 -7.84 30.93 8.25
C LEU A 427 -6.56 31.23 9.01
N THR A 428 -5.41 30.94 8.40
CA THR A 428 -4.13 31.26 9.05
C THR A 428 -3.97 32.76 9.24
N VAL A 429 -4.39 33.55 8.25
CA VAL A 429 -4.34 35.01 8.37
C VAL A 429 -5.24 35.47 9.51
N LEU A 430 -6.43 34.87 9.60
CA LEU A 430 -7.36 35.22 10.67
C LEU A 430 -6.77 34.91 12.03
N ASP A 431 -6.12 33.75 12.15
CA ASP A 431 -5.49 33.37 13.41
C ASP A 431 -4.37 34.34 13.77
N VAL A 432 -3.55 34.73 12.80
CA VAL A 432 -2.48 35.69 13.05
C VAL A 432 -3.06 37.02 13.52
N THR A 433 -4.14 37.46 12.88
CA THR A 433 -4.79 38.71 13.29
C THR A 433 -5.33 38.60 14.71
N ALA A 434 -5.94 37.47 15.06
CA ALA A 434 -6.47 37.30 16.41
C ALA A 434 -5.35 37.34 17.44
N THR A 435 -4.26 36.62 17.19
CA THR A 435 -3.13 36.66 18.12
C THR A 435 -2.46 38.03 18.12
N GLY A 436 -2.27 38.62 16.95
CA GLY A 436 -1.63 39.92 16.83
C GLY A 436 -0.13 39.87 16.63
N HIS A 437 0.49 38.69 16.68
CA HIS A 437 1.92 38.55 16.46
C HIS A 437 2.16 37.44 15.45
N LEU A 438 3.10 37.67 14.54
CA LEU A 438 3.42 36.68 13.52
C LEU A 438 4.34 35.60 14.10
N ASP A 439 3.93 34.34 13.94
CA ASP A 439 4.72 33.22 14.43
C ASP A 439 5.83 32.89 13.44
N ALA A 440 6.56 31.82 13.72
CA ALA A 440 7.62 31.37 12.83
C ALA A 440 7.12 30.35 11.81
N ASP A 441 6.39 29.33 12.27
CA ASP A 441 5.83 28.32 11.39
C ASP A 441 4.54 28.78 10.72
N SER A 442 4.01 29.93 11.10
CA SER A 442 2.83 30.50 10.47
C SER A 442 3.16 31.45 9.34
N ALA A 443 4.45 31.64 9.02
CA ALA A 443 4.86 32.43 7.88
C ALA A 443 5.22 31.59 6.67
N VAL A 444 5.81 30.42 6.88
CA VAL A 444 6.10 29.53 5.75
C VAL A 444 4.80 29.05 5.11
N ALA A 445 3.77 28.84 5.93
CA ALA A 445 2.47 28.43 5.38
C ALA A 445 1.88 29.52 4.48
N LEU A 446 2.01 30.78 4.87
CA LEU A 446 1.55 31.87 4.01
C LEU A 446 2.41 32.00 2.76
N LEU A 447 3.72 31.81 2.89
CA LEU A 447 4.61 31.89 1.74
C LEU A 447 4.44 30.71 0.79
N THR A 448 3.82 29.62 1.24
CA THR A 448 3.64 28.44 0.40
C THR A 448 2.22 28.28 -0.11
N GLY A 449 1.21 28.67 0.67
CA GLY A 449 -0.16 28.55 0.26
C GLY A 449 -0.50 29.48 -0.90
N PRO A 450 -1.76 29.45 -1.32
CA PRO A 450 -2.15 30.18 -2.54
C PRO A 450 -1.98 31.68 -2.46
N ILE A 451 -1.92 32.28 -1.26
CA ILE A 451 -1.84 33.73 -1.17
C ILE A 451 -0.55 34.24 -1.82
N GLY A 452 0.58 33.64 -1.47
CA GLY A 452 1.82 33.87 -2.18
C GLY A 452 2.45 32.55 -2.51
N ARG A 453 2.59 32.23 -3.79
CA ARG A 453 3.02 30.90 -4.20
C ARG A 453 4.48 30.94 -4.64
N VAL A 454 5.32 30.12 -3.99
CA VAL A 454 6.70 29.95 -4.39
C VAL A 454 7.03 28.46 -4.40
N ASP A 455 7.61 28.00 -5.51
CA ASP A 455 8.11 26.64 -5.57
C ASP A 455 9.38 26.50 -4.73
N PRO A 456 9.73 25.28 -4.32
CA PRO A 456 10.86 25.14 -3.39
C PRO A 456 12.16 25.77 -3.85
N VAL A 457 12.44 25.76 -5.15
CA VAL A 457 13.65 26.41 -5.63
C VAL A 457 13.59 27.91 -5.40
N THR A 458 12.41 28.52 -5.61
CA THR A 458 12.27 29.93 -5.27
C THR A 458 12.38 30.15 -3.77
N LEU A 459 12.01 29.16 -2.96
CA LEU A 459 12.26 29.28 -1.52
C LEU A 459 13.75 29.32 -1.22
N ARG A 460 14.54 28.47 -1.89
CA ARG A 460 15.97 28.50 -1.68
C ARG A 460 16.56 29.83 -2.13
N GLN A 461 16.08 30.35 -3.27
CA GLN A 461 16.58 31.63 -3.76
C GLN A 461 16.23 32.77 -2.81
N LEU A 462 14.99 32.78 -2.30
CA LEU A 462 14.60 33.80 -1.34
C LEU A 462 15.41 33.71 -0.06
N ARG A 463 15.65 32.49 0.43
CA ARG A 463 16.44 32.32 1.64
C ARG A 463 17.86 32.82 1.44
N ARG A 464 18.48 32.50 0.30
CA ARG A 464 19.83 32.98 0.03
C ARG A 464 19.86 34.49 -0.10
N ALA A 465 18.85 35.08 -0.73
CA ALA A 465 18.83 36.53 -0.90
C ALA A 465 18.53 37.26 0.39
N LEU A 466 17.84 36.62 1.34
CA LEU A 466 17.58 37.26 2.62
C LEU A 466 18.77 37.12 3.56
N ARG A 467 19.43 35.96 3.56
CA ARG A 467 20.58 35.78 4.44
C ARG A 467 21.79 36.61 4.00
N ARG A 468 21.79 37.11 2.76
CA ARG A 468 22.85 37.99 2.32
C ARG A 468 22.72 39.39 2.89
N ALA A 469 21.62 39.71 3.57
CA ALA A 469 21.45 41.00 4.22
C ALA A 469 22.01 41.02 5.64
N ASP A 470 21.65 40.01 6.44
CA ASP A 470 22.13 39.89 7.82
C ASP A 470 23.28 38.90 7.82
N GLY A 471 24.49 39.40 7.57
CA GLY A 471 25.66 38.56 7.40
C GLY A 471 26.28 38.05 8.69
N SER A 472 25.49 37.37 9.51
CA SER A 472 26.02 36.77 10.73
C SER A 472 26.83 35.52 10.39
N GLN A 473 27.91 35.30 11.15
CA GLN A 473 28.73 34.10 10.93
C GLN A 473 27.93 32.82 11.18
N PRO A 474 27.19 32.66 12.27
CA PRO A 474 26.19 31.60 12.32
C PRO A 474 24.88 32.07 11.69
N PRO A 475 24.48 31.48 10.57
CA PRO A 475 23.28 31.95 9.88
C PRO A 475 22.03 31.79 10.75
N ARG A 476 21.14 32.77 10.67
CA ARG A 476 19.92 32.74 11.46
C ARG A 476 18.86 31.88 10.77
N ASP A 477 17.93 31.37 11.58
CA ASP A 477 16.89 30.51 11.06
C ASP A 477 16.00 31.26 10.09
N PHE A 478 15.61 30.58 9.01
CA PHE A 478 14.87 31.24 7.93
C PHE A 478 13.55 31.82 8.42
N GLY A 479 12.88 31.11 9.35
CA GLY A 479 11.66 31.64 9.91
C GLY A 479 11.86 32.95 10.64
N ASP A 480 12.98 33.09 11.34
CA ASP A 480 13.27 34.33 12.06
C ASP A 480 13.46 35.49 11.10
N LEU A 481 14.15 35.27 9.98
CA LEU A 481 14.33 36.35 9.02
C LEU A 481 13.05 36.65 8.24
N LEU A 482 12.18 35.65 8.08
CA LEU A 482 10.98 35.84 7.27
C LEU A 482 10.07 36.91 7.88
N VAL A 483 9.86 36.85 9.20
CA VAL A 483 8.99 37.83 9.85
C VAL A 483 9.59 39.22 9.77
N ASP A 484 10.90 39.33 9.98
CA ASP A 484 11.55 40.63 9.88
C ASP A 484 11.45 41.19 8.47
N ALA A 485 11.62 40.33 7.45
CA ALA A 485 11.50 40.78 6.07
C ALA A 485 10.09 41.24 5.75
N ILE A 486 9.08 40.50 6.24
CA ILE A 486 7.70 40.91 6.02
C ILE A 486 7.43 42.25 6.69
N GLU A 487 7.90 42.43 7.92
CA GLU A 487 7.64 43.67 8.65
C GLU A 487 8.46 44.82 8.08
N ARG A 488 9.79 44.69 8.08
CA ARG A 488 10.68 45.72 7.58
C ARG A 488 11.31 45.26 6.27
N GLU A 489 11.33 46.15 5.28
CA GLU A 489 11.82 45.80 3.96
C GLU A 489 13.35 45.74 3.97
N PRO A 490 13.96 44.62 3.64
CA PRO A 490 15.43 44.54 3.59
C PRO A 490 15.96 45.21 2.33
N LYS A 491 16.76 46.26 2.52
CA LYS A 491 17.31 47.01 1.40
C LYS A 491 18.55 46.36 0.81
N GLY A 492 19.04 45.26 1.39
CA GLY A 492 20.26 44.65 0.90
C GLY A 492 20.11 44.13 -0.52
N LEU A 493 19.02 43.42 -0.80
CA LEU A 493 18.79 42.84 -2.12
C LEU A 493 17.33 42.42 -2.23
N SER A 494 16.68 42.86 -3.31
CA SER A 494 15.33 42.42 -3.64
C SER A 494 15.07 42.76 -5.10
N ALA A 495 14.88 41.74 -5.94
CA ALA A 495 14.65 41.94 -7.36
C ALA A 495 13.26 41.50 -7.79
N GLU A 496 12.89 40.25 -7.53
CA GLU A 496 11.57 39.73 -7.87
C GLU A 496 10.80 39.22 -6.66
N HIS A 497 11.46 39.05 -5.51
CA HIS A 497 10.78 38.63 -4.30
C HIS A 497 10.11 39.79 -3.57
N ALA A 498 10.31 41.02 -4.04
CA ALA A 498 9.68 42.17 -3.41
C ALA A 498 8.17 42.15 -3.60
N ARG A 499 7.69 41.65 -4.74
CA ARG A 499 6.26 41.63 -5.00
C ARG A 499 5.53 40.72 -4.01
N THR A 500 6.07 39.53 -3.76
CA THR A 500 5.42 38.60 -2.84
C THR A 500 5.35 39.18 -1.43
N LEU A 501 6.46 39.75 -0.95
CA LEU A 501 6.48 40.34 0.38
C LEU A 501 5.55 41.54 0.45
N ARG A 502 5.47 42.34 -0.62
CA ARG A 502 4.55 43.47 -0.63
C ARG A 502 3.10 43.01 -0.56
N ARG A 503 2.77 41.93 -1.29
CA ARG A 503 1.42 41.40 -1.24
C ARG A 503 1.07 40.89 0.16
N LEU A 504 2.00 40.16 0.77
CA LEU A 504 1.77 39.68 2.14
C LEU A 504 1.65 40.84 3.11
N ARG A 505 2.46 41.88 2.91
CA ARG A 505 2.35 43.10 3.71
C ARG A 505 0.96 43.70 3.60
N ALA A 506 0.45 43.82 2.38
CA ALA A 506 -0.87 44.41 2.18
C ALA A 506 -1.94 43.59 2.89
N VAL A 507 -1.90 42.27 2.71
CA VAL A 507 -2.91 41.42 3.33
C VAL A 507 -2.86 41.54 4.85
N LEU A 508 -1.66 41.42 5.43
CA LEU A 508 -1.54 41.44 6.88
C LEU A 508 -1.88 42.80 7.46
N THR A 509 -1.40 43.88 6.84
CA THR A 509 -1.67 45.22 7.33
C THR A 509 -3.11 45.66 7.11
N ALA A 510 -3.85 44.98 6.23
CA ALA A 510 -5.28 45.24 6.17
C ALA A 510 -6.03 44.44 7.24
N ALA A 511 -5.70 43.15 7.37
CA ALA A 511 -6.42 42.30 8.32
C ALA A 511 -6.20 42.76 9.76
N ARG A 512 -4.95 43.11 10.12
CA ARG A 512 -4.65 43.42 11.51
C ARG A 512 -5.21 44.76 11.95
N ARG A 513 -5.56 45.65 11.01
CA ARG A 513 -6.18 46.91 11.38
C ARG A 513 -7.70 46.89 11.26
N SER A 514 -8.24 46.09 10.34
CA SER A 514 -9.70 46.05 10.20
C SER A 514 -10.35 45.35 11.38
N ASP A 515 -9.63 44.49 12.09
CA ASP A 515 -10.20 43.80 13.24
C ASP A 515 -10.25 44.68 14.49
N ALA A 516 -9.60 45.85 14.48
CA ALA A 516 -9.67 46.75 15.62
C ALA A 516 -10.83 47.73 15.48
N SER A 517 -12.03 47.19 15.20
CA SER A 517 -13.24 47.98 14.99
C SER A 517 -14.41 47.07 14.63
N GLY A 518 -14.47 46.65 13.37
CA GLY A 518 -15.61 45.89 12.89
C GLY A 518 -15.60 44.44 13.35
N ALA A 519 -16.70 43.76 13.03
CA ALA A 519 -16.88 42.36 13.41
C ALA A 519 -16.03 41.47 12.51
N ASP A 520 -15.89 40.21 12.93
CA ASP A 520 -15.05 39.27 12.19
C ASP A 520 -15.54 38.99 10.77
N PRO A 521 -16.78 38.60 10.53
CA PRO A 521 -17.13 38.19 9.15
C PRO A 521 -17.17 39.33 8.17
N ARG A 522 -17.43 40.55 8.62
CA ARG A 522 -17.57 41.68 7.71
C ARG A 522 -16.28 42.48 7.53
N TYR A 523 -15.30 42.29 8.41
CA TYR A 523 -14.08 43.09 8.37
C TYR A 523 -12.80 42.28 8.30
N THR A 524 -12.83 40.97 8.60
CA THR A 524 -11.62 40.16 8.57
C THR A 524 -11.49 39.37 7.28
N LEU A 525 -12.48 38.53 6.96
CA LEU A 525 -12.35 37.67 5.79
C LEU A 525 -12.48 38.46 4.50
N TRP A 526 -13.50 39.32 4.41
CA TRP A 526 -13.73 40.02 3.15
C TRP A 526 -12.65 41.07 2.88
N GLN A 527 -12.20 41.77 3.93
CA GLN A 527 -11.12 42.73 3.75
C GLN A 527 -9.83 42.03 3.33
N ALA A 528 -9.56 40.86 3.90
CA ALA A 528 -8.38 40.09 3.48
C ALA A 528 -8.51 39.64 2.04
N TRP A 529 -9.70 39.17 1.64
CA TRP A 529 -9.90 38.74 0.26
C TRP A 529 -9.70 39.89 -0.72
N HIS A 530 -10.25 41.06 -0.39
CA HIS A 530 -10.08 42.22 -1.26
C HIS A 530 -8.63 42.67 -1.31
N ALA A 531 -7.95 42.67 -0.17
CA ALA A 531 -6.55 43.07 -0.14
C ALA A 531 -5.68 42.12 -0.94
N SER A 532 -5.92 40.82 -0.81
CA SER A 532 -5.20 39.85 -1.61
C SER A 532 -5.63 39.95 -3.07
N GLY A 533 -4.66 39.76 -3.96
CA GLY A 533 -4.96 39.79 -5.37
C GLY A 533 -5.56 38.51 -5.91
N LEU A 534 -5.98 37.60 -5.02
CA LEU A 534 -6.46 36.29 -5.43
C LEU A 534 -7.92 36.33 -5.85
N GLN A 535 -8.27 37.30 -6.69
CA GLN A 535 -9.59 37.32 -7.33
C GLN A 535 -9.55 37.67 -8.81
N ARG A 536 -8.59 38.48 -9.26
CA ARG A 536 -8.45 38.84 -10.66
C ARG A 536 -7.61 37.85 -11.44
N ARG A 537 -7.00 36.88 -10.77
CA ARG A 537 -6.16 35.89 -11.44
C ARG A 537 -6.99 34.70 -11.91
N TRP A 538 -7.68 34.03 -10.98
CA TRP A 538 -8.52 32.90 -11.35
C TRP A 538 -9.65 33.30 -12.26
N LEU A 539 -10.12 34.55 -12.15
CA LEU A 539 -11.23 35.00 -13.00
C LEU A 539 -10.83 34.95 -14.47
N ALA A 540 -9.62 35.40 -14.79
CA ALA A 540 -9.11 35.31 -16.16
C ALA A 540 -8.33 34.02 -16.40
N ALA A 541 -8.22 33.15 -15.39
CA ALA A 541 -7.51 31.89 -15.54
C ALA A 541 -8.40 30.67 -15.58
N SER A 542 -9.62 30.75 -15.03
CA SER A 542 -10.55 29.64 -15.14
C SER A 542 -11.06 29.44 -16.56
N GLU A 543 -11.00 30.49 -17.39
CA GLU A 543 -11.46 30.36 -18.77
C GLU A 543 -10.60 29.40 -19.56
N ARG A 544 -9.28 29.45 -19.37
CA ARG A 544 -8.35 28.67 -20.16
C ARG A 544 -7.68 27.62 -19.29
N GLY A 545 -7.49 26.43 -19.86
CA GLY A 545 -6.81 25.36 -19.16
C GLY A 545 -7.75 24.45 -18.39
N GLY A 546 -7.74 23.16 -18.70
CA GLY A 546 -8.53 22.20 -17.98
C GLY A 546 -7.91 21.70 -16.70
N SER A 547 -6.62 21.97 -16.49
CA SER A 547 -5.93 21.54 -15.27
C SER A 547 -5.87 22.65 -14.22
N VAL A 548 -5.32 23.81 -14.57
CA VAL A 548 -5.30 24.93 -13.64
C VAL A 548 -6.72 25.43 -13.40
N GLY A 549 -7.57 25.38 -14.42
CA GLY A 549 -8.94 25.82 -14.25
C GLY A 549 -9.71 24.97 -13.26
N ALA A 550 -9.44 23.67 -13.23
CA ALA A 550 -10.11 22.79 -12.27
C ALA A 550 -9.78 23.17 -10.85
N GLN A 551 -8.49 23.39 -10.56
CA GLN A 551 -8.11 23.83 -9.22
C GLN A 551 -8.67 25.19 -8.90
N ALA A 552 -8.69 26.10 -9.88
CA ALA A 552 -9.28 27.41 -9.64
C ALA A 552 -10.75 27.30 -9.27
N ASP A 553 -11.50 26.46 -9.99
CA ASP A 553 -12.92 26.30 -9.70
C ASP A 553 -13.14 25.68 -8.33
N ARG A 554 -12.41 24.62 -8.01
CA ARG A 554 -12.58 23.97 -6.72
C ARG A 554 -12.21 24.91 -5.58
N ASP A 555 -11.11 25.65 -5.74
CA ASP A 555 -10.68 26.60 -4.73
C ASP A 555 -11.70 27.72 -4.54
N LEU A 556 -12.27 28.24 -5.64
CA LEU A 556 -13.27 29.29 -5.51
C LEU A 556 -14.53 28.76 -4.82
N ASP A 557 -14.93 27.52 -5.14
CA ASP A 557 -16.07 26.93 -4.45
C ASP A 557 -15.81 26.79 -2.96
N ALA A 558 -14.60 26.35 -2.60
CA ALA A 558 -14.26 26.22 -1.19
C ALA A 558 -14.26 27.58 -0.49
N VAL A 559 -13.77 28.62 -1.17
CA VAL A 559 -13.74 29.96 -0.59
C VAL A 559 -15.16 30.47 -0.39
N THR A 560 -16.04 30.24 -1.36
CA THR A 560 -17.44 30.64 -1.21
C THR A 560 -18.10 29.90 -0.06
N THR A 561 -17.82 28.61 0.09
CA THR A 561 -18.38 27.85 1.21
C THR A 561 -17.87 28.38 2.53
N LEU A 562 -16.58 28.73 2.61
CA LEU A 562 -16.04 29.30 3.85
C LEU A 562 -16.69 30.64 4.17
N PHE A 563 -16.91 31.47 3.14
CA PHE A 563 -17.59 32.75 3.36
C PHE A 563 -19.02 32.54 3.86
N ASP A 564 -19.73 31.58 3.28
CA ASP A 564 -21.09 31.29 3.72
C ASP A 564 -21.10 30.79 5.16
N VAL A 565 -20.14 29.94 5.52
CA VAL A 565 -20.08 29.44 6.88
C VAL A 565 -19.77 30.57 7.85
N ALA A 566 -18.88 31.49 7.46
CA ALA A 566 -18.59 32.65 8.29
C ALA A 566 -19.82 33.53 8.48
N ASP A 567 -20.58 33.73 7.41
CA ASP A 567 -21.81 34.50 7.51
C ASP A 567 -22.81 33.82 8.45
N GLN A 568 -22.92 32.49 8.35
CA GLN A 568 -23.79 31.74 9.26
C GLN A 568 -23.25 31.68 10.67
N TYR A 569 -22.00 32.09 10.90
CA TYR A 569 -21.41 32.10 12.23
C TYR A 569 -21.59 33.42 12.95
N VAL A 570 -22.32 34.36 12.37
CA VAL A 570 -22.59 35.64 13.01
C VAL A 570 -24.08 35.97 12.95
N LEU A 578 -12.89 37.57 16.52
CA LEU A 578 -12.30 36.86 15.39
C LEU A 578 -11.79 35.49 15.81
N ARG A 579 -11.42 35.36 17.09
CA ARG A 579 -10.92 34.09 17.60
C ARG A 579 -11.98 33.01 17.51
N GLY A 580 -13.23 33.35 17.83
CA GLY A 580 -14.30 32.37 17.72
C GLY A 580 -14.55 31.91 16.30
N LEU A 581 -14.40 32.82 15.34
CA LEU A 581 -14.59 32.46 13.94
C LEU A 581 -13.57 31.42 13.49
N VAL A 582 -12.31 31.60 13.88
CA VAL A 582 -11.28 30.62 13.55
C VAL A 582 -11.51 29.32 14.32
N ASP A 583 -11.95 29.43 15.57
CA ASP A 583 -12.17 28.23 16.38
C ASP A 583 -13.29 27.37 15.81
N HIS A 584 -14.35 28.01 15.31
CA HIS A 584 -15.49 27.24 14.79
C HIS A 584 -15.09 26.39 13.59
N VAL A 585 -14.27 26.95 12.69
CA VAL A 585 -13.82 26.22 11.52
C VAL A 585 -12.43 25.65 11.76
N ALA A 603 -21.76 14.38 -18.98
CA ALA A 603 -20.74 13.55 -18.35
C ALA A 603 -21.32 12.24 -17.86
N VAL A 604 -20.47 11.20 -17.83
CA VAL A 604 -20.88 9.89 -17.32
C VAL A 604 -20.80 9.92 -15.80
N ALA A 605 -21.90 9.58 -15.15
CA ALA A 605 -22.01 9.67 -13.69
C ALA A 605 -22.18 8.27 -13.12
N VAL A 606 -21.12 7.76 -12.49
CA VAL A 606 -21.18 6.46 -11.83
C VAL A 606 -21.85 6.64 -10.46
N LEU A 607 -22.85 5.81 -10.18
CA LEU A 607 -23.66 6.00 -8.99
C LEU A 607 -24.26 4.65 -8.57
N SER A 608 -24.77 4.62 -7.34
CA SER A 608 -25.32 3.40 -6.78
C SER A 608 -26.64 3.04 -7.44
N VAL A 609 -27.09 1.82 -7.17
CA VAL A 609 -28.36 1.34 -7.73
C VAL A 609 -29.51 2.20 -7.23
N HIS A 610 -29.48 2.58 -5.95
CA HIS A 610 -30.58 3.34 -5.36
C HIS A 610 -30.68 4.73 -5.97
N GLY A 611 -29.54 5.33 -6.31
CA GLY A 611 -29.56 6.58 -7.04
C GLY A 611 -29.86 6.43 -8.51
N ALA A 612 -29.95 5.19 -8.99
CA ALA A 612 -30.27 4.90 -10.39
C ALA A 612 -31.76 4.62 -10.55
N LEU A 613 -32.56 5.65 -10.28
CA LEU A 613 -34.01 5.53 -10.40
C LEU A 613 -34.68 6.75 -11.01
N ALA A 614 -33.92 7.73 -11.48
CA ALA A 614 -34.49 8.92 -12.10
C ALA A 614 -33.67 9.35 -13.31
N GLY A 615 -33.33 8.40 -14.18
CA GLY A 615 -32.49 8.68 -15.31
C GLY A 615 -33.02 8.08 -16.59
N GLU A 616 -32.72 8.77 -17.70
CA GLU A 616 -33.05 8.25 -19.02
C GLU A 616 -32.00 7.25 -19.48
N TRP A 617 -30.76 7.70 -19.64
CA TRP A 617 -29.58 6.83 -19.72
C TRP A 617 -29.69 5.84 -20.89
N ASP A 618 -29.58 6.39 -22.09
CA ASP A 618 -29.49 5.61 -23.32
C ASP A 618 -28.65 4.33 -23.14
N PHE A 619 -27.50 4.46 -22.50
CA PHE A 619 -26.57 3.36 -22.29
C PHE A 619 -26.32 3.20 -20.80
N VAL A 620 -26.52 1.99 -20.29
CA VAL A 620 -26.28 1.68 -18.88
C VAL A 620 -25.28 0.54 -18.79
N VAL A 621 -24.23 0.74 -18.01
CA VAL A 621 -23.22 -0.27 -17.77
C VAL A 621 -23.34 -0.70 -16.31
N ILE A 622 -23.81 -1.92 -16.10
CA ILE A 622 -23.97 -2.46 -14.76
C ILE A 622 -22.67 -3.13 -14.36
N ALA A 623 -21.92 -2.48 -13.48
CA ALA A 623 -20.57 -2.91 -13.14
C ALA A 623 -20.56 -3.60 -11.79
N GLY A 624 -19.65 -4.55 -11.63
CA GLY A 624 -19.50 -5.23 -10.36
C GLY A 624 -20.67 -6.11 -10.00
N VAL A 625 -20.85 -7.20 -10.74
CA VAL A 625 -21.96 -8.12 -10.52
C VAL A 625 -21.37 -9.45 -10.06
N GLN A 626 -20.27 -9.37 -9.31
CA GLN A 626 -19.55 -10.58 -8.92
C GLN A 626 -20.37 -11.41 -7.93
N GLU A 627 -19.99 -12.69 -7.84
CA GLU A 627 -20.67 -13.63 -6.94
C GLU A 627 -20.44 -13.29 -5.48
N GLY A 628 -19.41 -12.52 -5.16
CA GLY A 628 -19.12 -12.23 -3.76
C GLY A 628 -19.83 -11.01 -3.21
N LEU A 629 -20.34 -10.13 -4.06
CA LEU A 629 -20.90 -8.88 -3.55
C LEU A 629 -22.35 -8.64 -3.94
N TRP A 630 -22.75 -8.87 -5.20
CA TRP A 630 -24.11 -8.50 -5.59
C TRP A 630 -25.16 -9.35 -4.89
N PRO A 631 -25.12 -10.70 -4.93
CA PRO A 631 -25.92 -11.44 -3.96
C PRO A 631 -25.20 -11.40 -2.62
N ASN A 632 -25.67 -10.55 -1.72
CA ASN A 632 -24.89 -10.16 -0.54
C ASN A 632 -24.91 -11.31 0.45
N MET A 633 -23.88 -12.14 0.38
CA MET A 633 -23.68 -13.18 1.39
C MET A 633 -23.14 -12.63 2.70
N ILE A 634 -22.78 -11.35 2.74
CA ILE A 634 -22.34 -10.70 3.97
C ILE A 634 -23.52 -10.72 4.95
N PRO A 635 -23.34 -11.27 6.14
CA PRO A 635 -24.45 -11.32 7.10
C PRO A 635 -24.85 -9.94 7.57
N ARG A 636 -26.14 -9.79 7.87
CA ARG A 636 -26.70 -8.53 8.34
C ARG A 636 -27.15 -8.61 9.80
N GLY A 637 -26.51 -9.46 10.59
CA GLY A 637 -26.79 -9.56 12.00
C GLY A 637 -26.09 -8.47 12.79
N GLY A 638 -26.15 -8.60 14.11
CA GLY A 638 -25.54 -7.62 14.97
C GLY A 638 -25.63 -8.02 16.42
N VAL A 639 -25.47 -7.04 17.30
CA VAL A 639 -25.58 -7.27 18.74
C VAL A 639 -27.00 -7.05 19.23
N LEU A 640 -27.70 -6.05 18.70
CA LEU A 640 -29.06 -5.76 19.13
C LEU A 640 -30.11 -6.62 18.44
N GLY A 641 -29.72 -7.37 17.40
CA GLY A 641 -30.68 -8.15 16.65
C GLY A 641 -31.72 -7.29 15.94
N THR A 642 -31.25 -6.25 15.26
CA THR A 642 -32.17 -5.34 14.58
C THR A 642 -32.96 -6.05 13.49
N GLN A 643 -32.29 -6.88 12.68
CA GLN A 643 -33.00 -7.52 11.57
C GLN A 643 -34.03 -8.52 12.06
N HIS A 644 -33.78 -9.19 13.18
CA HIS A 644 -34.80 -10.07 13.75
C HIS A 644 -36.05 -9.28 14.13
N LEU A 645 -35.85 -8.10 14.72
CA LEU A 645 -36.98 -7.23 15.04
C LEU A 645 -37.71 -6.78 13.79
N VAL A 646 -36.95 -6.44 12.74
CA VAL A 646 -37.58 -5.97 11.51
C VAL A 646 -38.41 -7.07 10.88
N ASP A 647 -37.88 -8.29 10.83
CA ASP A 647 -38.60 -9.38 10.19
C ASP A 647 -39.78 -9.86 11.03
N VAL A 648 -39.61 -9.96 12.35
CA VAL A 648 -40.71 -10.37 13.21
C VAL A 648 -41.77 -9.28 13.29
N LEU A 649 -41.35 -8.04 13.47
CA LEU A 649 -42.27 -6.92 13.64
C LEU A 649 -42.33 -6.05 12.39
N LEU A 666 -31.04 -11.73 0.74
CA LEU A 666 -31.96 -12.60 0.02
C LEU A 666 -31.77 -12.47 -1.48
N VAL A 667 -31.64 -13.62 -2.15
CA VAL A 667 -31.36 -13.62 -3.59
C VAL A 667 -32.53 -13.01 -4.36
N ALA A 668 -33.76 -13.40 -4.01
CA ALA A 668 -34.93 -12.82 -4.66
C ALA A 668 -35.05 -11.33 -4.38
N GLU A 669 -34.52 -10.87 -3.24
CA GLU A 669 -34.53 -9.44 -2.95
C GLU A 669 -33.57 -8.69 -3.87
N GLU A 670 -32.39 -9.25 -4.12
CA GLU A 670 -31.41 -8.57 -4.97
C GLU A 670 -31.78 -8.68 -6.44
N ARG A 671 -32.56 -9.69 -6.82
CA ARG A 671 -33.01 -9.79 -8.21
C ARG A 671 -33.89 -8.60 -8.59
N ARG A 672 -34.73 -8.14 -7.66
CA ARG A 672 -35.54 -6.96 -7.92
C ARG A 672 -34.67 -5.73 -8.13
N LEU A 673 -33.59 -5.61 -7.36
CA LEU A 673 -32.67 -4.49 -7.56
C LEU A 673 -32.00 -4.56 -8.92
N LEU A 674 -31.56 -5.75 -9.32
CA LEU A 674 -30.97 -5.90 -10.65
C LEU A 674 -31.98 -5.56 -11.73
N MET A 675 -33.23 -5.96 -11.54
CA MET A 675 -34.29 -5.66 -12.49
C MET A 675 -34.51 -4.15 -12.61
N ALA A 676 -34.55 -3.46 -11.48
CA ALA A 676 -34.73 -2.02 -11.48
C ALA A 676 -33.56 -1.32 -12.15
N ALA A 677 -32.34 -1.78 -11.89
CA ALA A 677 -31.17 -1.17 -12.54
C ALA A 677 -31.20 -1.39 -14.04
N MET A 678 -31.55 -2.61 -14.48
CA MET A 678 -31.62 -2.88 -15.92
C MET A 678 -32.72 -2.07 -16.60
N GLY A 679 -33.84 -1.82 -15.90
CA GLY A 679 -34.97 -1.17 -16.52
C GLY A 679 -34.81 0.31 -16.75
N ARG A 680 -33.73 0.92 -16.27
CA ARG A 680 -33.53 2.35 -16.49
C ARG A 680 -32.97 2.65 -17.88
N ALA A 681 -32.42 1.66 -18.56
CA ALA A 681 -31.81 1.86 -19.87
C ALA A 681 -32.80 1.53 -20.97
N ARG A 682 -32.82 2.36 -22.01
CA ARG A 682 -33.73 2.16 -23.11
C ARG A 682 -33.08 1.58 -24.36
N THR A 683 -31.79 1.85 -24.59
CA THR A 683 -31.12 1.41 -25.80
C THR A 683 -30.14 0.27 -25.55
N ARG A 684 -29.17 0.44 -24.65
CA ARG A 684 -28.13 -0.56 -24.51
C ARG A 684 -27.83 -0.83 -23.04
N VAL A 685 -27.72 -2.11 -22.70
CA VAL A 685 -27.34 -2.56 -21.37
C VAL A 685 -26.09 -3.42 -21.50
N MET A 686 -25.07 -3.10 -20.70
CA MET A 686 -23.79 -3.80 -20.73
C MET A 686 -23.49 -4.27 -19.32
N ILE A 687 -23.63 -5.57 -19.07
CA ILE A 687 -23.43 -6.13 -17.74
C ILE A 687 -22.01 -6.67 -17.68
N THR A 688 -21.18 -6.05 -16.85
CA THR A 688 -19.74 -6.31 -16.81
C THR A 688 -19.39 -7.04 -15.53
N ALA A 689 -18.57 -8.09 -15.66
CA ALA A 689 -18.06 -8.82 -14.51
C ALA A 689 -16.64 -9.27 -14.81
N VAL A 690 -15.99 -9.88 -13.81
CA VAL A 690 -14.65 -10.40 -13.99
C VAL A 690 -14.67 -11.91 -13.75
N ASP A 691 -13.64 -12.58 -14.25
CA ASP A 691 -13.52 -14.02 -14.09
C ASP A 691 -12.12 -14.41 -13.65
N LEU A 699 -13.78 -12.45 -6.79
CA LEU A 699 -13.73 -12.05 -8.19
C LEU A 699 -14.16 -13.18 -9.11
N LEU A 700 -15.48 -13.38 -9.23
CA LEU A 700 -16.03 -14.52 -9.93
C LEU A 700 -17.42 -14.14 -10.42
N PRO A 701 -17.79 -14.52 -11.65
CA PRO A 701 -19.12 -14.14 -12.17
C PRO A 701 -20.25 -14.81 -11.40
N SER A 702 -21.22 -14.00 -10.99
CA SER A 702 -22.37 -14.50 -10.25
C SER A 702 -23.28 -15.32 -11.16
N PRO A 703 -24.14 -16.16 -10.58
CA PRO A 703 -25.14 -16.86 -11.39
C PRO A 703 -26.11 -15.93 -12.11
N PHE A 704 -26.24 -14.68 -11.65
CA PHE A 704 -27.05 -13.72 -12.39
C PHE A 704 -26.50 -13.52 -13.80
N CYS A 705 -25.18 -13.54 -13.96
CA CYS A 705 -24.59 -13.41 -15.30
C CYS A 705 -25.00 -14.57 -16.20
N ALA A 706 -24.96 -15.79 -15.68
CA ALA A 706 -25.40 -16.95 -16.46
C ALA A 706 -26.87 -16.86 -16.80
N GLU A 707 -27.68 -16.40 -15.85
CA GLU A 707 -29.12 -16.23 -16.11
C GLU A 707 -29.36 -15.20 -17.22
N ILE A 708 -28.62 -14.10 -17.19
CA ILE A 708 -28.81 -13.05 -18.19
C ILE A 708 -28.33 -13.53 -19.56
N SER A 709 -27.26 -14.33 -19.59
CA SER A 709 -26.72 -14.79 -20.87
C SER A 709 -27.71 -15.63 -21.67
N ALA A 710 -28.74 -16.16 -21.03
CA ALA A 710 -29.76 -16.92 -21.75
C ALA A 710 -30.57 -16.03 -22.69
N TRP A 711 -30.74 -14.75 -22.35
CA TRP A 711 -31.53 -13.82 -23.13
C TRP A 711 -30.68 -12.73 -23.77
N ALA A 712 -29.37 -12.94 -23.87
CA ALA A 712 -28.49 -11.95 -24.50
C ALA A 712 -28.74 -11.90 -25.99
N THR A 713 -28.42 -10.75 -26.58
CA THR A 713 -28.58 -10.55 -28.02
C THR A 713 -27.30 -10.88 -28.78
N GLU A 718 -16.95 -16.63 -25.95
CA GLU A 718 -15.74 -15.83 -26.13
C GLU A 718 -14.90 -15.80 -24.86
N PRO A 719 -13.59 -15.99 -24.99
CA PRO A 719 -12.73 -15.94 -23.82
C PRO A 719 -12.69 -14.54 -23.23
N PRO A 720 -12.49 -14.40 -21.93
CA PRO A 720 -12.45 -13.06 -21.33
C PRO A 720 -11.30 -12.24 -21.90
N LEU A 721 -11.54 -10.95 -22.05
CA LEU A 721 -10.49 -10.06 -22.53
C LEU A 721 -9.37 -9.96 -21.52
N VAL A 722 -8.13 -9.93 -22.02
CA VAL A 722 -6.97 -9.79 -21.15
C VAL A 722 -6.20 -8.55 -21.53
N ALA A 723 -6.31 -8.14 -22.80
CA ALA A 723 -5.67 -6.91 -23.30
C ALA A 723 -6.72 -6.12 -24.07
N PRO A 724 -7.61 -5.44 -23.35
CA PRO A 724 -8.72 -4.76 -24.03
C PRO A 724 -8.26 -3.49 -24.74
N ARG A 725 -8.80 -3.30 -25.94
CA ARG A 725 -8.49 -2.14 -26.76
C ARG A 725 -9.11 -0.88 -26.14
N VAL A 726 -8.45 0.25 -26.37
CA VAL A 726 -8.97 1.56 -25.97
C VAL A 726 -8.96 2.47 -27.18
N LEU A 727 -9.78 3.52 -27.12
CA LEU A 727 -9.76 4.58 -28.11
C LEU A 727 -8.94 5.79 -27.66
N ALA A 728 -8.09 5.61 -26.65
CA ALA A 728 -7.32 6.73 -26.13
C ALA A 728 -6.30 7.20 -27.16
N PRO A 729 -6.16 8.52 -27.37
CA PRO A 729 -5.16 9.01 -28.31
C PRO A 729 -3.72 8.69 -27.91
N SER A 730 -3.47 8.40 -26.65
CA SER A 730 -2.15 7.99 -26.19
C SER A 730 -1.95 6.48 -26.21
N ALA A 731 -2.99 5.72 -26.54
CA ALA A 731 -2.86 4.29 -26.71
C ALA A 731 -2.73 3.88 -28.17
N LEU A 732 -3.36 4.62 -29.08
CA LEU A 732 -3.18 4.36 -30.50
C LEU A 732 -1.74 4.57 -30.91
N VAL A 733 -1.11 5.64 -30.43
CA VAL A 733 0.29 5.91 -30.74
C VAL A 733 1.17 4.80 -30.16
N GLY A 734 0.89 4.38 -28.93
CA GLY A 734 1.67 3.31 -28.33
C GLY A 734 1.58 2.02 -29.13
N ARG A 735 0.37 1.62 -29.49
CA ARG A 735 0.21 0.38 -30.25
C ARG A 735 0.85 0.48 -31.63
N LEU A 736 0.67 1.62 -32.30
CA LEU A 736 1.24 1.78 -33.64
C LEU A 736 2.76 1.72 -33.59
N ARG A 737 3.38 2.39 -32.61
CA ARG A 737 4.82 2.31 -32.46
C ARG A 737 5.26 0.89 -32.13
N ALA A 738 4.51 0.20 -31.28
CA ALA A 738 4.88 -1.16 -30.91
C ALA A 738 4.84 -2.09 -32.10
N VAL A 739 3.91 -1.85 -33.03
CA VAL A 739 3.80 -2.73 -34.18
C VAL A 739 4.79 -2.34 -35.28
N VAL A 740 5.12 -1.05 -35.39
CA VAL A 740 6.09 -0.62 -36.41
C VAL A 740 7.48 -1.14 -36.08
N CYS A 741 7.92 -0.99 -34.83
CA CYS A 741 9.25 -1.38 -34.42
C CYS A 741 9.22 -2.81 -33.88
N ALA A 742 9.03 -3.74 -34.81
CA ALA A 742 8.93 -5.15 -34.47
C ALA A 742 9.92 -5.96 -35.31
N PRO A 743 10.45 -7.06 -34.76
CA PRO A 743 11.38 -7.93 -35.49
C PRO A 743 10.80 -8.51 -36.78
N ASP A 750 4.38 -5.77 -44.48
CA ASP A 750 2.97 -6.12 -44.60
C ASP A 750 2.07 -5.03 -44.04
N ALA A 751 1.85 -5.04 -42.72
CA ALA A 751 1.06 -4.02 -42.05
C ALA A 751 1.90 -2.86 -41.56
N ARG A 752 3.23 -2.94 -41.67
CA ARG A 752 4.09 -1.86 -41.18
C ARG A 752 3.86 -0.57 -41.94
N ALA A 753 3.64 -0.66 -43.25
CA ALA A 753 3.37 0.55 -44.03
C ALA A 753 2.07 1.22 -43.58
N CYS A 754 1.05 0.42 -43.29
CA CYS A 754 -0.22 0.98 -42.82
C CYS A 754 -0.03 1.69 -41.48
N ALA A 755 0.67 1.06 -40.55
CA ALA A 755 0.90 1.67 -39.24
C ALA A 755 1.74 2.93 -39.36
N ALA A 756 2.74 2.92 -40.24
CA ALA A 756 3.54 4.12 -40.46
C ALA A 756 2.71 5.24 -41.05
N ALA A 757 1.82 4.93 -42.00
CA ALA A 757 0.95 5.95 -42.55
C ALA A 757 0.04 6.53 -41.48
N GLN A 758 -0.51 5.67 -40.62
CA GLN A 758 -1.37 6.17 -39.54
C GLN A 758 -0.58 7.06 -38.58
N LEU A 759 0.65 6.67 -38.24
CA LEU A 759 1.47 7.48 -37.35
C LEU A 759 1.81 8.82 -38.00
N ALA A 760 2.08 8.82 -39.31
CA ALA A 760 2.36 10.08 -40.00
C ALA A 760 1.14 10.99 -39.98
N ARG A 761 -0.04 10.44 -40.24
CA ARG A 761 -1.25 11.26 -40.20
C ARG A 761 -1.52 11.79 -38.81
N LEU A 762 -1.26 10.97 -37.78
CA LEU A 762 -1.42 11.45 -36.41
C LEU A 762 -0.44 12.57 -36.09
N ALA A 763 0.82 12.41 -36.48
CA ALA A 763 1.83 13.42 -36.17
C ALA A 763 1.60 14.70 -36.95
N ALA A 764 0.95 14.62 -38.11
CA ALA A 764 0.66 15.82 -38.89
C ALA A 764 -0.34 16.73 -38.19
N ALA A 765 -1.01 16.27 -37.13
CA ALA A 765 -2.03 17.06 -36.45
C ALA A 765 -1.81 17.13 -34.95
N GLY A 766 -0.57 17.01 -34.49
CA GLY A 766 -0.28 17.04 -33.06
C GLY A 766 -0.03 15.66 -32.49
N VAL A 767 -0.90 15.22 -31.60
CA VAL A 767 -0.86 13.88 -31.02
C VAL A 767 0.53 13.59 -30.46
N PRO A 768 0.85 14.13 -29.28
CA PRO A 768 2.23 14.02 -28.77
C PRO A 768 2.69 12.57 -28.66
N GLY A 769 3.94 12.35 -29.01
CA GLY A 769 4.53 11.02 -29.02
C GLY A 769 4.55 10.33 -30.36
N ALA A 770 4.17 11.01 -31.43
CA ALA A 770 4.01 10.38 -32.74
C ALA A 770 5.20 10.58 -33.66
N ASP A 771 5.74 11.80 -33.73
CA ASP A 771 6.85 12.07 -34.63
C ASP A 771 8.07 11.22 -34.26
N PRO A 772 8.85 10.76 -35.22
CA PRO A 772 10.04 9.97 -34.89
C PRO A 772 11.04 10.70 -34.03
N SER A 773 11.13 12.03 -34.16
CA SER A 773 12.06 12.80 -33.36
C SER A 773 11.63 12.89 -31.89
N GLN A 774 10.36 12.63 -31.60
CA GLN A 774 9.84 12.70 -30.24
C GLN A 774 9.96 11.38 -29.49
N TRP A 775 10.43 10.32 -30.14
CA TRP A 775 10.65 9.07 -29.44
C TRP A 775 11.84 9.23 -28.49
N HIS A 776 11.77 8.55 -27.34
CA HIS A 776 12.86 8.65 -26.38
C HIS A 776 14.12 7.96 -26.88
N ALA A 777 13.97 6.81 -27.54
CA ALA A 777 15.13 6.05 -28.00
C ALA A 777 15.87 6.73 -29.14
N MET A 778 15.33 7.79 -29.72
CA MET A 778 15.95 8.49 -30.83
C MET A 778 16.67 9.77 -30.39
N THR A 779 16.78 10.02 -29.10
CA THR A 779 17.50 11.20 -28.63
C THR A 779 19.00 10.98 -28.73
N SER A 780 19.75 12.07 -28.67
CA SER A 780 21.19 12.04 -28.85
C SER A 780 21.87 12.71 -27.66
N LEU A 781 23.12 12.31 -27.42
CA LEU A 781 23.90 12.91 -26.35
C LEU A 781 24.08 14.40 -26.60
N THR A 782 24.06 15.18 -25.53
CA THR A 782 24.20 16.62 -25.68
C THR A 782 25.60 17.00 -26.16
N THR A 783 26.63 16.47 -25.51
CA THR A 783 27.99 16.98 -25.70
C THR A 783 28.91 15.96 -26.36
N GLU A 784 29.08 14.78 -25.77
CA GLU A 784 29.98 13.75 -26.30
C GLU A 784 31.38 14.28 -26.56
N GLU A 785 31.88 15.11 -25.64
CA GLU A 785 33.23 15.67 -25.73
C GLU A 785 33.95 15.49 -24.41
N PRO A 786 35.27 15.32 -24.44
CA PRO A 786 36.00 14.99 -23.22
C PRO A 786 35.97 16.10 -22.20
N LEU A 787 36.14 15.72 -20.92
CA LEU A 787 36.14 16.69 -19.84
C LEU A 787 37.29 17.68 -19.98
N TRP A 788 38.48 17.19 -20.32
CA TRP A 788 39.64 18.04 -20.55
C TRP A 788 40.45 17.46 -21.70
N SER A 789 40.96 18.34 -22.56
CA SER A 789 41.73 17.89 -23.72
C SER A 789 43.01 18.67 -23.97
N GLU A 790 43.22 19.82 -23.32
CA GLU A 790 44.39 20.63 -23.61
C GLU A 790 45.68 19.88 -23.22
N PRO A 791 46.76 20.07 -23.97
CA PRO A 791 48.01 19.38 -23.63
C PRO A 791 48.62 19.95 -22.36
N GLY A 792 49.32 19.08 -21.63
CA GLY A 792 49.95 19.48 -20.39
C GLY A 792 49.00 19.72 -19.25
N HIS A 793 47.79 19.19 -19.33
CA HIS A 793 46.80 19.42 -18.28
C HIS A 793 47.18 18.67 -17.01
N VAL A 794 46.87 19.25 -15.87
CA VAL A 794 47.10 18.66 -14.57
C VAL A 794 45.76 18.50 -13.85
N VAL A 795 45.51 17.30 -13.34
CA VAL A 795 44.28 16.99 -12.64
C VAL A 795 44.59 16.85 -11.15
N THR A 796 43.62 17.20 -10.31
CA THR A 796 43.79 17.18 -8.87
C THR A 796 43.02 16.00 -8.28
N LEU A 797 43.67 15.23 -7.42
CA LEU A 797 43.07 14.05 -6.79
C LEU A 797 43.17 14.19 -5.29
N SER A 798 42.04 14.33 -4.62
CA SER A 798 42.09 14.32 -3.17
C SER A 798 42.27 12.90 -2.66
N PRO A 799 43.06 12.70 -1.60
CA PRO A 799 43.35 11.32 -1.16
C PRO A 799 42.13 10.54 -0.70
N SER A 800 41.05 11.22 -0.32
CA SER A 800 39.85 10.51 0.11
C SER A 800 39.05 9.94 -1.05
N THR A 801 39.25 10.46 -2.27
CA THR A 801 38.55 10.01 -3.45
C THR A 801 39.51 9.38 -4.45
N LEU A 802 40.46 8.60 -3.95
CA LEU A 802 41.29 7.77 -4.80
C LEU A 802 40.90 6.30 -4.73
N GLN A 803 40.47 5.84 -3.55
CA GLN A 803 39.91 4.50 -3.44
C GLN A 803 38.53 4.41 -4.08
N MET A 804 37.92 5.55 -4.40
CA MET A 804 36.66 5.56 -5.12
C MET A 804 36.84 5.69 -6.63
N LEU A 805 37.98 6.23 -7.07
CA LEU A 805 38.29 6.28 -8.50
C LEU A 805 38.84 4.96 -9.00
N THR A 806 39.56 4.21 -8.16
CA THR A 806 40.06 2.90 -8.54
C THR A 806 39.04 1.80 -8.31
N ASP A 807 37.84 2.14 -7.82
CA ASP A 807 36.76 1.19 -7.63
C ASP A 807 35.71 1.27 -8.73
N CYS A 808 35.20 2.46 -9.00
CA CYS A 808 34.15 2.63 -10.00
C CYS A 808 34.16 4.06 -10.53
N PRO A 809 34.75 4.31 -11.71
CA PRO A 809 34.85 5.70 -12.20
C PRO A 809 33.52 6.40 -12.39
N LEU A 810 32.45 5.68 -12.75
CA LEU A 810 31.14 6.32 -12.81
C LEU A 810 30.69 6.76 -11.44
N ARG A 811 30.98 5.98 -10.40
CA ARG A 811 30.66 6.39 -9.05
C ARG A 811 31.37 7.67 -8.69
N TRP A 812 32.63 7.82 -9.11
CA TRP A 812 33.33 9.08 -8.89
C TRP A 812 32.69 10.22 -9.67
N LEU A 813 32.29 9.98 -10.92
CA LEU A 813 31.74 11.04 -11.73
C LEU A 813 30.42 11.55 -11.17
N LEU A 814 29.57 10.65 -10.70
CA LEU A 814 28.22 11.04 -10.31
C LEU A 814 28.03 11.21 -8.80
N GLU A 815 28.95 10.71 -7.97
CA GLU A 815 28.89 10.99 -6.55
C GLU A 815 29.29 12.43 -6.25
N ARG A 816 30.36 12.89 -6.87
CA ARG A 816 30.63 14.31 -6.98
C ARG A 816 29.70 14.85 -8.05
N HIS A 817 29.85 16.13 -8.41
CA HIS A 817 29.04 16.74 -9.45
C HIS A 817 27.55 16.58 -9.18
N GLY A 818 27.18 16.51 -7.91
CA GLY A 818 25.80 16.28 -7.52
C GLY A 818 25.43 14.83 -7.72
N GLY A 819 24.64 14.26 -6.81
CA GLY A 819 24.33 12.85 -6.89
C GLY A 819 24.33 12.17 -5.53
N ASP A 820 24.67 12.92 -4.49
CA ASP A 820 24.51 12.49 -3.12
C ASP A 820 23.25 13.16 -2.57
N ASP A 821 22.28 12.36 -2.16
CA ASP A 821 20.97 12.90 -1.83
C ASP A 821 20.94 13.65 -0.51
N GLY A 822 22.05 13.92 0.15
CA GLY A 822 22.01 14.71 1.36
C GLY A 822 23.19 14.38 2.26
N ARG A 823 23.20 15.04 3.42
CA ARG A 823 24.20 14.82 4.45
C ARG A 823 23.50 14.31 5.69
N ASP A 824 23.86 13.13 6.15
CA ASP A 824 23.27 12.56 7.35
C ASP A 824 23.83 13.23 8.60
N VAL A 825 23.21 12.94 9.75
CA VAL A 825 23.68 13.51 10.99
C VAL A 825 25.02 12.93 11.40
N ARG A 826 25.29 11.68 11.03
CA ARG A 826 26.57 11.07 11.38
C ARG A 826 27.73 11.83 10.79
N SER A 827 27.56 12.35 9.56
CA SER A 827 28.62 13.11 8.92
C SER A 827 28.96 14.37 9.70
N THR A 828 27.94 15.14 10.09
CA THR A 828 28.21 16.38 10.82
C THR A 828 28.73 16.09 12.22
N VAL A 829 28.28 15.01 12.85
CA VAL A 829 28.80 14.66 14.17
C VAL A 829 30.28 14.28 14.08
N GLY A 830 30.65 13.49 13.07
CA GLY A 830 32.05 13.17 12.87
C GLY A 830 32.89 14.40 12.58
N SER A 831 32.38 15.31 11.75
CA SER A 831 33.11 16.54 11.46
C SER A 831 33.28 17.40 12.71
N LEU A 832 32.24 17.48 13.54
CA LEU A 832 32.32 18.23 14.79
C LEU A 832 33.37 17.64 15.72
N VAL A 833 33.40 16.31 15.84
CA VAL A 833 34.40 15.68 16.69
C VAL A 833 35.81 15.92 16.14
N HIS A 834 35.95 15.89 14.81
CA HIS A 834 37.24 16.19 14.21
C HIS A 834 37.68 17.61 14.53
N ALA A 835 36.74 18.57 14.45
CA ALA A 835 37.08 19.96 14.77
C ALA A 835 37.48 20.11 16.22
N LEU A 836 36.77 19.44 17.13
CA LEU A 836 37.11 19.52 18.55
C LEU A 836 38.49 18.94 18.82
N VAL A 837 38.79 17.79 18.22
CA VAL A 837 40.08 17.15 18.42
C VAL A 837 41.22 17.99 17.82
N SER A 838 40.95 18.66 16.70
CA SER A 838 42.00 19.40 15.98
C SER A 838 42.64 20.49 16.82
N GLU A 839 41.96 21.00 17.85
CA GLU A 839 42.52 22.08 18.65
C GLU A 839 43.79 21.60 19.36
N PRO A 840 44.83 22.43 19.42
CA PRO A 840 46.11 21.96 19.96
C PRO A 840 46.32 22.34 21.43
N GLY A 841 45.48 23.19 21.99
CA GLY A 841 45.69 23.68 23.34
C GLY A 841 44.50 23.58 24.27
N LYS A 842 43.72 22.51 24.15
CA LYS A 842 42.51 22.33 24.95
C LYS A 842 42.59 21.01 25.71
N THR A 843 42.13 21.03 26.97
CA THR A 843 42.11 19.84 27.79
C THR A 843 40.82 19.06 27.55
N GLU A 844 40.78 17.84 28.11
CA GLU A 844 39.64 16.95 27.88
C GLU A 844 38.34 17.54 28.40
N SER A 845 38.39 18.18 29.57
CA SER A 845 37.19 18.82 30.11
C SER A 845 36.71 19.94 29.21
N GLN A 846 37.63 20.72 28.66
CA GLN A 846 37.25 21.80 27.74
C GLN A 846 36.59 21.25 26.49
N LEU A 847 37.16 20.16 25.92
CA LEU A 847 36.55 19.56 24.73
C LEU A 847 35.17 19.02 25.03
N VAL A 848 34.99 18.35 26.18
CA VAL A 848 33.69 17.81 26.53
C VAL A 848 32.67 18.91 26.73
N ASN A 849 33.06 20.00 27.39
CA ASN A 849 32.15 21.12 27.58
C ASN A 849 31.78 21.77 26.25
N GLU A 850 32.74 21.91 25.35
CA GLU A 850 32.45 22.48 24.03
C GLU A 850 31.51 21.60 23.25
N LEU A 851 31.69 20.28 23.32
CA LEU A 851 30.77 19.37 22.64
C LEU A 851 29.36 19.45 23.22
N GLU A 852 29.26 19.51 24.55
CA GLU A 852 27.95 19.55 25.19
C GLU A 852 27.22 20.85 24.88
N LYS A 853 27.95 21.97 24.81
CA LYS A 853 27.30 23.25 24.56
C LYS A 853 26.69 23.35 23.16
N VAL A 854 27.15 22.54 22.21
CA VAL A 854 26.65 22.61 20.84
C VAL A 854 25.89 21.36 20.42
N TRP A 855 25.84 20.32 21.26
CA TRP A 855 25.08 19.14 20.88
C TRP A 855 23.59 19.40 20.75
N ASP A 856 23.06 20.45 21.39
CA ASP A 856 21.62 20.66 21.38
C ASP A 856 21.08 20.92 19.99
N ASP A 857 21.89 21.54 19.12
CA ASP A 857 21.42 21.96 17.79
C ASP A 857 21.65 20.90 16.73
N LEU A 858 21.24 19.66 16.97
CA LEU A 858 21.47 18.59 16.00
C LEU A 858 20.15 17.92 15.63
N PRO A 859 19.98 17.54 14.37
CA PRO A 859 18.68 17.05 13.90
C PRO A 859 18.45 15.58 14.24
N TYR A 860 18.33 15.30 15.53
CA TYR A 860 18.09 13.96 16.03
C TYR A 860 16.61 13.81 16.35
N ASP A 861 15.95 12.87 15.67
CA ASP A 861 14.67 12.41 16.17
C ASP A 861 14.91 11.44 17.32
N ALA A 862 13.86 11.12 18.06
CA ALA A 862 13.97 10.21 19.20
C ALA A 862 14.95 10.77 20.23
N LYS A 863 14.50 11.83 20.90
CA LYS A 863 15.31 12.54 21.89
C LYS A 863 15.87 11.63 22.99
N TRP A 864 15.44 10.38 23.05
CA TRP A 864 16.16 9.40 23.88
C TRP A 864 17.45 8.93 23.23
N TYR A 865 17.62 9.19 21.93
CA TYR A 865 18.82 8.82 21.18
C TYR A 865 19.84 9.94 21.15
N SER A 866 19.38 11.19 21.23
CA SER A 866 20.28 12.33 21.27
C SER A 866 21.06 12.44 22.58
N ASP A 867 20.75 11.61 23.56
CA ASP A 867 21.56 11.49 24.76
C ASP A 867 22.50 10.28 24.72
N ASN A 868 22.06 9.18 24.12
CA ASN A 868 22.96 8.06 23.91
C ASN A 868 24.12 8.45 23.01
N GLU A 869 23.82 9.22 21.94
CA GLU A 869 24.89 9.65 21.04
C GLU A 869 25.87 10.58 21.75
N LEU A 870 25.35 11.48 22.58
CA LEU A 870 26.25 12.37 23.32
C LEU A 870 27.13 11.60 24.28
N ALA A 871 26.55 10.61 24.98
CA ALA A 871 27.34 9.80 25.91
C ALA A 871 28.37 8.95 25.17
N ARG A 872 28.07 8.56 23.93
CA ARG A 872 29.04 7.79 23.15
C ARG A 872 30.19 8.67 22.66
N HIS A 873 29.88 9.88 22.17
CA HIS A 873 30.93 10.73 21.64
C HIS A 873 31.75 11.42 22.73
N ARG A 874 31.22 11.57 23.94
CA ARG A 874 32.08 11.94 25.05
C ARG A 874 33.15 10.88 25.28
N ALA A 875 32.77 9.60 25.24
CA ALA A 875 33.75 8.53 25.34
C ALA A 875 34.69 8.54 24.15
N MET A 876 34.21 8.95 22.97
CA MET A 876 35.09 9.08 21.81
C MET A 876 36.20 10.10 22.06
N LEU A 877 35.83 11.27 22.59
CA LEU A 877 36.85 12.26 22.93
C LEU A 877 37.78 11.74 24.01
N GLU A 878 37.24 11.05 25.02
CA GLU A 878 38.07 10.53 26.10
C GLU A 878 39.07 9.51 25.59
N THR A 879 38.64 8.63 24.68
CA THR A 879 39.56 7.61 24.17
C THR A 879 40.58 8.22 23.23
N PHE A 880 40.23 9.29 22.50
CA PHE A 880 41.26 9.99 21.75
C PHE A 880 42.32 10.56 22.68
N THR A 881 41.89 11.19 23.77
CA THR A 881 42.86 11.77 24.70
C THR A 881 43.74 10.70 25.33
N ARG A 882 43.15 9.55 25.68
CA ARG A 882 43.93 8.46 26.24
C ARG A 882 44.94 7.94 25.22
N TRP A 883 44.54 7.81 23.95
CA TRP A 883 45.48 7.38 22.93
C TRP A 883 46.61 8.37 22.77
N ARG A 884 46.29 9.67 22.76
CA ARG A 884 47.32 10.69 22.59
C ARG A 884 48.32 10.66 23.74
N GLU A 885 47.82 10.49 24.97
CA GLU A 885 48.73 10.40 26.11
C GLU A 885 49.51 9.10 26.12
N ASP A 886 48.99 8.04 25.49
CA ASP A 886 49.68 6.76 25.53
C ASP A 886 50.90 6.74 24.63
N THR A 887 50.85 7.42 23.49
CA THR A 887 51.92 7.38 22.49
C THR A 887 52.83 8.60 22.54
N ARG A 888 52.75 9.41 23.60
CA ARG A 888 53.55 10.62 23.67
C ARG A 888 55.04 10.30 23.73
N ARG A 889 55.41 9.23 24.43
CA ARG A 889 56.80 8.87 24.61
C ARG A 889 57.39 8.09 23.44
N GLN A 890 56.59 7.81 22.41
CA GLN A 890 57.03 7.01 21.28
C GLN A 890 57.06 7.77 19.96
N LEU A 891 56.15 8.71 19.76
CA LEU A 891 56.17 9.65 18.63
C LEU A 891 56.18 11.08 19.17
N THR A 892 56.06 12.04 18.26
CA THR A 892 55.92 13.43 18.67
C THR A 892 55.26 14.23 17.55
N GLU A 893 54.20 14.95 17.87
CA GLU A 893 53.46 15.69 16.86
C GLU A 893 54.30 16.85 16.34
N VAL A 894 54.15 17.15 15.05
CA VAL A 894 54.80 18.28 14.42
C VAL A 894 53.80 19.31 13.92
N ALA A 895 52.66 18.87 13.40
CA ALA A 895 51.61 19.75 12.96
C ALA A 895 50.29 19.01 13.00
N THR A 896 49.19 19.76 12.99
CA THR A 896 47.86 19.19 13.06
C THR A 896 46.98 19.84 12.01
N GLU A 897 46.20 19.01 11.30
CA GLU A 897 45.33 19.47 10.22
C GLU A 897 46.13 20.22 9.15
N ILE A 898 47.33 19.70 8.85
CA ILE A 898 48.25 20.40 7.95
C ILE A 898 47.77 20.24 6.51
N PRO A 899 47.69 21.31 5.73
CA PRO A 899 47.20 21.19 4.35
C PRO A 899 48.26 20.64 3.42
N VAL A 900 47.96 19.51 2.77
CA VAL A 900 48.82 18.91 1.77
C VAL A 900 48.42 19.43 0.41
N GLU A 901 49.39 19.95 -0.34
CA GLU A 901 49.11 20.46 -1.68
C GLU A 901 50.41 20.50 -2.47
N GLY A 902 50.39 19.92 -3.66
CA GLY A 902 51.57 19.91 -4.49
C GLY A 902 51.35 19.05 -5.73
N ILE A 903 52.45 18.63 -6.34
CA ILE A 903 52.42 17.84 -7.56
C ILE A 903 53.25 16.58 -7.36
N VAL A 904 52.75 15.45 -7.85
CA VAL A 904 53.41 14.16 -7.63
C VAL A 904 53.88 13.55 -8.94
N VAL A 905 53.18 13.85 -10.05
CA VAL A 905 53.61 13.45 -11.38
C VAL A 905 53.52 14.65 -12.30
N GLU A 906 54.43 14.72 -13.27
CA GLU A 906 54.48 15.86 -14.17
C GLU A 906 53.93 15.52 -15.56
N PRO A 912 49.17 12.84 -17.86
CA PRO A 912 48.64 14.04 -17.21
C PRO A 912 49.16 14.19 -15.78
N GLY A 913 49.49 15.41 -15.37
CA GLY A 913 49.97 15.63 -14.03
C GLY A 913 48.88 15.41 -13.00
N VAL A 914 49.30 15.06 -11.79
CA VAL A 914 48.39 14.80 -10.68
C VAL A 914 48.75 15.74 -9.54
N ARG A 915 47.76 16.48 -9.06
CA ARG A 915 47.94 17.49 -8.02
C ARG A 915 47.21 17.02 -6.78
N VAL A 916 47.93 16.38 -5.86
CA VAL A 916 47.32 15.94 -4.62
C VAL A 916 46.95 17.15 -3.79
N ARG A 917 45.73 17.16 -3.25
CA ARG A 917 45.31 18.19 -2.32
C ARG A 917 44.48 17.56 -1.22
N GLY A 918 44.72 17.97 0.01
CA GLY A 918 44.04 17.36 1.14
C GLY A 918 44.40 18.05 2.43
N ARG A 919 43.85 17.52 3.52
CA ARG A 919 44.08 18.07 4.85
C ARG A 919 44.47 16.92 5.78
N LEU A 920 45.77 16.77 6.05
CA LEU A 920 46.21 15.74 6.96
C LEU A 920 45.74 16.03 8.39
N ASP A 921 45.13 15.02 9.02
CA ASP A 921 44.54 15.22 10.33
C ASP A 921 45.61 15.43 11.40
N ARG A 922 46.63 14.58 11.42
CA ARG A 922 47.70 14.69 12.40
C ARG A 922 48.99 14.19 11.78
N LEU A 923 50.05 14.98 11.90
CA LEU A 923 51.37 14.62 11.39
C LEU A 923 52.33 14.51 12.57
N GLU A 924 52.99 13.37 12.68
CA GLU A 924 53.94 13.14 13.76
C GLU A 924 55.25 12.61 13.21
N ARG A 925 56.24 12.57 14.10
CA ARG A 925 57.61 12.23 13.75
C ARG A 925 58.13 11.25 14.79
N ASP A 926 59.03 10.37 14.36
CA ASP A 926 59.58 9.32 15.21
C ASP A 926 60.98 9.69 15.68
N GLU A 927 61.56 8.81 16.49
CA GLU A 927 62.94 8.98 16.94
C GLU A 927 63.95 8.77 15.82
N ALA A 928 63.53 8.21 14.69
CA ALA A 928 64.40 8.01 13.54
C ALA A 928 64.36 9.18 12.56
N GLY A 929 63.55 10.19 12.83
CA GLY A 929 63.46 11.35 11.96
C GLY A 929 62.48 11.22 10.81
N ARG A 930 61.75 10.10 10.72
CA ARG A 930 60.78 9.90 9.66
C ARG A 930 59.56 10.78 9.93
N LEU A 931 58.52 10.63 9.10
CA LEU A 931 57.27 11.37 9.28
C LEU A 931 56.10 10.40 9.10
N VAL A 932 55.59 9.87 10.20
CA VAL A 932 54.40 9.05 10.10
C VAL A 932 53.19 9.93 9.83
N VAL A 933 52.13 9.31 9.37
CA VAL A 933 50.90 9.99 9.01
C VAL A 933 49.74 9.34 9.73
N VAL A 934 48.89 10.14 10.36
CA VAL A 934 47.78 9.64 11.16
C VAL A 934 46.49 10.24 10.62
N ALA A 935 45.50 9.38 10.39
CA ALA A 935 44.17 9.79 9.92
C ALA A 935 43.15 9.29 10.94
N LEU A 936 42.78 10.13 11.88
CA LEU A 936 41.80 9.76 12.90
C LEU A 936 40.46 9.46 12.25
N LYS A 937 39.85 8.35 12.64
CA LYS A 937 38.55 7.95 12.12
C LYS A 937 37.62 7.65 13.28
N THR A 938 36.35 8.05 13.12
CA THR A 938 35.35 7.86 14.16
C THR A 938 34.38 6.72 13.86
N GLY A 939 34.76 5.83 12.95
CA GLY A 939 33.92 4.69 12.66
C GLY A 939 33.99 3.64 13.74
N LYS A 940 33.15 2.62 13.59
CA LYS A 940 33.09 1.54 14.57
C LYS A 940 33.77 0.26 14.10
N SER A 941 33.76 -0.02 12.79
CA SER A 941 34.29 -1.27 12.26
C SER A 941 35.60 -1.02 11.54
N PRO A 942 36.74 -1.35 12.13
CA PRO A 942 38.02 -1.09 11.46
C PRO A 942 38.23 -2.00 10.26
N VAL A 943 39.03 -1.51 9.31
CA VAL A 943 39.40 -2.31 8.16
C VAL A 943 40.45 -3.35 8.57
N THR A 944 40.55 -4.40 7.76
CA THR A 944 41.48 -5.47 8.06
C THR A 944 42.92 -5.03 7.77
N LYS A 945 43.86 -5.69 8.43
CA LYS A 945 45.27 -5.31 8.29
C LYS A 945 45.75 -5.48 6.86
N ASP A 946 45.40 -6.60 6.22
CA ASP A 946 45.83 -6.84 4.84
C ASP A 946 45.20 -5.86 3.86
N ASP A 947 44.14 -5.16 4.27
CA ASP A 947 43.55 -4.09 3.46
C ASP A 947 44.10 -2.74 3.88
N ALA A 948 44.27 -2.51 5.19
CA ALA A 948 44.83 -1.25 5.67
C ALA A 948 46.26 -1.04 5.19
N GLN A 949 46.96 -2.12 4.85
CA GLN A 949 48.28 -1.95 4.25
C GLN A 949 48.21 -1.53 2.78
N ASN A 950 47.03 -1.57 2.17
CA ASN A 950 46.81 -1.10 0.81
C ASN A 950 45.88 0.10 0.77
N HIS A 951 45.75 0.82 1.88
CA HIS A 951 44.83 1.95 1.94
C HIS A 951 45.28 3.04 0.98
N ALA A 952 44.35 3.50 0.14
CA ALA A 952 44.67 4.53 -0.84
C ALA A 952 44.83 5.91 -0.22
N GLN A 953 44.14 6.19 0.89
CA GLN A 953 44.25 7.50 1.53
C GLN A 953 45.62 7.70 2.16
N LEU A 954 46.07 6.75 2.99
CA LEU A 954 47.38 6.86 3.61
C LEU A 954 48.50 6.75 2.57
N ALA A 955 48.33 5.86 1.60
CA ALA A 955 49.37 5.70 0.59
C ALA A 955 49.51 6.92 -0.31
N MET A 956 48.54 7.83 -0.30
CA MET A 956 48.70 9.11 -0.95
C MET A 956 49.32 10.14 -0.03
N TYR A 957 49.00 10.08 1.27
CA TYR A 957 49.58 11.02 2.21
C TYR A 957 51.08 10.82 2.35
N GLN A 958 51.51 9.57 2.58
CA GLN A 958 52.94 9.32 2.64
C GLN A 958 53.59 9.35 1.26
N LEU A 959 52.79 9.43 0.20
CA LEU A 959 53.33 9.73 -1.12
C LEU A 959 53.63 11.21 -1.25
N ALA A 960 52.80 12.07 -0.64
CA ALA A 960 53.08 13.50 -0.64
C ALA A 960 54.34 13.83 0.14
N VAL A 961 54.54 13.20 1.30
CA VAL A 961 55.71 13.51 2.12
C VAL A 961 57.00 13.16 1.40
N ALA A 962 56.95 12.25 0.43
CA ALA A 962 58.09 12.04 -0.46
C ALA A 962 58.14 13.16 -1.49
N ALA A 963 59.36 13.59 -1.81
CA ALA A 963 59.60 14.74 -2.67
C ALA A 963 58.98 16.02 -2.08
N GLY A 964 59.51 16.41 -0.93
CA GLY A 964 59.18 17.69 -0.33
C GLY A 964 57.75 17.82 0.15
N LEU A 965 57.02 18.76 -0.44
CA LEU A 965 55.61 18.99 -0.17
C LEU A 965 55.37 19.58 1.21
N LEU A 966 55.43 18.74 2.25
CA LEU A 966 55.07 19.15 3.61
C LEU A 966 56.20 19.90 4.35
N ASP A 967 57.29 20.28 3.69
CA ASP A 967 58.32 21.14 4.28
C ASP A 967 58.91 20.50 5.54
N ASP A 968 59.53 19.35 5.34
CA ASP A 968 60.24 18.63 6.39
C ASP A 968 61.35 17.82 5.74
N GLY A 969 61.88 16.84 6.47
CA GLY A 969 62.98 16.03 5.97
C GLY A 969 62.61 15.19 4.76
N ASP A 970 61.32 15.09 4.44
CA ASP A 970 60.83 14.40 3.24
C ASP A 970 61.19 12.91 3.29
N GLU A 971 61.07 12.33 4.46
CA GLU A 971 61.22 10.88 4.54
C GLU A 971 59.86 10.22 4.41
N PRO A 972 59.80 8.99 3.87
CA PRO A 972 58.49 8.35 3.70
C PRO A 972 57.71 8.22 4.99
N GLY A 973 58.39 7.87 6.09
CA GLY A 973 57.73 7.83 7.38
C GLY A 973 57.04 6.52 7.68
N GLY A 974 55.72 6.49 7.47
CA GLY A 974 54.94 5.31 7.76
C GLY A 974 53.48 5.58 7.49
N GLY A 975 52.62 4.87 8.21
CA GLY A 975 51.21 5.13 8.11
C GLY A 975 50.43 4.58 9.28
N LYS A 976 49.46 5.34 9.78
CA LYS A 976 48.65 4.90 10.91
C LYS A 976 47.19 5.26 10.66
N LEU A 977 46.30 4.49 11.27
CA LEU A 977 44.86 4.71 11.12
C LEU A 977 44.23 4.40 12.47
N VAL A 978 43.87 5.45 13.21
CA VAL A 978 43.36 5.31 14.57
C VAL A 978 41.84 5.36 14.52
N TYR A 979 41.19 4.37 15.12
CA TYR A 979 39.73 4.27 15.12
C TYR A 979 39.24 4.63 16.51
N LEU A 980 38.92 5.90 16.72
CA LEU A 980 38.25 6.30 17.94
C LEU A 980 36.91 5.58 18.03
N GLY A 981 36.52 5.20 19.24
CA GLY A 981 35.36 4.36 19.39
C GLY A 981 35.74 2.94 19.74
N LYS A 982 35.67 2.05 18.76
CA LYS A 982 36.08 0.66 18.97
C LYS A 982 37.53 0.59 19.41
N ALA A 986 41.18 -2.06 25.34
CA ALA A 986 42.42 -1.60 25.96
C ALA A 986 42.79 -0.20 25.47
N GLY A 987 42.18 0.21 24.37
CA GLY A 987 42.45 1.51 23.80
C GLY A 987 41.84 1.61 22.42
N ALA A 988 42.15 2.72 21.75
CA ALA A 988 41.67 2.91 20.38
C ALA A 988 42.43 1.98 19.44
N THR A 989 41.70 1.26 18.60
CA THR A 989 42.33 0.31 17.70
C THR A 989 43.09 1.04 16.60
N GLU A 990 44.34 0.66 16.43
CA GLU A 990 45.23 1.30 15.45
C GLU A 990 45.60 0.29 14.37
N ARG A 991 45.36 0.66 13.12
CA ARG A 991 45.79 -0.14 11.97
C ARG A 991 47.02 0.52 11.36
N GLU A 992 48.08 -0.25 11.22
CA GLU A 992 49.36 0.30 10.79
C GLU A 992 49.61 0.04 9.31
N GLN A 993 50.58 0.76 8.77
CA GLN A 993 51.01 0.60 7.38
C GLN A 993 52.49 0.94 7.29
N ASP A 994 53.25 0.06 6.64
CA ASP A 994 54.69 0.25 6.54
C ASP A 994 55.03 1.44 5.64
N PRO A 995 56.20 2.06 5.84
CA PRO A 995 56.58 3.20 5.01
C PRO A 995 56.76 2.79 3.55
N LEU A 996 56.53 3.76 2.66
CA LEU A 996 56.59 3.51 1.23
C LEU A 996 58.01 3.13 0.79
N THR A 997 58.21 1.85 0.49
CA THR A 997 59.49 1.43 -0.04
C THR A 997 59.63 1.87 -1.49
N PRO A 998 60.85 2.08 -1.97
CA PRO A 998 61.03 2.50 -3.37
C PRO A 998 60.41 1.55 -4.37
N ASP A 999 60.32 0.26 -4.05
CA ASP A 999 59.67 -0.68 -4.94
C ASP A 999 58.16 -0.43 -5.02
N LYS A 1000 57.51 -0.27 -3.86
CA LYS A 1000 56.07 -0.04 -3.82
C LYS A 1000 55.69 1.37 -4.23
N ARG A 1001 56.60 2.34 -4.08
CA ARG A 1001 56.29 3.70 -4.50
C ARG A 1001 56.05 3.77 -6.00
N ALA A 1002 56.84 3.04 -6.78
CA ALA A 1002 56.62 3.03 -8.22
C ALA A 1002 55.26 2.45 -8.57
N GLU A 1003 54.86 1.37 -7.90
CA GLU A 1003 53.55 0.78 -8.14
C GLU A 1003 52.44 1.76 -7.78
N TRP A 1004 52.59 2.48 -6.67
CA TRP A 1004 51.55 3.43 -6.29
C TRP A 1004 51.51 4.63 -7.23
N LEU A 1005 52.66 5.07 -7.74
CA LEU A 1005 52.67 6.12 -8.76
C LEU A 1005 51.96 5.65 -10.02
N GLU A 1006 52.21 4.40 -10.43
CA GLU A 1006 51.52 3.87 -11.61
C GLU A 1006 50.02 3.81 -11.39
N THR A 1007 49.59 3.38 -10.19
CA THR A 1007 48.16 3.31 -9.91
C THR A 1007 47.53 4.70 -9.90
N VAL A 1008 48.23 5.69 -9.34
CA VAL A 1008 47.70 7.05 -9.35
C VAL A 1008 47.59 7.56 -10.77
N GLY A 1009 48.61 7.30 -11.59
CA GLY A 1009 48.55 7.74 -12.98
C GLY A 1009 47.44 7.09 -13.77
N GLU A 1010 47.23 5.79 -13.56
CA GLU A 1010 46.15 5.09 -14.25
C GLU A 1010 44.78 5.58 -13.78
N ALA A 1011 44.64 5.87 -12.49
CA ALA A 1011 43.38 6.40 -11.98
C ALA A 1011 43.10 7.80 -12.53
N ALA A 1012 44.14 8.63 -12.67
CA ALA A 1012 43.94 9.98 -13.16
C ALA A 1012 43.58 10.03 -14.63
N ALA A 1013 43.79 8.94 -15.37
CA ALA A 1013 43.44 8.88 -16.77
C ALA A 1013 42.03 8.35 -17.02
N ALA A 1014 41.35 7.88 -15.99
CA ALA A 1014 39.99 7.41 -16.12
C ALA A 1014 38.96 8.53 -15.99
N THR A 1015 39.38 9.72 -15.59
CA THR A 1015 38.51 10.88 -15.50
C THR A 1015 38.69 11.82 -16.68
N ALA A 1016 39.21 11.32 -17.80
CA ALA A 1016 39.58 12.21 -18.91
C ALA A 1016 38.38 12.56 -19.78
N GLY A 1017 37.78 11.56 -20.41
CA GLY A 1017 36.80 11.81 -21.44
C GLY A 1017 35.44 11.29 -21.07
N PRO A 1018 34.57 11.14 -22.06
CA PRO A 1018 33.25 10.57 -21.82
C PRO A 1018 33.37 9.05 -21.71
N ARG A 1019 32.22 8.40 -21.59
CA ARG A 1019 32.13 6.94 -21.55
C ARG A 1019 32.96 6.39 -20.38
N PHE A 1020 32.50 6.71 -19.18
CA PHE A 1020 33.14 6.25 -17.96
C PHE A 1020 32.77 4.79 -17.68
N VAL A 1021 33.70 4.06 -17.07
CA VAL A 1021 33.49 2.66 -16.74
C VAL A 1021 32.74 2.56 -15.42
N ALA A 1022 31.92 1.52 -15.27
CA ALA A 1022 31.16 1.27 -14.05
C ALA A 1022 31.38 -0.17 -13.61
N ARG A 1023 32.47 -0.42 -12.88
CA ARG A 1023 32.75 -1.75 -12.36
C ARG A 1023 31.89 -2.04 -11.14
N VAL A 1024 31.45 -3.28 -11.01
CA VAL A 1024 30.69 -3.70 -9.83
C VAL A 1024 31.66 -3.95 -8.69
N ASN A 1025 31.38 -3.36 -7.54
CA ASN A 1025 32.20 -3.48 -6.35
C ASN A 1025 31.46 -4.26 -5.27
N ASN A 1026 32.11 -4.41 -4.12
CA ASN A 1026 31.42 -4.82 -2.91
C ASN A 1026 30.70 -3.67 -2.23
N GLY A 1027 30.95 -2.44 -2.67
CA GLY A 1027 30.30 -1.26 -2.17
C GLY A 1027 29.12 -0.76 -2.97
N CYS A 1028 28.59 -1.56 -3.90
CA CYS A 1028 27.43 -1.16 -4.67
C CYS A 1028 26.19 -0.99 -3.79
N ALA A 1029 26.15 -1.64 -2.64
CA ALA A 1029 24.97 -1.57 -1.79
C ALA A 1029 24.83 -0.25 -1.07
N ASN A 1030 25.84 0.62 -1.13
CA ASN A 1030 25.83 1.89 -0.41
C ASN A 1030 25.92 3.09 -1.35
N CYS A 1031 25.85 2.89 -2.66
CA CYS A 1031 26.08 4.13 -3.40
C CYS A 1031 24.75 4.73 -3.85
N PRO A 1032 24.62 6.05 -3.74
CA PRO A 1032 23.38 6.71 -4.17
C PRO A 1032 23.15 6.64 -5.66
N VAL A 1033 24.20 6.54 -6.46
CA VAL A 1033 24.07 6.46 -7.91
C VAL A 1033 23.92 4.97 -8.25
N ARG A 1034 22.70 4.48 -8.12
CA ARG A 1034 22.37 3.11 -8.46
C ARG A 1034 21.25 3.02 -9.49
N SER A 1035 20.26 3.91 -9.40
CA SER A 1035 19.17 3.91 -10.37
C SER A 1035 19.63 4.35 -11.76
N SER A 1036 20.75 5.06 -11.86
CA SER A 1036 21.30 5.48 -13.14
C SER A 1036 22.51 4.64 -13.55
N CYS A 1037 22.80 3.57 -12.83
CA CYS A 1037 23.98 2.75 -13.13
C CYS A 1037 23.61 1.63 -14.09
N PRO A 1038 24.23 1.56 -15.27
CA PRO A 1038 23.88 0.48 -16.21
C PRO A 1038 24.16 -0.91 -15.69
N ALA A 1039 25.24 -1.09 -14.92
CA ALA A 1039 25.58 -2.42 -14.42
C ALA A 1039 24.71 -2.86 -13.25
N GLN A 1040 23.88 -1.98 -12.72
CA GLN A 1040 22.99 -2.29 -11.60
C GLN A 1040 23.76 -2.83 -10.40
N LEU B 22 -19.18 -38.95 -11.06
CA LEU B 22 -19.93 -38.01 -11.87
C LEU B 22 -19.06 -37.42 -12.97
N GLY B 23 -18.45 -38.28 -13.77
CA GLY B 23 -17.57 -37.84 -14.84
C GLY B 23 -16.16 -37.53 -14.44
N LEU B 24 -15.75 -37.91 -13.23
CA LEU B 24 -14.41 -37.63 -12.73
C LEU B 24 -13.75 -38.94 -12.28
N PHE B 25 -12.66 -38.81 -11.54
CA PHE B 25 -11.90 -39.92 -10.98
C PHE B 25 -12.83 -40.93 -10.29
N PRO B 26 -12.47 -42.21 -10.30
CA PRO B 26 -13.17 -43.16 -9.44
C PRO B 26 -12.55 -43.15 -8.06
N PRO B 27 -13.30 -42.70 -7.04
CA PRO B 27 -12.72 -42.59 -5.70
C PRO B 27 -12.19 -43.93 -5.22
N THR B 28 -11.01 -43.91 -4.61
CA THR B 28 -10.36 -45.12 -4.17
C THR B 28 -11.08 -45.69 -2.95
N ASP B 29 -10.78 -46.95 -2.63
CA ASP B 29 -11.38 -47.58 -1.46
C ASP B 29 -11.01 -46.84 -0.19
N GLU B 30 -9.74 -46.45 -0.06
CA GLU B 30 -9.32 -45.70 1.12
C GLU B 30 -9.98 -44.33 1.18
N GLN B 31 -10.11 -43.66 0.03
CA GLN B 31 -10.78 -42.36 0.00
C GLN B 31 -12.29 -42.50 0.15
N ALA B 32 -12.84 -43.69 -0.05
CA ALA B 32 -14.28 -43.87 0.05
C ALA B 32 -14.77 -43.62 1.48
N ALA B 33 -14.02 -44.10 2.47
CA ALA B 33 -14.43 -43.91 3.85
C ALA B 33 -14.45 -42.44 4.23
N VAL B 34 -13.43 -41.68 3.80
CA VAL B 34 -13.41 -40.25 4.05
C VAL B 34 -14.55 -39.57 3.31
N ILE B 35 -14.85 -40.03 2.09
CA ILE B 35 -15.84 -39.36 1.25
C ILE B 35 -17.21 -39.42 1.89
N ALA B 36 -17.60 -40.59 2.40
CA ALA B 36 -18.92 -40.83 2.95
C ALA B 36 -18.87 -41.13 4.43
N ALA B 37 -18.00 -40.44 5.17
CA ALA B 37 -17.93 -40.62 6.60
C ALA B 37 -19.16 -40.01 7.28
N PRO B 38 -19.62 -40.60 8.38
CA PRO B 38 -20.80 -40.06 9.06
C PRO B 38 -20.51 -38.70 9.66
N PRO B 39 -21.54 -37.89 9.92
CA PRO B 39 -21.31 -36.55 10.48
C PRO B 39 -20.57 -36.62 11.81
N GLY B 40 -19.69 -35.65 12.02
CA GLY B 40 -18.86 -35.60 13.19
C GLY B 40 -17.45 -35.17 12.85
N PRO B 41 -16.62 -34.92 13.86
CA PRO B 41 -15.24 -34.52 13.60
C PRO B 41 -14.46 -35.62 12.90
N LEU B 42 -13.52 -35.22 12.05
CA LEU B 42 -12.74 -36.19 11.30
C LEU B 42 -11.36 -35.62 11.01
N VAL B 43 -10.34 -36.48 11.06
CA VAL B 43 -8.97 -36.09 10.75
C VAL B 43 -8.47 -36.91 9.56
N VAL B 44 -7.78 -36.26 8.64
CA VAL B 44 -7.15 -36.93 7.51
C VAL B 44 -5.65 -36.65 7.53
N ILE B 45 -4.86 -37.68 7.22
CA ILE B 45 -3.41 -37.66 7.42
C ILE B 45 -2.78 -38.30 6.18
N ALA B 46 -1.47 -38.55 6.21
CA ALA B 46 -0.67 -39.29 5.23
C ALA B 46 -0.17 -38.49 4.03
N GLY B 47 -0.38 -37.18 4.04
CA GLY B 47 0.58 -36.28 3.43
C GLY B 47 0.61 -35.98 1.94
N ALA B 48 1.51 -36.63 1.22
CA ALA B 48 2.16 -36.06 0.04
C ALA B 48 1.49 -36.45 -1.27
N GLY B 49 0.18 -36.50 -1.31
CA GLY B 49 -0.49 -36.75 -2.57
C GLY B 49 -1.59 -37.78 -2.45
N ALA B 50 -1.95 -38.14 -1.23
CA ALA B 50 -2.95 -39.17 -0.99
C ALA B 50 -4.37 -38.68 -1.21
N GLY B 51 -4.56 -37.55 -1.89
CA GLY B 51 -5.90 -37.09 -2.19
C GLY B 51 -6.60 -36.41 -1.02
N LYS B 52 -6.09 -35.25 -0.61
CA LYS B 52 -6.72 -34.48 0.45
C LYS B 52 -7.72 -33.46 -0.08
N THR B 53 -7.27 -32.55 -0.95
CA THR B 53 -8.19 -31.56 -1.49
C THR B 53 -9.16 -32.18 -2.49
N GLU B 54 -8.79 -33.32 -3.10
CA GLU B 54 -9.71 -33.99 -4.01
C GLU B 54 -10.92 -34.54 -3.28
N THR B 55 -10.76 -34.93 -2.01
CA THR B 55 -11.87 -35.38 -1.18
C THR B 55 -12.49 -34.25 -0.38
N MET B 56 -12.46 -33.02 -0.90
CA MET B 56 -13.15 -31.90 -0.26
C MET B 56 -14.39 -31.50 -1.04
N ALA B 57 -14.27 -31.18 -2.33
CA ALA B 57 -15.46 -30.93 -3.13
C ALA B 57 -16.27 -32.20 -3.32
N ALA B 58 -15.61 -33.34 -3.48
CA ALA B 58 -16.29 -34.60 -3.62
C ALA B 58 -16.97 -35.06 -2.33
N ARG B 59 -16.55 -34.52 -1.19
CA ARG B 59 -17.26 -34.75 0.05
C ARG B 59 -18.37 -33.74 0.28
N VAL B 60 -18.18 -32.50 -0.20
CA VAL B 60 -19.26 -31.53 -0.15
C VAL B 60 -20.46 -32.00 -0.97
N VAL B 61 -20.21 -32.51 -2.18
CA VAL B 61 -21.31 -32.97 -3.02
C VAL B 61 -22.01 -34.17 -2.38
N TRP B 62 -21.25 -35.05 -1.72
CA TRP B 62 -21.88 -36.16 -1.02
C TRP B 62 -22.71 -35.68 0.16
N LEU B 63 -22.35 -34.54 0.74
CA LEU B 63 -23.13 -33.93 1.81
C LEU B 63 -24.08 -32.87 1.31
N VAL B 64 -24.29 -32.79 -0.01
CA VAL B 64 -25.23 -31.82 -0.56
C VAL B 64 -26.26 -32.54 -1.42
N ALA B 65 -25.79 -33.32 -2.41
CA ALA B 65 -26.70 -34.01 -3.30
C ALA B 65 -27.47 -35.11 -2.57
N ASN B 66 -26.75 -35.94 -1.81
CA ASN B 66 -27.41 -36.99 -1.04
C ASN B 66 -28.34 -36.37 -0.01
N GLY B 67 -27.91 -35.34 0.66
CA GLY B 67 -28.70 -34.67 1.69
C GLY B 67 -27.80 -34.21 2.81
N PHE B 68 -28.35 -34.22 4.02
CA PHE B 68 -27.69 -33.88 5.28
C PHE B 68 -27.26 -32.42 5.36
N ALA B 69 -27.47 -31.62 4.31
CA ALA B 69 -27.08 -30.22 4.33
C ALA B 69 -27.63 -29.52 3.11
N THR B 70 -27.60 -28.19 3.16
CA THR B 70 -27.95 -27.27 2.10
C THR B 70 -26.69 -26.55 1.65
N PRO B 71 -26.43 -26.36 0.36
CA PRO B 71 -25.14 -25.80 -0.06
C PRO B 71 -24.96 -24.33 0.24
N SER B 72 -25.84 -23.71 1.03
CA SER B 72 -25.58 -22.43 1.66
C SER B 72 -25.08 -22.55 3.09
N GLN B 73 -24.92 -23.77 3.59
CA GLN B 73 -24.47 -24.03 4.95
C GLN B 73 -23.07 -24.64 4.98
N VAL B 74 -22.30 -24.48 3.92
CA VAL B 74 -20.96 -25.04 3.82
C VAL B 74 -19.95 -23.93 4.06
N LEU B 75 -18.95 -24.21 4.89
CA LEU B 75 -17.86 -23.27 5.13
C LEU B 75 -16.55 -23.99 4.93
N GLY B 76 -15.67 -23.43 4.13
CA GLY B 76 -14.35 -23.99 3.90
C GLY B 76 -13.29 -22.95 4.13
N LEU B 77 -12.19 -23.38 4.75
CA LEU B 77 -11.11 -22.47 5.10
C LEU B 77 -9.80 -22.99 4.53
N THR B 78 -9.07 -22.11 3.86
CA THR B 78 -7.75 -22.42 3.34
C THR B 78 -6.79 -21.28 3.68
N PHE B 79 -5.50 -21.58 3.68
CA PHE B 79 -4.52 -20.57 4.07
C PHE B 79 -4.43 -19.45 3.03
N THR B 80 -4.01 -19.79 1.81
CA THR B 80 -3.85 -18.80 0.77
C THR B 80 -5.18 -18.57 0.03
N ARG B 81 -5.36 -17.36 -0.49
CA ARG B 81 -6.60 -17.05 -1.17
C ARG B 81 -6.73 -17.74 -2.51
N LYS B 82 -5.60 -18.10 -3.15
CA LYS B 82 -5.68 -18.86 -4.39
C LYS B 82 -6.31 -20.23 -4.16
N ALA B 83 -5.93 -20.89 -3.06
CA ALA B 83 -6.54 -22.18 -2.73
C ALA B 83 -8.03 -22.02 -2.44
N ALA B 84 -8.41 -20.94 -1.78
CA ALA B 84 -9.83 -20.68 -1.54
C ALA B 84 -10.59 -20.52 -2.84
N GLY B 85 -10.03 -19.75 -3.77
CA GLY B 85 -10.68 -19.55 -5.06
C GLY B 85 -10.81 -20.85 -5.84
N GLN B 86 -9.75 -21.65 -5.87
CA GLN B 86 -9.81 -22.90 -6.63
C GLN B 86 -10.79 -23.88 -5.99
N LEU B 87 -10.86 -23.93 -4.66
CA LEU B 87 -11.83 -24.80 -4.00
C LEU B 87 -13.26 -24.33 -4.29
N LEU B 88 -13.49 -23.02 -4.28
CA LEU B 88 -14.81 -22.50 -4.62
C LEU B 88 -15.20 -22.89 -6.04
N ARG B 89 -14.27 -22.75 -6.99
CA ARG B 89 -14.58 -23.07 -8.37
C ARG B 89 -14.85 -24.57 -8.55
N ARG B 90 -14.03 -25.41 -7.95
CA ARG B 90 -14.25 -26.85 -8.03
C ARG B 90 -15.59 -27.24 -7.43
N VAL B 91 -15.92 -26.69 -6.26
CA VAL B 91 -17.17 -27.02 -5.59
C VAL B 91 -18.36 -26.58 -6.43
N ARG B 92 -18.31 -25.35 -6.97
CA ARG B 92 -19.45 -24.87 -7.74
C ARG B 92 -19.62 -25.71 -9.01
N THR B 93 -18.51 -26.07 -9.65
CA THR B 93 -18.60 -26.88 -10.86
C THR B 93 -19.20 -28.24 -10.58
N ARG B 94 -18.77 -28.89 -9.49
CA ARG B 94 -19.35 -30.18 -9.14
C ARG B 94 -20.83 -30.05 -8.81
N LEU B 95 -21.21 -28.99 -8.10
CA LEU B 95 -22.61 -28.79 -7.76
C LEU B 95 -23.46 -28.55 -9.01
N ALA B 96 -22.94 -27.77 -9.97
CA ALA B 96 -23.67 -27.54 -11.21
C ALA B 96 -23.82 -28.81 -12.01
N ARG B 97 -22.77 -29.63 -12.07
CA ARG B 97 -22.88 -30.91 -12.77
C ARG B 97 -23.87 -31.84 -12.09
N LEU B 98 -23.90 -31.84 -10.76
CA LEU B 98 -24.84 -32.67 -10.02
C LEU B 98 -26.26 -32.11 -10.04
N ALA B 99 -26.44 -30.84 -10.39
CA ALA B 99 -27.78 -30.27 -10.49
C ALA B 99 -28.58 -30.86 -11.65
N GLY B 100 -27.89 -31.35 -12.67
CA GLY B 100 -28.52 -31.95 -13.82
C GLY B 100 -28.79 -33.44 -13.71
N ALA B 101 -28.50 -34.04 -12.56
CA ALA B 101 -28.74 -35.47 -12.37
C ALA B 101 -29.75 -35.76 -11.26
N GLY B 102 -29.71 -35.01 -10.17
CA GLY B 102 -30.63 -35.22 -9.06
C GLY B 102 -30.33 -34.35 -7.86
N GLU B 112 -28.08 -19.88 -3.66
CA GLU B 112 -27.59 -20.85 -2.69
C GLU B 112 -26.20 -21.34 -3.07
N SER B 113 -25.18 -20.74 -2.48
CA SER B 113 -23.80 -21.08 -2.77
C SER B 113 -23.01 -21.22 -1.47
N ALA B 114 -21.91 -21.96 -1.55
CA ALA B 114 -21.06 -22.17 -0.39
C ALA B 114 -20.29 -20.90 -0.05
N THR B 115 -19.67 -20.91 1.12
CA THR B 115 -18.86 -19.79 1.60
C THR B 115 -17.46 -20.30 1.87
N VAL B 116 -16.50 -19.91 1.02
CA VAL B 116 -15.11 -20.33 1.15
C VAL B 116 -14.26 -19.08 1.34
N SER B 117 -13.46 -19.07 2.39
CA SER B 117 -12.65 -17.92 2.74
C SER B 117 -11.40 -18.36 3.48
N THR B 118 -10.41 -17.48 3.50
CA THR B 118 -9.20 -17.73 4.27
C THR B 118 -9.46 -17.52 5.76
N TYR B 119 -8.52 -17.98 6.59
CA TYR B 119 -8.69 -17.90 8.02
C TYR B 119 -8.83 -16.45 8.48
N HIS B 120 -7.91 -15.59 8.06
CA HIS B 120 -7.91 -14.22 8.54
C HIS B 120 -9.12 -13.45 8.03
N ALA B 121 -9.58 -13.75 6.81
CA ALA B 121 -10.80 -13.11 6.32
C ALA B 121 -12.00 -13.51 7.17
N PHE B 122 -12.05 -14.78 7.59
CA PHE B 122 -13.14 -15.20 8.47
C PHE B 122 -13.04 -14.54 9.84
N ALA B 123 -11.82 -14.34 10.34
CA ALA B 123 -11.67 -13.60 11.59
C ALA B 123 -12.18 -12.18 11.45
N GLY B 124 -11.86 -11.53 10.33
CA GLY B 124 -12.38 -10.20 10.09
C GLY B 124 -13.90 -10.17 10.02
N THR B 125 -14.49 -11.16 9.36
CA THR B 125 -15.95 -11.25 9.29
C THR B 125 -16.56 -11.45 10.68
N LEU B 126 -15.95 -12.32 11.49
CA LEU B 126 -16.44 -12.57 12.84
C LEU B 126 -16.35 -11.30 13.68
N LEU B 127 -15.26 -10.55 13.54
CA LEU B 127 -15.14 -9.28 14.26
C LEU B 127 -16.21 -8.29 13.80
N ARG B 128 -16.47 -8.22 12.50
CA ARG B 128 -17.47 -7.29 12.00
C ARG B 128 -18.86 -7.62 12.53
N GLU B 129 -19.21 -8.91 12.57
CA GLU B 129 -20.53 -9.30 13.06
C GLU B 129 -20.70 -9.01 14.54
N HIS B 130 -19.75 -9.42 15.37
CA HIS B 130 -19.88 -9.30 16.82
C HIS B 130 -18.78 -8.46 17.43
N GLY B 131 -18.48 -7.31 16.84
CA GLY B 131 -17.39 -6.50 17.35
C GLY B 131 -17.72 -5.73 18.62
N LEU B 132 -19.00 -5.64 18.98
CA LEU B 132 -19.36 -4.87 20.16
C LEU B 132 -19.35 -5.67 21.45
N LEU B 133 -19.39 -7.00 21.38
CA LEU B 133 -19.28 -7.81 22.58
C LEU B 133 -17.94 -7.57 23.26
N LEU B 134 -16.85 -7.95 22.59
CA LEU B 134 -15.52 -7.53 22.97
C LEU B 134 -15.24 -6.17 22.36
N PRO B 135 -15.00 -5.12 23.14
CA PRO B 135 -15.20 -3.76 22.63
C PRO B 135 -14.17 -3.33 21.60
N VAL B 136 -14.38 -3.74 20.35
CA VAL B 136 -13.59 -3.29 19.22
C VAL B 136 -14.56 -2.75 18.17
N GLU B 137 -14.30 -1.54 17.69
CA GLU B 137 -15.21 -0.92 16.74
C GLU B 137 -15.26 -1.73 15.45
N PRO B 138 -16.45 -2.05 14.94
CA PRO B 138 -16.52 -2.78 13.66
C PRO B 138 -16.00 -1.99 12.47
N ASP B 139 -15.90 -0.67 12.59
CA ASP B 139 -15.33 0.17 11.53
C ASP B 139 -13.82 0.20 11.55
N THR B 140 -13.18 -0.74 12.24
CA THR B 140 -11.73 -0.71 12.40
C THR B 140 -11.04 -0.98 11.08
N ARG B 141 -10.09 -0.11 10.72
CA ARG B 141 -9.27 -0.28 9.53
C ARG B 141 -8.18 -1.30 9.78
N LEU B 142 -7.57 -1.77 8.69
CA LEU B 142 -6.48 -2.72 8.77
C LEU B 142 -5.23 -2.11 8.12
N LEU B 143 -4.11 -2.19 8.83
CA LEU B 143 -2.88 -1.56 8.39
C LEU B 143 -2.03 -2.51 7.57
N SER B 144 -1.28 -1.93 6.63
CA SER B 144 -0.33 -2.70 5.83
C SER B 144 0.97 -2.86 6.61
N GLU B 145 2.02 -3.35 5.96
CA GLU B 145 3.31 -3.45 6.64
C GLU B 145 3.99 -2.09 6.71
N THR B 146 3.88 -1.29 5.65
CA THR B 146 4.54 0.02 5.62
C THR B 146 3.89 0.99 6.60
N GLU B 147 2.55 1.04 6.63
CA GLU B 147 1.88 1.95 7.56
C GLU B 147 2.09 1.50 9.01
N LEU B 148 2.13 0.20 9.25
CA LEU B 148 2.45 -0.29 10.59
C LEU B 148 3.86 0.10 10.99
N TRP B 149 4.82 -0.02 10.06
CA TRP B 149 6.18 0.39 10.39
C TRP B 149 6.26 1.89 10.68
N GLN B 150 5.54 2.69 9.89
CA GLN B 150 5.54 4.13 10.13
C GLN B 150 4.96 4.47 11.50
N LEU B 151 3.84 3.86 11.86
CA LEU B 151 3.24 4.12 13.17
C LEU B 151 4.15 3.67 14.30
N ALA B 152 4.72 2.47 14.18
CA ALA B 152 5.62 1.98 15.22
C ALA B 152 6.85 2.86 15.35
N TYR B 153 7.39 3.33 14.23
CA TYR B 153 8.54 4.21 14.27
C TYR B 153 8.21 5.52 14.97
N ASP B 154 7.05 6.10 14.67
CA ASP B 154 6.69 7.33 15.35
C ASP B 154 6.51 7.12 16.85
N VAL B 155 5.88 6.01 17.24
CA VAL B 155 5.70 5.73 18.66
C VAL B 155 7.05 5.54 19.35
N VAL B 156 7.97 4.82 18.72
CA VAL B 156 9.29 4.61 19.31
C VAL B 156 10.04 5.94 19.44
N CYS B 157 9.97 6.77 18.40
CA CYS B 157 10.69 8.05 18.43
C CYS B 157 10.02 9.08 19.33
N ALA B 158 8.78 8.87 19.75
CA ALA B 158 8.09 9.81 20.63
C ALA B 158 7.94 9.25 22.03
N HIS B 159 8.97 8.58 22.53
CA HIS B 159 8.92 7.94 23.83
C HIS B 159 9.72 8.75 24.84
N PRO B 160 9.06 9.43 25.78
CA PRO B 160 9.78 10.23 26.78
C PRO B 160 10.35 9.34 27.88
N GLY B 161 11.67 9.20 27.88
CA GLY B 161 12.30 8.34 28.86
C GLY B 161 13.77 8.12 28.51
N HIS B 162 14.33 7.06 29.08
CA HIS B 162 15.74 6.70 28.88
C HIS B 162 15.79 5.22 28.55
N LEU B 163 15.99 4.90 27.26
CA LEU B 163 16.00 3.51 26.84
C LEU B 163 17.20 2.76 27.43
N ASP B 164 18.36 3.39 27.49
CA ASP B 164 19.59 2.74 27.93
C ASP B 164 19.90 1.52 27.08
N THR B 165 19.81 1.71 25.75
CA THR B 165 20.15 0.67 24.79
C THR B 165 21.14 1.24 23.78
N GLU B 166 21.98 0.37 23.24
CA GLU B 166 23.01 0.77 22.28
C GLU B 166 22.52 0.75 20.84
N LYS B 167 21.25 0.45 20.61
CA LYS B 167 20.72 0.39 19.26
C LYS B 167 20.23 1.77 18.82
N THR B 168 19.57 1.83 17.68
CA THR B 168 19.08 3.06 17.09
C THR B 168 17.58 2.94 16.83
N PRO B 169 16.86 4.06 16.80
CA PRO B 169 15.49 4.00 16.30
C PRO B 169 15.50 3.56 14.85
N ALA B 170 14.46 2.83 14.46
CA ALA B 170 14.34 2.05 13.22
C ALA B 170 15.14 0.76 13.33
N ALA B 171 15.85 0.53 14.43
CA ALA B 171 16.44 -0.77 14.72
C ALA B 171 15.88 -1.40 15.98
N VAL B 172 15.31 -0.61 16.89
CA VAL B 172 14.46 -1.17 17.94
C VAL B 172 13.00 -1.20 17.52
N THR B 173 12.63 -0.46 16.48
CA THR B 173 11.30 -0.61 15.91
C THR B 173 11.13 -1.97 15.26
N ALA B 174 12.19 -2.49 14.65
CA ALA B 174 12.19 -3.85 14.10
C ALA B 174 12.14 -4.91 15.19
N MET B 175 12.32 -4.54 16.45
CA MET B 175 12.16 -5.44 17.59
C MET B 175 10.80 -5.28 18.26
N VAL B 176 10.31 -4.05 18.35
CA VAL B 176 8.96 -3.82 18.88
C VAL B 176 7.92 -4.46 17.98
N LEU B 177 8.08 -4.31 16.66
CA LEU B 177 7.11 -4.88 15.72
C LEU B 177 7.18 -6.40 15.67
N ARG B 178 8.24 -7.01 16.17
CA ARG B 178 8.33 -8.46 16.22
C ARG B 178 7.83 -9.01 17.54
N LEU B 179 8.14 -8.35 18.66
CA LEU B 179 7.58 -8.77 19.94
C LEU B 179 6.07 -8.59 19.96
N SER B 180 5.56 -7.47 19.44
CA SER B 180 4.13 -7.26 19.41
C SER B 180 3.42 -8.17 18.43
N GLY B 181 4.15 -8.87 17.57
CA GLY B 181 3.56 -9.89 16.73
C GLY B 181 3.55 -11.23 17.43
N ALA B 182 4.66 -11.57 18.07
CA ALA B 182 4.73 -12.84 18.80
C ALA B 182 3.72 -12.88 19.94
N LEU B 183 3.57 -11.77 20.67
CA LEU B 183 2.60 -11.73 21.76
C LEU B 183 1.19 -11.97 21.25
N ALA B 184 0.77 -11.19 20.25
CA ALA B 184 -0.57 -11.34 19.70
C ALA B 184 -0.75 -12.67 19.00
N GLU B 185 0.34 -13.35 18.66
CA GLU B 185 0.25 -14.68 18.10
C GLU B 185 0.09 -15.75 19.18
N HIS B 186 0.60 -15.50 20.39
CA HIS B 186 0.51 -16.47 21.47
C HIS B 186 -0.35 -15.99 22.63
N LEU B 187 -1.03 -14.84 22.49
CA LEU B 187 -1.99 -14.34 23.47
C LEU B 187 -1.35 -14.17 24.85
N VAL B 188 -0.44 -13.20 24.93
CA VAL B 188 0.33 -12.96 26.15
C VAL B 188 0.04 -11.60 26.78
N ASP B 189 -0.45 -10.62 26.02
CA ASP B 189 -0.97 -9.34 26.54
C ASP B 189 0.00 -8.60 27.46
N THR B 190 1.31 -8.75 27.22
CA THR B 190 2.35 -7.86 27.72
C THR B 190 2.45 -7.80 29.25
N ASP B 191 1.64 -8.56 29.98
CA ASP B 191 1.71 -8.48 31.42
C ASP B 191 2.73 -9.44 32.02
N GLN B 192 2.73 -10.69 31.54
CA GLN B 192 3.65 -11.69 32.07
C GLN B 192 5.09 -11.45 31.63
N LEU B 193 5.32 -10.52 30.70
CA LEU B 193 6.65 -10.28 30.17
C LEU B 193 7.54 -9.56 31.17
N ARG B 194 6.98 -9.00 32.24
CA ARG B 194 7.71 -8.17 33.18
C ARG B 194 8.47 -8.96 34.23
N ASP B 195 8.31 -10.28 34.28
CA ASP B 195 9.00 -11.12 35.23
C ASP B 195 9.75 -12.25 34.52
N THR B 196 10.43 -11.92 33.43
CA THR B 196 11.17 -12.91 32.67
C THR B 196 12.63 -12.99 33.11
N HIS B 197 13.28 -11.84 33.28
CA HIS B 197 14.68 -11.85 33.71
C HIS B 197 14.82 -12.29 35.16
N VAL B 198 13.85 -11.95 36.01
CA VAL B 198 13.91 -12.38 37.39
C VAL B 198 13.83 -13.91 37.46
N GLU B 199 14.33 -14.46 38.57
CA GLU B 199 14.33 -15.89 38.86
C GLU B 199 15.39 -16.57 37.98
N LEU B 200 15.93 -15.83 37.01
CA LEU B 200 17.01 -16.34 36.19
C LEU B 200 18.33 -15.64 36.45
N GLU B 201 18.30 -14.36 36.83
CA GLU B 201 19.54 -13.65 37.14
C GLU B 201 20.15 -14.11 38.46
N ARG B 202 19.38 -14.77 39.31
CA ARG B 202 19.92 -15.24 40.59
C ARG B 202 20.82 -16.45 40.41
N LEU B 203 20.60 -17.26 39.37
CA LEU B 203 21.45 -18.43 39.15
C LEU B 203 22.87 -18.06 38.75
N VAL B 204 23.09 -16.86 38.22
CA VAL B 204 24.43 -16.45 37.82
C VAL B 204 25.13 -15.61 38.89
N HIS B 205 24.39 -15.08 39.86
CA HIS B 205 24.98 -14.28 40.93
C HIS B 205 25.07 -15.05 42.25
N THR B 206 23.93 -15.60 42.71
CA THR B 206 23.93 -16.27 44.00
C THR B 206 24.70 -17.59 43.96
N LEU B 207 24.62 -18.32 42.84
CA LEU B 207 25.23 -19.62 42.78
C LEU B 207 26.76 -19.51 42.80
N PRO B 208 27.44 -20.48 43.44
CA PRO B 208 28.91 -20.45 43.45
C PRO B 208 29.52 -21.26 42.33
N ALA B 209 30.68 -20.84 41.84
CA ALA B 209 31.36 -21.56 40.78
C ALA B 209 31.86 -22.91 41.27
N GLY B 210 31.81 -23.91 40.39
CA GLY B 210 32.20 -25.26 40.74
C GLY B 210 33.65 -25.57 40.40
N PRO B 211 34.36 -24.59 39.81
CA PRO B 211 35.76 -24.80 39.42
C PRO B 211 36.59 -23.53 39.48
N PRO B 218 31.26 -14.79 36.72
CA PRO B 218 30.45 -14.05 35.75
C PRO B 218 30.55 -14.63 34.34
N SER B 219 31.72 -15.16 34.00
CA SER B 219 31.97 -15.86 32.74
C SER B 219 32.00 -14.92 31.55
N GLN B 220 31.66 -13.64 31.75
CA GLN B 220 31.77 -12.60 30.74
C GLN B 220 30.90 -12.88 29.52
N TRP B 221 30.13 -13.97 29.55
CA TRP B 221 29.27 -14.37 28.46
C TRP B 221 27.82 -14.55 28.88
N LEU B 222 27.56 -15.05 30.09
CA LEU B 222 26.20 -15.07 30.60
C LEU B 222 25.66 -13.66 30.78
N LEU B 223 26.54 -12.68 30.98
CA LEU B 223 26.09 -11.30 31.12
C LEU B 223 25.48 -10.77 29.84
N ARG B 224 25.97 -11.21 28.67
CA ARG B 224 25.32 -10.83 27.43
C ARG B 224 23.89 -11.38 27.37
N MET B 225 23.72 -12.65 27.78
CA MET B 225 22.39 -13.23 27.82
C MET B 225 21.48 -12.48 28.78
N LEU B 226 22.01 -12.06 29.93
CA LEU B 226 21.20 -11.29 30.88
C LEU B 226 20.85 -9.92 30.33
N ALA B 227 21.80 -9.27 29.66
CA ALA B 227 21.49 -7.98 29.05
C ALA B 227 20.45 -8.12 27.95
N THR B 228 20.38 -9.31 27.33
CA THR B 228 19.32 -9.56 26.37
C THR B 228 17.97 -9.79 27.05
N GLN B 229 17.96 -10.55 28.15
CA GLN B 229 16.71 -10.77 28.86
C GLN B 229 16.16 -9.49 29.44
N THR B 230 17.03 -8.61 29.93
CA THR B 230 16.59 -7.33 30.48
C THR B 230 16.19 -6.34 29.40
N GLU B 231 16.06 -6.78 28.15
CA GLU B 231 15.60 -5.93 27.07
C GLU B 231 14.12 -6.07 26.78
N ARG B 232 13.56 -7.27 26.93
CA ARG B 232 12.12 -7.45 26.80
C ARG B 232 11.37 -6.58 27.80
N THR B 233 11.74 -6.68 29.07
CA THR B 233 11.10 -5.88 30.10
C THR B 233 11.43 -4.40 29.98
N GLU B 234 12.51 -4.07 29.27
CA GLU B 234 12.81 -2.67 29.00
C GLU B 234 11.90 -2.10 27.93
N LEU B 235 11.60 -2.88 26.90
CA LEU B 235 10.81 -2.39 25.77
C LEU B 235 9.33 -2.74 25.88
N VAL B 236 8.91 -3.37 26.99
CA VAL B 236 7.47 -3.54 27.22
C VAL B 236 6.68 -2.23 27.14
N PRO B 237 7.13 -1.11 27.74
CA PRO B 237 6.36 0.13 27.58
C PRO B 237 6.19 0.58 26.14
N LEU B 238 7.16 0.26 25.28
CA LEU B 238 7.03 0.64 23.88
C LEU B 238 5.90 -0.12 23.20
N ILE B 239 5.84 -1.44 23.38
CA ILE B 239 4.76 -2.22 22.80
C ILE B 239 3.45 -2.04 23.53
N ASP B 240 3.46 -1.38 24.69
CA ASP B 240 2.19 -0.98 25.31
C ASP B 240 1.67 0.31 24.72
N ALA B 241 2.55 1.30 24.55
CA ALA B 241 2.14 2.56 23.94
C ALA B 241 1.73 2.36 22.49
N LEU B 242 2.38 1.45 21.78
CA LEU B 242 1.99 1.17 20.40
C LEU B 242 0.57 0.62 20.32
N HIS B 243 0.25 -0.33 21.20
CA HIS B 243 -1.11 -0.86 21.24
C HIS B 243 -2.11 0.22 21.61
N GLN B 244 -1.75 1.06 22.57
CA GLN B 244 -2.65 2.15 22.97
C GLN B 244 -2.91 3.10 21.82
N ARG B 245 -1.88 3.44 21.05
CA ARG B 245 -2.06 4.33 19.92
C ARG B 245 -2.89 3.68 18.82
N MET B 246 -2.67 2.39 18.57
CA MET B 246 -3.48 1.71 17.55
C MET B 246 -4.94 1.64 17.97
N ARG B 247 -5.21 1.43 19.25
CA ARG B 247 -6.58 1.45 19.74
C ARG B 247 -7.19 2.85 19.60
N ALA B 248 -6.41 3.89 19.89
CA ALA B 248 -6.96 5.25 19.84
C ALA B 248 -7.24 5.73 18.42
N GLU B 249 -6.73 5.04 17.40
CA GLU B 249 -6.93 5.44 16.02
C GLU B 249 -7.86 4.51 15.25
N LYS B 250 -8.45 3.52 15.93
CA LYS B 250 -9.40 2.59 15.31
C LYS B 250 -8.78 1.87 14.12
N VAL B 251 -7.53 1.43 14.27
CA VAL B 251 -6.86 0.58 13.29
C VAL B 251 -6.22 -0.59 14.01
N MET B 252 -6.02 -1.68 13.29
CA MET B 252 -5.40 -2.88 13.82
C MET B 252 -4.50 -3.49 12.74
N ASP B 253 -4.06 -4.73 12.96
CA ASP B 253 -3.11 -5.38 12.09
C ASP B 253 -3.66 -6.73 11.65
N PHE B 254 -2.88 -7.44 10.84
CA PHE B 254 -3.21 -8.82 10.52
C PHE B 254 -3.07 -9.70 11.75
N GLY B 255 -2.03 -9.46 12.54
CA GLY B 255 -1.74 -10.28 13.71
C GLY B 255 -2.53 -9.95 14.95
N MET B 256 -3.24 -8.82 14.95
CA MET B 256 -4.14 -8.49 16.05
C MET B 256 -5.58 -8.90 15.79
N GLN B 257 -5.97 -9.01 14.52
CA GLN B 257 -7.32 -9.46 14.22
C GLN B 257 -7.56 -10.88 14.72
N MET B 258 -6.61 -11.78 14.50
CA MET B 258 -6.77 -13.15 14.96
C MET B 258 -6.77 -13.22 16.48
N ALA B 259 -5.93 -12.41 17.14
CA ALA B 259 -5.94 -12.40 18.60
C ALA B 259 -7.28 -11.92 19.14
N ALA B 260 -7.83 -10.86 18.55
CA ALA B 260 -9.12 -10.36 19.00
C ALA B 260 -10.22 -11.38 18.77
N ALA B 261 -10.23 -12.02 17.59
CA ALA B 261 -11.24 -13.02 17.31
C ALA B 261 -11.13 -14.21 18.25
N ALA B 262 -9.91 -14.62 18.59
CA ALA B 262 -9.74 -15.75 19.50
C ALA B 262 -10.19 -15.40 20.92
N ARG B 263 -9.89 -14.20 21.38
CA ARG B 263 -10.37 -13.77 22.69
C ARG B 263 -11.90 -13.74 22.71
N LEU B 264 -12.50 -13.26 21.62
CA LEU B 264 -13.95 -13.23 21.52
C LEU B 264 -14.54 -14.63 21.52
N ALA B 265 -13.90 -15.57 20.83
CA ALA B 265 -14.41 -16.93 20.81
C ALA B 265 -14.31 -17.59 22.18
N ALA B 266 -13.19 -17.39 22.89
CA ALA B 266 -13.01 -18.07 24.16
C ALA B 266 -13.86 -17.46 25.27
N ARG B 267 -13.98 -16.13 25.29
CA ARG B 267 -14.68 -15.46 26.39
C ARG B 267 -16.18 -15.65 26.31
N PHE B 268 -16.75 -15.54 25.11
CA PHE B 268 -18.20 -15.50 24.95
C PHE B 268 -18.69 -16.75 24.22
N PRO B 269 -19.36 -17.68 24.89
CA PRO B 269 -19.89 -18.87 24.20
C PRO B 269 -21.14 -18.59 23.38
N GLN B 270 -21.65 -17.36 23.36
CA GLN B 270 -22.86 -17.04 22.62
C GLN B 270 -22.61 -16.84 21.13
N VAL B 271 -21.36 -16.70 20.71
CA VAL B 271 -21.06 -16.54 19.28
C VAL B 271 -20.97 -17.89 18.58
N GLY B 272 -20.36 -18.89 19.22
CA GLY B 272 -20.26 -20.20 18.60
C GLY B 272 -21.62 -20.85 18.41
N GLU B 273 -22.53 -20.65 19.36
CA GLU B 273 -23.84 -21.28 19.28
C GLU B 273 -24.70 -20.70 18.17
N GLN B 274 -24.29 -19.58 17.58
CA GLN B 274 -25.00 -19.01 16.43
C GLN B 274 -24.38 -19.45 15.11
N LEU B 275 -23.05 -19.43 15.02
CA LEU B 275 -22.38 -19.90 13.82
C LEU B 275 -22.62 -21.39 13.60
N ARG B 276 -22.61 -22.18 14.67
CA ARG B 276 -22.93 -23.59 14.55
C ARG B 276 -24.35 -23.79 14.01
N GLN B 277 -25.27 -22.88 14.34
CA GLN B 277 -26.62 -22.97 13.80
C GLN B 277 -26.65 -22.57 12.34
N ARG B 278 -25.84 -21.58 11.95
CA ARG B 278 -25.83 -21.14 10.56
C ARG B 278 -25.10 -22.14 9.66
N PHE B 279 -23.97 -22.67 10.10
CA PHE B 279 -23.14 -23.55 9.29
C PHE B 279 -23.20 -24.96 9.85
N ARG B 280 -23.44 -25.94 8.96
CA ARG B 280 -23.53 -27.34 9.38
C ARG B 280 -22.37 -28.20 8.93
N VAL B 281 -21.61 -27.79 7.91
CA VAL B 281 -20.43 -28.51 7.48
C VAL B 281 -19.27 -27.53 7.35
N VAL B 282 -18.15 -27.86 7.99
CA VAL B 282 -16.97 -26.99 8.04
C VAL B 282 -15.75 -27.80 7.65
N LEU B 283 -14.94 -27.24 6.76
CA LEU B 283 -13.78 -27.91 6.20
C LEU B 283 -12.54 -27.08 6.50
N LEU B 284 -11.52 -27.70 7.07
CA LEU B 284 -10.29 -27.04 7.50
C LEU B 284 -9.14 -27.66 6.72
N ASP B 285 -8.73 -26.98 5.65
CA ASP B 285 -7.63 -27.45 4.80
C ASP B 285 -6.31 -26.84 5.25
N GLU B 286 -5.24 -27.60 5.05
CA GLU B 286 -3.89 -27.20 5.47
C GLU B 286 -3.89 -26.84 6.94
N TYR B 287 -4.34 -27.78 7.77
CA TYR B 287 -4.42 -27.60 9.21
C TYR B 287 -3.09 -27.84 9.91
N GLN B 288 -2.05 -28.25 9.18
CA GLN B 288 -0.77 -28.48 9.83
C GLN B 288 -0.06 -27.18 10.17
N ASP B 289 -0.33 -26.10 9.44
CA ASP B 289 0.38 -24.84 9.60
C ASP B 289 -0.44 -23.78 10.32
N THR B 290 -1.59 -24.14 10.89
CA THR B 290 -2.39 -23.16 11.61
C THR B 290 -1.75 -22.83 12.95
N GLY B 291 -1.86 -21.57 13.37
CA GLY B 291 -1.17 -21.07 14.53
C GLY B 291 -1.94 -21.32 15.81
N HIS B 292 -1.40 -20.79 16.91
CA HIS B 292 -2.03 -20.94 18.21
C HIS B 292 -3.23 -20.02 18.37
N ALA B 293 -3.21 -18.83 17.77
CA ALA B 293 -4.37 -17.94 17.85
C ALA B 293 -5.54 -18.46 17.03
N GLN B 294 -5.26 -19.23 15.98
CA GLN B 294 -6.30 -19.83 15.16
C GLN B 294 -6.69 -21.22 15.62
N ARG B 295 -6.07 -21.74 16.66
CA ARG B 295 -6.41 -23.07 17.14
C ARG B 295 -7.47 -23.02 18.23
N ILE B 296 -7.43 -22.01 19.11
CA ILE B 296 -8.45 -21.86 20.14
C ILE B 296 -9.60 -20.97 19.68
N ALA B 297 -9.53 -20.43 18.46
CA ALA B 297 -10.67 -19.76 17.86
C ALA B 297 -11.50 -20.69 16.99
N LEU B 298 -10.90 -21.74 16.44
CA LEU B 298 -11.61 -22.77 15.71
C LEU B 298 -12.02 -23.95 16.56
N SER B 299 -11.59 -23.99 17.82
CA SER B 299 -12.01 -25.01 18.76
C SER B 299 -13.03 -24.52 19.77
N SER B 300 -13.33 -23.22 19.77
CA SER B 300 -14.35 -22.69 20.67
C SER B 300 -15.69 -22.54 19.98
N LEU B 301 -15.70 -22.14 18.70
CA LEU B 301 -16.94 -22.10 17.94
C LEU B 301 -17.39 -23.51 17.57
N PHE B 302 -16.57 -24.20 16.77
CA PHE B 302 -16.89 -25.53 16.30
C PHE B 302 -16.11 -26.55 17.12
N GLY B 303 -16.78 -27.63 17.52
CA GLY B 303 -16.10 -28.74 18.15
C GLY B 303 -15.45 -28.45 19.48
N GLY B 304 -16.13 -27.73 20.36
CA GLY B 304 -15.66 -27.60 21.73
C GLY B 304 -16.25 -28.73 22.56
N GLY B 305 -16.75 -29.77 21.88
CA GLY B 305 -17.50 -30.80 22.55
C GLY B 305 -18.97 -30.47 22.71
N ALA B 306 -19.53 -29.69 21.78
CA ALA B 306 -20.87 -29.16 21.92
C ALA B 306 -21.88 -29.87 21.02
N ASP B 307 -21.64 -29.91 19.72
CA ASP B 307 -22.58 -30.47 18.76
C ASP B 307 -21.93 -31.61 17.99
N ASP B 308 -22.60 -32.76 17.95
CA ASP B 308 -22.14 -33.90 17.18
C ASP B 308 -22.77 -33.97 15.80
N GLY B 309 -23.70 -33.06 15.48
CA GLY B 309 -24.33 -33.00 14.19
C GLY B 309 -23.67 -32.07 13.19
N LEU B 310 -22.51 -31.50 13.52
CA LEU B 310 -21.81 -30.58 12.64
C LEU B 310 -20.67 -31.34 11.97
N ALA B 311 -20.79 -31.54 10.66
CA ALA B 311 -19.79 -32.31 9.91
C ALA B 311 -18.53 -31.49 9.77
N LEU B 312 -17.54 -31.79 10.60
CA LEU B 312 -16.31 -31.01 10.67
C LEU B 312 -15.14 -31.88 10.24
N THR B 313 -14.47 -31.48 9.17
CA THR B 313 -13.39 -32.26 8.59
C THR B 313 -12.12 -31.43 8.60
N ALA B 314 -11.02 -32.02 9.07
CA ALA B 314 -9.72 -31.36 9.07
C ALA B 314 -8.72 -32.23 8.34
N VAL B 315 -7.94 -31.63 7.45
CA VAL B 315 -6.98 -32.37 6.64
C VAL B 315 -5.60 -31.78 6.83
N GLY B 316 -4.59 -32.61 6.61
CA GLY B 316 -3.21 -32.16 6.70
C GLY B 316 -2.27 -33.20 7.27
N ASP B 317 -0.97 -33.00 7.09
CA ASP B 317 0.04 -33.94 7.56
C ASP B 317 1.05 -33.25 8.46
N PRO B 318 1.59 -33.95 9.46
CA PRO B 318 2.58 -33.35 10.36
C PRO B 318 3.98 -33.25 9.79
N ILE B 319 4.16 -33.52 8.51
CA ILE B 319 5.49 -33.53 7.91
C ILE B 319 5.70 -32.34 6.97
N GLN B 320 4.65 -31.82 6.33
CA GLN B 320 4.75 -30.63 5.51
C GLN B 320 4.54 -29.35 6.30
N SER B 321 4.55 -29.41 7.62
CA SER B 321 4.49 -28.21 8.46
C SER B 321 5.85 -27.53 8.42
N ILE B 322 6.00 -26.54 7.55
CA ILE B 322 7.30 -25.95 7.27
C ILE B 322 7.53 -24.61 7.93
N TYR B 323 6.48 -23.91 8.36
CA TYR B 323 6.71 -22.53 8.76
C TYR B 323 7.43 -22.45 10.11
N GLY B 324 6.76 -22.83 11.19
CA GLY B 324 7.45 -22.91 12.47
C GLY B 324 7.89 -21.56 13.04
N TRP B 325 8.02 -20.55 12.18
CA TRP B 325 8.39 -19.21 12.59
C TRP B 325 7.33 -18.16 12.30
N ARG B 326 6.26 -18.53 11.60
CA ARG B 326 5.16 -17.63 11.29
C ARG B 326 3.92 -17.99 12.08
N GLY B 327 3.37 -19.20 11.87
CA GLY B 327 2.32 -19.69 12.74
C GLY B 327 2.86 -20.19 14.07
N ALA B 328 4.12 -20.64 14.07
CA ALA B 328 4.81 -21.05 15.30
C ALA B 328 4.00 -22.07 16.08
N SER B 329 3.44 -23.05 15.36
CA SER B 329 2.62 -24.11 15.96
C SER B 329 3.02 -25.44 15.33
N ALA B 330 3.98 -26.13 15.95
CA ALA B 330 4.31 -27.48 15.55
C ALA B 330 3.29 -28.49 16.05
N THR B 331 2.45 -28.08 17.00
CA THR B 331 1.32 -28.87 17.46
C THR B 331 0.15 -28.72 16.49
N ASN B 332 -1.05 -29.03 16.97
CA ASN B 332 -2.36 -28.99 16.31
C ASN B 332 -2.64 -30.21 15.45
N LEU B 333 -1.66 -31.07 15.17
CA LEU B 333 -2.03 -32.36 14.63
C LEU B 333 -2.35 -33.36 15.76
N PRO B 334 -1.50 -33.48 16.79
CA PRO B 334 -1.90 -34.34 17.91
C PRO B 334 -2.99 -33.74 18.78
N ARG B 335 -3.00 -32.42 18.94
CA ARG B 335 -4.03 -31.77 19.73
C ARG B 335 -5.28 -31.56 18.89
N PHE B 336 -5.79 -32.63 18.30
CA PHE B 336 -7.07 -32.62 17.60
C PHE B 336 -7.94 -33.73 18.14
N THR B 337 -7.32 -34.86 18.48
CA THR B 337 -8.10 -35.99 18.97
C THR B 337 -8.70 -35.72 20.34
N THR B 338 -8.16 -34.74 21.08
CA THR B 338 -8.74 -34.29 22.33
C THR B 338 -9.22 -32.85 22.28
N ASP B 339 -9.26 -32.24 21.09
CA ASP B 339 -9.65 -30.86 20.94
C ASP B 339 -11.03 -30.68 20.31
N PHE B 340 -11.47 -31.63 19.51
CA PHE B 340 -12.81 -31.64 18.91
C PHE B 340 -13.46 -32.97 19.28
N PRO B 341 -13.94 -33.12 20.50
CA PRO B 341 -14.44 -34.42 20.96
C PRO B 341 -15.89 -34.63 20.56
N TYR B 342 -16.40 -35.83 20.89
CA TYR B 342 -17.74 -36.27 20.54
C TYR B 342 -18.82 -35.77 21.48
N SER B 343 -18.53 -34.72 22.26
CA SER B 343 -19.41 -34.21 23.31
C SER B 343 -19.62 -35.21 24.42
N ASP B 344 -18.89 -36.33 24.41
CA ASP B 344 -18.99 -37.33 25.47
C ASP B 344 -17.63 -37.87 25.88
N GLY B 345 -16.54 -37.22 25.51
CA GLY B 345 -15.20 -37.64 25.88
C GLY B 345 -14.53 -38.58 24.90
N THR B 346 -15.24 -39.08 23.91
CA THR B 346 -14.64 -39.97 22.93
C THR B 346 -13.75 -39.15 21.98
N PRO B 347 -12.51 -39.56 21.76
CA PRO B 347 -11.65 -38.84 20.82
C PRO B 347 -12.14 -38.96 19.39
N ALA B 348 -11.93 -37.90 18.62
CA ALA B 348 -12.36 -37.87 17.23
C ALA B 348 -11.53 -38.86 16.41
N PRO B 349 -12.11 -39.42 15.35
CA PRO B 349 -11.38 -40.43 14.57
C PRO B 349 -10.49 -39.81 13.50
N THR B 350 -9.35 -40.48 13.29
CA THR B 350 -8.40 -40.13 12.25
C THR B 350 -8.31 -41.27 11.25
N LEU B 351 -8.46 -40.95 9.98
CA LEU B 351 -8.43 -41.95 8.91
C LEU B 351 -7.08 -41.87 8.20
N GLU B 352 -6.46 -43.03 7.98
CA GLU B 352 -5.11 -43.07 7.45
C GLU B 352 -5.05 -42.53 6.03
N LEU B 353 -5.74 -43.18 5.10
CA LEU B 353 -5.80 -42.79 3.69
C LEU B 353 -4.38 -42.69 3.11
N ARG B 354 -3.75 -43.87 3.03
CA ARG B 354 -2.38 -43.98 2.54
C ARG B 354 -2.37 -44.54 1.12
N THR B 355 -1.89 -43.74 0.18
CA THR B 355 -1.66 -44.12 -1.21
C THR B 355 -0.91 -42.99 -1.90
N SER B 356 0.11 -43.32 -2.66
CA SER B 356 0.92 -42.32 -3.36
C SER B 356 0.36 -42.14 -4.77
N TRP B 357 -0.20 -40.96 -5.02
CA TRP B 357 -0.84 -40.68 -6.31
C TRP B 357 -0.01 -39.74 -7.18
N ARG B 358 0.57 -38.68 -6.61
CA ARG B 358 1.23 -37.66 -7.42
C ARG B 358 2.74 -37.88 -7.42
N ASN B 359 3.14 -39.07 -6.97
CA ASN B 359 4.56 -39.36 -6.88
C ASN B 359 4.92 -40.65 -7.58
N PRO B 360 5.62 -40.59 -8.72
CA PRO B 360 6.11 -41.83 -9.33
C PRO B 360 7.21 -42.43 -8.49
N PRO B 361 7.36 -43.75 -8.51
CA PRO B 361 8.47 -44.38 -7.79
C PRO B 361 9.81 -43.87 -8.29
N SER B 362 10.85 -44.17 -7.52
CA SER B 362 12.23 -43.72 -7.76
C SER B 362 12.36 -42.22 -7.52
N THR B 363 11.23 -41.54 -7.27
CA THR B 363 11.24 -40.22 -6.65
C THR B 363 10.45 -40.22 -5.36
N LEU B 364 9.69 -41.27 -5.07
CA LEU B 364 9.08 -41.47 -3.78
C LEU B 364 9.98 -42.22 -2.82
N HIS B 365 10.88 -43.06 -3.33
CA HIS B 365 11.87 -43.69 -2.46
C HIS B 365 12.75 -42.63 -1.81
N VAL B 366 13.17 -41.62 -2.57
CA VAL B 366 13.97 -40.54 -2.02
C VAL B 366 13.16 -39.75 -1.00
N ALA B 367 11.90 -39.48 -1.30
CA ALA B 367 11.06 -38.72 -0.36
C ALA B 367 10.85 -39.48 0.94
N ASN B 368 10.65 -40.79 0.87
CA ASN B 368 10.42 -41.59 2.06
C ASN B 368 11.69 -41.98 2.78
N ALA B 369 12.86 -41.82 2.17
CA ALA B 369 14.12 -42.07 2.86
C ALA B 369 14.76 -40.81 3.40
N VAL B 370 14.49 -39.64 2.81
CA VAL B 370 15.08 -38.40 3.30
C VAL B 370 14.36 -37.90 4.55
N SER B 371 13.14 -38.35 4.79
CA SER B 371 12.38 -38.01 5.99
C SER B 371 12.09 -39.24 6.82
N GLU B 372 13.02 -40.20 6.81
CA GLU B 372 12.89 -41.38 7.65
C GLU B 372 13.25 -41.11 9.11
N GLU B 373 13.89 -39.97 9.40
CA GLU B 373 14.21 -39.61 10.78
C GLU B 373 12.98 -39.19 11.57
N ALA B 374 11.86 -38.92 10.90
CA ALA B 374 10.61 -38.57 11.58
C ALA B 374 9.87 -39.78 12.11
N ARG B 375 10.55 -40.92 12.24
CA ARG B 375 9.97 -42.09 12.89
C ARG B 375 10.00 -42.00 14.40
N ARG B 376 10.61 -40.96 14.96
CA ARG B 376 10.63 -40.72 16.41
C ARG B 376 10.21 -39.31 16.80
N ARG B 377 10.59 -38.30 16.01
CA ARG B 377 10.46 -36.92 16.46
C ARG B 377 9.02 -36.44 16.44
N SER B 378 8.28 -36.74 15.37
CA SER B 378 6.94 -36.22 15.14
C SER B 378 5.99 -37.35 14.71
N VAL B 379 5.93 -38.40 15.52
CA VAL B 379 5.27 -39.64 15.13
C VAL B 379 3.75 -39.40 15.06
N ALA B 380 3.24 -39.26 13.83
CA ALA B 380 1.80 -39.35 13.61
C ALA B 380 1.46 -40.00 12.27
N VAL B 381 2.44 -40.44 11.50
CA VAL B 381 2.22 -41.07 10.19
C VAL B 381 3.04 -42.35 10.15
N ARG B 382 2.54 -43.33 9.38
CA ARG B 382 3.27 -44.58 9.20
C ARG B 382 4.13 -44.55 7.93
N ALA B 383 3.48 -44.45 6.77
CA ALA B 383 4.14 -44.41 5.47
C ALA B 383 3.04 -44.25 4.43
N LEU B 384 3.46 -44.13 3.17
CA LEU B 384 2.54 -44.20 2.04
C LEU B 384 3.16 -45.06 0.95
N ARG B 385 2.30 -45.82 0.24
CA ARG B 385 2.67 -46.80 -0.77
C ARG B 385 2.37 -46.29 -2.18
N PRO B 386 3.15 -46.72 -3.18
CA PRO B 386 2.96 -46.18 -4.53
C PRO B 386 1.72 -46.71 -5.22
N ARG B 387 1.44 -46.21 -6.42
CA ARG B 387 0.27 -46.60 -7.19
C ARG B 387 0.20 -48.11 -7.42
N ILE B 395 15.46 -38.86 -12.20
CA ILE B 395 16.39 -38.52 -11.12
C ILE B 395 17.80 -38.30 -11.67
N ARG B 396 18.36 -37.14 -11.38
CA ARG B 396 19.71 -36.81 -11.85
C ARG B 396 20.37 -35.91 -10.83
N CYS B 397 21.51 -36.35 -10.29
CA CYS B 397 22.25 -35.63 -9.26
C CYS B 397 23.60 -35.20 -9.78
N ALA B 398 24.03 -34.00 -9.38
CA ALA B 398 25.28 -33.43 -9.87
C ALA B 398 25.98 -32.64 -8.78
N LEU B 399 27.31 -32.67 -8.81
CA LEU B 399 28.13 -31.94 -7.85
C LEU B 399 29.26 -31.26 -8.62
N LEU B 400 29.07 -29.99 -8.97
CA LEU B 400 29.99 -29.25 -9.79
C LEU B 400 30.87 -28.36 -8.92
N ASN B 401 32.06 -28.02 -9.43
CA ASN B 401 33.05 -27.36 -8.59
C ASN B 401 32.84 -25.86 -8.47
N ASN B 402 31.87 -25.28 -9.18
CA ASN B 402 31.57 -23.86 -9.01
C ASN B 402 30.14 -23.59 -9.43
N VAL B 403 29.62 -22.45 -8.99
CA VAL B 403 28.22 -22.11 -9.22
C VAL B 403 27.94 -21.98 -10.71
N ALA B 404 28.90 -21.44 -11.46
CA ALA B 404 28.70 -21.27 -12.90
C ALA B 404 28.45 -22.59 -13.58
N ALA B 405 29.23 -23.62 -13.23
CA ALA B 405 29.05 -24.93 -13.84
C ALA B 405 27.70 -25.53 -13.49
N GLU B 406 27.26 -25.39 -12.24
CA GLU B 406 25.94 -25.90 -11.85
C GLU B 406 24.83 -25.18 -12.58
N ARG B 407 24.95 -23.86 -12.71
CA ARG B 407 23.98 -23.09 -13.49
C ARG B 407 23.92 -23.59 -14.92
N ASP B 408 25.09 -23.81 -15.52
CA ASP B 408 25.14 -24.32 -16.89
C ASP B 408 24.50 -25.70 -16.97
N TRP B 409 24.76 -26.56 -15.98
CA TRP B 409 24.25 -27.93 -16.01
C TRP B 409 22.72 -27.95 -15.92
N VAL B 410 22.16 -27.21 -14.96
CA VAL B 410 20.71 -27.17 -14.82
C VAL B 410 20.07 -26.52 -16.04
N ALA B 411 20.67 -25.45 -16.56
CA ALA B 411 20.13 -24.80 -17.75
C ALA B 411 20.16 -25.74 -18.95
N ASP B 412 21.25 -26.49 -19.12
CA ASP B 412 21.35 -27.44 -20.22
C ASP B 412 20.28 -28.52 -20.08
N HIS B 413 20.10 -29.05 -18.87
CA HIS B 413 19.13 -30.12 -18.70
C HIS B 413 17.70 -29.63 -18.89
N LEU B 414 17.42 -28.37 -18.54
CA LEU B 414 16.10 -27.81 -18.76
C LEU B 414 15.88 -27.32 -20.19
N ALA B 415 16.96 -27.14 -20.96
CA ALA B 415 16.83 -26.72 -22.34
C ALA B 415 16.75 -27.91 -23.29
N ARG B 416 17.52 -28.96 -23.04
CA ARG B 416 17.47 -30.15 -23.89
C ARG B 416 16.11 -30.82 -23.86
N ALA B 417 15.32 -30.59 -22.81
CA ALA B 417 13.94 -31.03 -22.74
C ALA B 417 12.96 -30.00 -23.29
N TYR B 418 13.46 -28.89 -23.83
CA TYR B 418 12.63 -27.89 -24.47
C TYR B 418 12.98 -27.68 -25.93
N HIS B 419 14.26 -27.53 -26.26
CA HIS B 419 14.67 -27.37 -27.65
C HIS B 419 14.29 -28.61 -28.48
N GLY B 420 14.53 -29.80 -27.93
CA GLY B 420 14.19 -31.01 -28.63
C GLY B 420 12.71 -31.33 -28.64
N ALA B 421 11.95 -30.78 -27.70
CA ALA B 421 10.52 -31.06 -27.62
C ALA B 421 9.71 -29.78 -27.49
N ALA B 431 6.80 -27.32 -15.45
CA ALA B 431 8.15 -27.39 -14.89
C ALA B 431 8.42 -26.20 -13.99
N ALA B 432 9.37 -26.36 -13.05
CA ALA B 432 9.74 -25.28 -12.15
C ALA B 432 11.10 -25.58 -11.56
N VAL B 433 11.71 -24.55 -10.96
CA VAL B 433 12.92 -24.71 -10.16
C VAL B 433 12.66 -24.08 -8.80
N LEU B 434 13.11 -24.75 -7.74
CA LEU B 434 12.77 -24.36 -6.38
C LEU B 434 14.03 -23.81 -5.71
N VAL B 435 14.18 -22.50 -5.72
CA VAL B 435 15.30 -21.83 -5.06
C VAL B 435 14.83 -21.39 -3.68
N ARG B 436 15.61 -21.73 -2.65
CA ARG B 436 15.21 -21.36 -1.29
C ARG B 436 15.35 -19.86 -1.07
N ARG B 437 16.44 -19.27 -1.55
CA ARG B 437 16.67 -17.83 -1.42
C ARG B 437 16.21 -17.16 -2.71
N ASN B 438 15.24 -16.24 -2.60
CA ASN B 438 14.76 -15.56 -3.80
C ASN B 438 15.81 -14.63 -4.38
N ALA B 439 16.77 -14.17 -3.57
CA ALA B 439 17.88 -13.40 -4.11
C ALA B 439 18.71 -14.22 -5.08
N ASP B 440 18.65 -15.54 -5.00
CA ASP B 440 19.30 -16.44 -5.94
C ASP B 440 18.49 -16.63 -7.22
N ALA B 441 17.22 -16.22 -7.24
CA ALA B 441 16.36 -16.52 -8.38
C ALA B 441 16.82 -15.78 -9.64
N ALA B 442 17.01 -14.47 -9.55
CA ALA B 442 17.36 -13.68 -10.72
C ALA B 442 18.74 -14.04 -11.27
N PRO B 443 19.77 -14.27 -10.44
CA PRO B 443 21.07 -14.67 -10.99
C PRO B 443 21.01 -15.79 -12.01
N MET B 444 20.24 -16.85 -11.76
CA MET B 444 20.21 -17.99 -12.68
C MET B 444 19.09 -17.72 -13.70
N ALA B 445 19.39 -16.75 -14.56
CA ALA B 445 18.66 -16.58 -15.82
C ALA B 445 19.57 -16.26 -16.98
N GLU B 446 20.77 -15.70 -16.75
CA GLU B 446 21.69 -15.39 -17.82
C GLU B 446 22.34 -16.65 -18.39
N ALA B 447 22.66 -17.61 -17.53
CA ALA B 447 23.17 -18.89 -18.01
C ALA B 447 22.09 -19.76 -18.62
N LEU B 448 20.82 -19.37 -18.49
CA LEU B 448 19.71 -20.09 -19.07
C LEU B 448 19.10 -19.40 -20.28
N THR B 449 19.07 -18.06 -20.29
CA THR B 449 18.54 -17.34 -21.45
C THR B 449 19.40 -17.58 -22.69
N ALA B 450 20.72 -17.65 -22.51
CA ALA B 450 21.61 -17.90 -23.64
C ALA B 450 21.31 -19.24 -24.31
N ARG B 451 20.68 -20.17 -23.60
CA ARG B 451 20.25 -21.41 -24.22
C ARG B 451 19.05 -21.21 -25.14
N GLY B 452 18.36 -20.07 -25.01
CA GLY B 452 17.23 -19.76 -25.86
C GLY B 452 15.88 -20.10 -25.27
N VAL B 453 15.84 -20.80 -24.14
CA VAL B 453 14.54 -21.10 -23.51
C VAL B 453 13.90 -19.79 -23.10
N PRO B 454 12.60 -19.59 -23.34
CA PRO B 454 11.93 -18.42 -22.76
C PRO B 454 12.04 -18.46 -21.24
N VAL B 455 12.29 -17.29 -20.66
CA VAL B 455 12.62 -17.17 -19.24
C VAL B 455 11.50 -16.43 -18.54
N GLU B 456 10.97 -17.02 -17.48
CA GLU B 456 10.02 -16.35 -16.61
C GLU B 456 10.54 -16.45 -15.19
N VAL B 457 10.65 -15.32 -14.51
CA VAL B 457 11.18 -15.24 -13.15
C VAL B 457 10.12 -14.63 -12.25
N VAL B 458 9.91 -15.25 -11.10
CA VAL B 458 8.95 -14.74 -10.14
C VAL B 458 9.52 -14.83 -8.72
N GLY B 462 9.24 -5.83 -7.19
CA GLY B 462 9.28 -4.44 -6.79
C GLY B 462 8.51 -3.52 -7.72
N LEU B 463 7.39 -2.99 -7.24
CA LEU B 463 6.61 -2.06 -8.06
C LEU B 463 7.38 -0.78 -8.32
N LEU B 464 8.14 -0.31 -7.35
CA LEU B 464 8.82 0.98 -7.45
C LEU B 464 10.17 0.88 -8.14
N ALA B 465 10.60 -0.31 -8.54
CA ALA B 465 11.84 -0.47 -9.29
C ALA B 465 11.61 -0.67 -10.78
N VAL B 466 10.36 -0.72 -11.22
CA VAL B 466 10.08 -0.87 -12.65
C VAL B 466 10.62 0.34 -13.39
N PRO B 467 11.29 0.17 -14.53
CA PRO B 467 11.88 1.34 -15.22
C PRO B 467 10.86 2.37 -15.64
N GLU B 468 9.59 2.02 -15.76
CA GLU B 468 8.56 3.00 -16.11
C GLU B 468 7.93 3.67 -14.89
N VAL B 469 8.10 3.09 -13.69
CA VAL B 469 7.59 3.69 -12.48
C VAL B 469 8.69 4.36 -11.66
N ALA B 470 9.95 3.92 -11.79
CA ALA B 470 11.04 4.58 -11.12
C ALA B 470 11.31 5.97 -11.68
N ASP B 471 10.90 6.24 -12.92
CA ASP B 471 10.98 7.57 -13.50
C ASP B 471 9.80 8.45 -13.13
N LEU B 472 8.83 7.90 -12.42
CA LEU B 472 7.72 8.68 -11.88
C LEU B 472 7.90 9.01 -10.40
N VAL B 473 8.56 8.13 -9.64
CA VAL B 473 8.95 8.46 -8.27
C VAL B 473 9.97 9.59 -8.28
N ALA B 474 11.00 9.47 -9.10
CA ALA B 474 11.81 10.62 -9.45
C ALA B 474 11.01 11.55 -10.34
N MET B 475 11.46 12.80 -10.44
CA MET B 475 10.77 13.87 -11.16
C MET B 475 9.49 14.18 -10.40
N LEU B 476 9.20 13.39 -9.37
CA LEU B 476 8.28 13.75 -8.31
C LEU B 476 9.00 14.04 -7.01
N ARG B 477 10.15 13.40 -6.80
CA ARG B 477 11.08 13.78 -5.75
C ARG B 477 11.87 15.02 -6.13
N LEU B 478 12.19 15.18 -7.42
CA LEU B 478 12.86 16.40 -7.88
C LEU B 478 11.94 17.61 -7.76
N ILE B 479 10.63 17.41 -7.94
CA ILE B 479 9.68 18.51 -7.80
C ILE B 479 9.53 18.92 -6.34
N ALA B 480 9.48 17.95 -5.43
CA ALA B 480 9.15 18.24 -4.03
C ALA B 480 10.29 18.94 -3.32
N ASP B 481 11.45 18.28 -3.20
CA ASP B 481 12.61 18.87 -2.56
C ASP B 481 13.75 18.96 -3.56
N PRO B 482 14.26 20.14 -3.88
CA PRO B 482 15.38 20.23 -4.82
C PRO B 482 16.72 19.99 -4.13
N THR B 483 16.78 18.98 -3.26
CA THR B 483 18.02 18.59 -2.62
C THR B 483 18.31 17.11 -2.77
N ALA B 484 17.43 16.36 -3.42
CA ALA B 484 17.66 14.94 -3.68
C ALA B 484 18.49 14.84 -4.95
N GLY B 485 19.81 14.71 -4.80
CA GLY B 485 20.68 14.64 -5.95
C GLY B 485 20.62 13.32 -6.68
N SER B 486 20.18 12.25 -6.02
CA SER B 486 20.06 10.96 -6.68
C SER B 486 18.83 10.86 -7.56
N ALA B 487 17.90 11.81 -7.45
CA ALA B 487 16.75 11.89 -8.34
C ALA B 487 16.97 12.85 -9.49
N VAL B 488 18.13 13.47 -9.57
CA VAL B 488 18.49 14.33 -10.70
C VAL B 488 19.40 13.58 -11.68
N MET B 489 20.35 12.82 -11.16
CA MET B 489 21.17 11.97 -12.02
C MET B 489 20.33 10.92 -12.74
N ARG B 490 19.19 10.54 -12.18
CA ARG B 490 18.29 9.62 -12.89
C ARG B 490 17.54 10.34 -14.00
N ILE B 491 17.23 11.62 -13.81
CA ILE B 491 16.51 12.38 -14.82
C ILE B 491 17.46 12.91 -15.88
N LEU B 492 18.58 13.50 -15.45
CA LEU B 492 19.51 14.13 -16.39
C LEU B 492 20.15 13.10 -17.32
N THR B 493 20.26 11.85 -16.89
CA THR B 493 20.95 10.84 -17.66
C THR B 493 20.02 9.76 -18.20
N GLY B 494 18.70 9.96 -18.12
CA GLY B 494 17.77 9.00 -18.65
C GLY B 494 17.69 9.06 -20.16
N PRO B 495 16.87 8.20 -20.75
CA PRO B 495 16.72 8.20 -22.20
C PRO B 495 16.24 9.54 -22.74
N ARG B 496 15.33 10.20 -22.03
CA ARG B 496 15.00 11.59 -22.32
C ARG B 496 16.18 12.48 -21.94
N TRP B 497 16.46 13.48 -22.78
CA TRP B 497 17.56 14.43 -22.58
C TRP B 497 18.82 13.78 -22.02
N ARG B 498 19.45 12.91 -22.80
CA ARG B 498 20.69 12.27 -22.39
C ARG B 498 21.79 13.32 -22.30
N PHE B 499 22.06 13.80 -21.09
CA PHE B 499 23.12 14.77 -20.88
C PHE B 499 24.48 14.09 -20.91
N GLY B 500 25.46 14.76 -21.49
CA GLY B 500 26.81 14.23 -21.48
C GLY B 500 27.54 14.57 -20.20
N ALA B 501 28.73 13.99 -20.04
CA ALA B 501 29.48 14.19 -18.81
C ALA B 501 29.93 15.63 -18.66
N ARG B 502 30.35 16.27 -19.76
CA ARG B 502 30.82 17.64 -19.68
C ARG B 502 29.71 18.58 -19.23
N ASP B 503 28.49 18.36 -19.71
CA ASP B 503 27.39 19.24 -19.31
C ASP B 503 26.99 19.01 -17.86
N ILE B 504 27.10 17.78 -17.35
CA ILE B 504 26.89 17.55 -15.92
C ILE B 504 27.93 18.30 -15.11
N ALA B 505 29.20 18.26 -15.56
CA ALA B 505 30.24 19.00 -14.86
C ALA B 505 29.97 20.50 -14.88
N ALA B 506 29.50 21.02 -16.01
CA ALA B 506 29.20 22.45 -16.09
C ALA B 506 28.03 22.82 -15.18
N LEU B 507 27.02 21.96 -15.11
CA LEU B 507 25.91 22.21 -14.19
C LEU B 507 26.39 22.24 -12.75
N TRP B 508 27.27 21.30 -12.37
CA TRP B 508 27.78 21.31 -11.01
C TRP B 508 28.64 22.54 -10.73
N ARG B 509 29.41 22.98 -11.71
CA ARG B 509 30.21 24.20 -11.52
C ARG B 509 29.30 25.39 -11.29
N ARG B 510 28.21 25.51 -12.04
CA ARG B 510 27.26 26.58 -11.78
C ARG B 510 26.59 26.42 -10.41
N ALA B 511 26.33 25.18 -9.98
CA ALA B 511 25.70 24.96 -8.69
C ALA B 511 26.60 25.42 -7.54
N VAL B 512 27.90 25.12 -7.61
CA VAL B 512 28.81 25.58 -6.55
C VAL B 512 29.03 27.08 -6.66
N GLU B 513 28.99 27.64 -7.88
CA GLU B 513 29.11 29.09 -8.01
C GLU B 513 27.90 29.80 -7.40
N LEU B 514 26.73 29.18 -7.44
CA LEU B 514 25.54 29.80 -6.86
C LEU B 514 25.60 29.84 -5.34
N ASP B 515 26.42 29.02 -4.72
CA ASP B 515 26.50 28.97 -3.26
C ASP B 515 26.95 30.30 -2.66
N GLY B 523 35.10 26.73 12.40
CA GLY B 523 35.16 26.55 13.83
C GLY B 523 34.43 25.31 14.31
N THR B 524 33.74 25.42 15.45
CA THR B 524 32.97 24.31 15.98
C THR B 524 31.47 24.59 16.05
N ALA B 525 31.05 25.84 15.95
CA ALA B 525 29.63 26.18 15.88
C ALA B 525 29.12 26.32 14.45
N ASP B 526 29.99 26.74 13.52
CA ASP B 526 29.59 26.80 12.12
C ASP B 526 29.42 25.41 11.52
N ILE B 527 30.09 24.39 12.05
CA ILE B 527 29.90 23.03 11.58
C ILE B 527 28.50 22.55 11.94
N VAL B 528 28.10 22.72 13.20
CA VAL B 528 26.76 22.34 13.64
C VAL B 528 25.69 23.28 13.09
N ALA B 529 26.08 24.48 12.64
CA ALA B 529 25.12 25.35 11.96
C ALA B 529 24.56 24.71 10.70
N GLN B 530 25.31 23.77 10.11
CA GLN B 530 24.80 22.96 9.02
C GLN B 530 23.89 21.88 9.61
N ALA B 531 23.45 20.94 8.78
CA ALA B 531 22.62 19.82 9.22
C ALA B 531 21.26 20.28 9.74
N ALA B 532 21.01 21.58 9.73
CA ALA B 532 19.70 22.09 10.06
C ALA B 532 18.75 21.84 8.89
N PRO B 533 17.45 21.81 9.14
CA PRO B 533 16.49 21.63 8.03
C PRO B 533 16.53 22.76 7.01
N ASP B 534 17.04 23.94 7.36
CA ASP B 534 17.09 25.06 6.45
C ASP B 534 18.52 25.46 6.09
N ALA B 535 19.43 24.50 6.05
CA ALA B 535 20.81 24.76 5.66
C ALA B 535 20.98 24.64 4.15
N ASP B 536 21.89 25.44 3.61
CA ASP B 536 22.20 25.42 2.18
C ASP B 536 23.34 24.45 1.92
N THR B 537 23.16 23.57 0.93
CA THR B 537 24.12 22.50 0.68
C THR B 537 24.67 22.49 -0.74
N ALA B 538 24.36 23.51 -1.56
CA ALA B 538 24.83 23.59 -2.93
C ALA B 538 24.42 22.36 -3.73
N CYS B 539 23.11 22.23 -3.89
CA CYS B 539 22.51 21.18 -4.70
C CYS B 539 22.63 21.50 -6.17
N VAL B 540 22.34 20.50 -7.01
CA VAL B 540 22.40 20.69 -8.47
C VAL B 540 21.04 21.04 -9.07
N ALA B 541 19.97 21.06 -8.27
CA ALA B 541 18.64 21.34 -8.77
C ALA B 541 18.31 22.82 -8.83
N ASP B 542 19.17 23.68 -8.29
CA ASP B 542 19.00 25.13 -8.46
C ASP B 542 19.99 25.72 -9.45
N ALA B 543 20.76 24.88 -10.14
CA ALA B 543 21.52 25.32 -11.30
C ALA B 543 20.73 25.15 -12.59
N ILE B 544 19.78 24.23 -12.62
CA ILE B 544 18.91 24.07 -13.78
C ILE B 544 18.03 25.29 -13.95
N CYS B 545 17.58 25.89 -12.84
CA CYS B 545 16.71 27.06 -12.89
C CYS B 545 17.47 28.39 -12.96
N ASP B 546 18.79 28.37 -12.82
CA ASP B 546 19.63 29.54 -13.07
C ASP B 546 20.85 29.09 -13.87
N PRO B 547 20.68 28.68 -15.12
CA PRO B 547 21.81 28.13 -15.88
C PRO B 547 22.92 29.14 -16.12
N GLY B 548 22.65 30.43 -15.99
CA GLY B 548 23.65 31.44 -16.24
C GLY B 548 23.83 31.72 -17.72
N ASP B 549 25.03 32.11 -18.12
CA ASP B 549 25.30 32.41 -19.51
C ASP B 549 25.43 31.13 -20.32
N ALA B 550 24.86 31.12 -21.51
CA ALA B 550 24.88 29.94 -22.36
C ALA B 550 26.20 29.84 -23.13
N GLU B 551 27.32 29.94 -22.41
CA GLU B 551 28.63 29.77 -23.01
C GLU B 551 29.45 28.67 -22.35
N ARG B 552 29.02 28.18 -21.19
CA ARG B 552 29.72 27.10 -20.51
C ARG B 552 29.18 25.72 -20.88
N TYR B 553 27.94 25.63 -21.35
CA TYR B 553 27.35 24.38 -21.79
C TYR B 553 27.43 24.27 -23.31
N SER B 554 27.25 23.04 -23.79
CA SER B 554 27.16 22.83 -25.22
C SER B 554 25.89 23.46 -25.77
N PRO B 555 25.90 23.91 -27.03
CA PRO B 555 24.68 24.50 -27.60
C PRO B 555 23.48 23.57 -27.58
N ALA B 556 23.70 22.27 -27.71
CA ALA B 556 22.61 21.31 -27.66
C ALA B 556 22.20 20.97 -26.24
N GLY B 557 23.01 21.34 -25.24
CA GLY B 557 22.71 21.09 -23.85
C GLY B 557 22.15 22.27 -23.10
N TYR B 558 22.06 23.44 -23.72
CA TYR B 558 21.43 24.59 -23.09
C TYR B 558 19.95 24.67 -23.40
N GLU B 559 19.55 24.28 -24.61
CA GLU B 559 18.12 24.22 -24.92
C GLU B 559 17.42 23.19 -24.03
N ARG B 560 18.06 22.06 -23.79
CA ARG B 560 17.46 21.06 -22.91
C ARG B 560 17.38 21.55 -21.47
N ILE B 561 18.40 22.27 -21.01
CA ILE B 561 18.36 22.82 -19.65
C ILE B 561 17.21 23.82 -19.51
N VAL B 562 17.05 24.69 -20.52
CA VAL B 562 15.97 25.67 -20.47
C VAL B 562 14.62 24.98 -20.51
N ALA B 563 14.48 23.94 -21.35
CA ALA B 563 13.23 23.21 -21.42
C ALA B 563 12.91 22.53 -20.09
N LEU B 564 13.92 21.93 -19.46
CA LEU B 564 13.71 21.29 -18.16
C LEU B 564 13.31 22.32 -17.11
N GLY B 565 13.93 23.49 -17.13
CA GLY B 565 13.57 24.53 -16.18
C GLY B 565 12.13 24.98 -16.36
N ARG B 566 11.72 25.21 -17.60
CA ARG B 566 10.34 25.64 -17.86
C ARG B 566 9.34 24.55 -17.48
N GLU B 567 9.66 23.29 -17.77
CA GLU B 567 8.78 22.18 -17.44
C GLU B 567 8.62 22.05 -15.92
N LEU B 568 9.74 22.12 -15.19
CA LEU B 568 9.66 22.04 -13.74
C LEU B 568 8.92 23.23 -13.14
N THR B 569 9.12 24.42 -13.72
CA THR B 569 8.38 25.60 -13.23
C THR B 569 6.89 25.43 -13.44
N MET B 570 6.48 24.89 -14.59
CA MET B 570 5.06 24.63 -14.81
C MET B 570 4.53 23.59 -13.84
N LEU B 571 5.29 22.51 -13.61
CA LEU B 571 4.79 21.41 -12.81
C LEU B 571 4.76 21.74 -11.32
N ARG B 572 5.68 22.57 -10.84
CA ARG B 572 5.73 22.87 -9.41
C ARG B 572 4.57 23.74 -8.97
N ALA B 573 4.03 24.56 -9.87
CA ALA B 573 2.84 25.33 -9.54
C ALA B 573 1.63 24.44 -9.29
N HIS B 574 1.64 23.22 -9.82
CA HIS B 574 0.58 22.26 -9.57
C HIS B 574 0.93 21.37 -8.37
N LEU B 575 1.32 22.01 -7.27
CA LEU B 575 1.69 21.29 -6.06
C LEU B 575 0.66 21.45 -4.94
N GLY B 576 -0.19 22.47 -5.02
CA GLY B 576 -1.32 22.59 -4.12
C GLY B 576 -2.56 21.84 -4.56
N HIS B 577 -2.55 21.30 -5.77
CA HIS B 577 -3.68 20.52 -6.26
C HIS B 577 -3.77 19.21 -5.49
N PRO B 578 -4.95 18.58 -5.48
CA PRO B 578 -5.10 17.31 -4.76
C PRO B 578 -4.07 16.29 -5.24
N LEU B 579 -3.62 15.46 -4.30
CA LEU B 579 -2.56 14.49 -4.59
C LEU B 579 -2.87 13.58 -5.78
N PRO B 580 -4.01 12.91 -5.86
CA PRO B 580 -4.23 12.00 -6.99
C PRO B 580 -4.26 12.69 -8.33
N GLU B 581 -4.53 14.00 -8.37
CA GLU B 581 -4.56 14.76 -9.60
C GLU B 581 -3.22 15.40 -9.92
N LEU B 582 -2.18 15.11 -9.12
CA LEU B 582 -0.83 15.56 -9.45
C LEU B 582 0.00 14.47 -10.11
N VAL B 583 -0.01 13.26 -9.55
CA VAL B 583 0.73 12.15 -10.14
C VAL B 583 0.17 11.80 -11.52
N ALA B 584 -1.12 12.06 -11.75
CA ALA B 584 -1.70 11.84 -13.06
C ALA B 584 -1.41 12.98 -14.03
N GLU B 585 -0.86 14.10 -13.54
CA GLU B 585 -0.44 15.17 -14.44
C GLU B 585 1.04 15.09 -14.78
N VAL B 586 1.88 14.72 -13.82
CA VAL B 586 3.29 14.49 -14.12
C VAL B 586 3.42 13.39 -15.17
N ARG B 587 2.70 12.29 -14.98
CA ARG B 587 2.67 11.23 -15.99
C ARG B 587 2.17 11.73 -17.32
N ARG B 588 1.34 12.78 -17.33
CA ARG B 588 0.95 13.39 -18.60
C ARG B 588 2.11 14.17 -19.21
N VAL B 589 2.82 14.95 -18.40
CA VAL B 589 3.93 15.75 -18.91
C VAL B 589 5.06 14.85 -19.38
N LEU B 590 5.41 13.85 -18.59
CA LEU B 590 6.44 12.91 -18.98
C LEU B 590 5.97 12.08 -20.17
N GLY B 591 6.88 11.29 -20.71
CA GLY B 591 6.52 10.46 -21.84
C GLY B 591 5.83 9.17 -21.51
N LEU B 592 5.52 8.93 -20.23
CA LEU B 592 4.92 7.68 -19.82
C LEU B 592 3.52 7.56 -20.42
N ASP B 593 3.00 6.32 -20.40
CA ASP B 593 1.68 5.94 -20.93
C ASP B 593 1.69 5.91 -22.45
N ALA B 594 2.76 6.36 -23.08
CA ALA B 594 2.98 6.20 -24.50
C ALA B 594 4.23 5.39 -24.81
N GLU B 595 5.35 5.74 -24.18
CA GLU B 595 6.57 4.96 -24.34
C GLU B 595 6.51 3.64 -23.57
N ALA B 596 5.61 3.54 -22.59
CA ALA B 596 5.43 2.27 -21.88
C ALA B 596 4.84 1.21 -22.79
N ARG B 597 3.89 1.59 -23.65
CA ARG B 597 3.29 0.65 -24.59
C ARG B 597 4.23 0.34 -25.76
N ALA B 598 4.98 1.34 -26.22
CA ALA B 598 5.85 1.17 -27.38
C ALA B 598 7.01 0.22 -27.11
N ALA B 599 7.25 -0.16 -25.85
CA ALA B 599 8.32 -1.08 -25.50
C ALA B 599 7.80 -2.48 -25.19
N ARG B 600 6.64 -2.85 -25.74
CA ARG B 600 6.02 -4.13 -25.48
C ARG B 600 5.90 -4.93 -26.77
N PRO B 601 6.18 -6.23 -26.73
CA PRO B 601 6.07 -7.03 -27.96
C PRO B 601 4.63 -7.08 -28.45
N VAL B 602 4.49 -7.26 -29.77
CA VAL B 602 3.17 -7.29 -30.39
C VAL B 602 2.34 -8.45 -29.85
N ALA B 603 3.00 -9.52 -29.41
CA ALA B 603 2.27 -10.69 -28.91
C ALA B 603 1.52 -10.40 -27.61
N ALA B 604 1.87 -9.33 -26.90
CA ALA B 604 1.19 -9.02 -25.65
C ALA B 604 -0.20 -8.46 -25.90
N GLY B 605 -0.34 -7.58 -26.89
CA GLY B 605 -1.61 -6.95 -27.17
C GLY B 605 -1.58 -5.45 -26.94
N TRP B 606 -2.53 -4.93 -26.17
CA TRP B 606 -2.60 -3.52 -25.86
C TRP B 606 -2.16 -3.19 -24.45
N ALA B 607 -1.77 -4.18 -23.65
CA ALA B 607 -1.49 -3.97 -22.23
C ALA B 607 -0.04 -3.52 -22.06
N GLY B 608 0.15 -2.26 -21.69
CA GLY B 608 1.48 -1.77 -21.37
C GLY B 608 1.51 -0.93 -20.10
N THR B 609 0.35 -0.57 -19.58
CA THR B 609 0.27 0.33 -18.43
C THR B 609 -0.42 -0.33 -17.25
N GLU B 610 -0.04 -1.56 -16.92
CA GLU B 610 -0.67 -2.25 -15.79
C GLU B 610 -0.15 -1.70 -14.47
N ASN B 611 1.15 -1.83 -14.21
CA ASN B 611 1.71 -1.34 -12.97
C ASN B 611 1.81 0.17 -12.94
N LEU B 612 2.01 0.80 -14.09
CA LEU B 612 2.04 2.26 -14.16
C LEU B 612 0.67 2.86 -13.83
N ASP B 613 -0.39 2.06 -13.87
CA ASP B 613 -1.73 2.48 -13.45
C ASP B 613 -2.04 2.04 -12.02
N ARG B 614 -1.55 0.86 -11.62
CA ARG B 614 -1.75 0.44 -10.25
C ARG B 614 -0.99 1.32 -9.27
N PHE B 615 0.13 1.91 -9.70
CA PHE B 615 0.80 2.89 -8.85
C PHE B 615 -0.09 4.09 -8.58
N SER B 616 -0.76 4.59 -9.62
CA SER B 616 -1.66 5.72 -9.43
C SER B 616 -2.84 5.34 -8.55
N ASP B 617 -3.35 4.12 -8.70
CA ASP B 617 -4.42 3.66 -7.83
C ASP B 617 -3.96 3.59 -6.38
N LEU B 618 -2.74 3.11 -6.15
CA LEU B 618 -2.21 3.05 -4.79
C LEU B 618 -1.97 4.45 -4.22
N VAL B 619 -1.53 5.39 -5.06
CA VAL B 619 -1.37 6.78 -4.61
C VAL B 619 -2.71 7.37 -4.20
N SER B 620 -3.75 7.11 -4.99
CA SER B 620 -5.08 7.59 -4.63
C SER B 620 -5.59 6.91 -3.36
N ASP B 621 -5.27 5.64 -3.17
CA ASP B 621 -5.65 4.95 -1.94
C ASP B 621 -4.95 5.57 -0.73
N PHE B 622 -3.68 5.95 -0.88
CA PHE B 622 -2.94 6.55 0.22
C PHE B 622 -3.56 7.88 0.66
N ALA B 623 -3.96 8.71 -0.31
CA ALA B 623 -4.49 10.03 -0.01
C ALA B 623 -6.00 10.03 0.22
N GLY B 624 -6.56 8.90 0.63
CA GLY B 624 -7.99 8.81 0.88
C GLY B 624 -8.43 9.52 2.15
N GLY B 627 -2.75 13.71 2.82
CA GLY B 627 -1.68 13.60 1.85
C GLY B 627 -1.01 14.93 1.55
N ALA B 628 0.31 14.92 1.41
CA ALA B 628 1.08 16.14 1.20
C ALA B 628 2.08 16.06 0.06
N SER B 629 2.44 14.87 -0.40
CA SER B 629 3.39 14.61 -1.49
C SER B 629 4.81 15.01 -1.17
N VAL B 630 5.07 15.57 0.01
CA VAL B 630 6.43 15.93 0.40
C VAL B 630 6.78 15.21 1.70
N SER B 631 6.06 15.54 2.76
CA SER B 631 6.22 14.79 4.00
C SER B 631 5.73 13.36 3.85
N ALA B 632 4.62 13.18 3.14
CA ALA B 632 4.05 11.88 2.87
C ALA B 632 4.20 11.55 1.39
N LEU B 633 4.00 10.27 1.06
CA LEU B 633 4.11 9.75 -0.30
C LEU B 633 5.54 9.81 -0.81
N LEU B 634 6.45 10.37 -0.03
CA LEU B 634 7.87 10.23 -0.29
C LEU B 634 8.62 9.64 0.88
N ALA B 635 8.20 9.92 2.11
CA ALA B 635 8.63 9.08 3.22
C ALA B 635 7.92 7.74 3.19
N TYR B 636 6.67 7.72 2.71
CA TYR B 636 5.93 6.46 2.62
C TYR B 636 6.57 5.51 1.63
N LEU B 637 6.98 6.02 0.46
CA LEU B 637 7.59 5.15 -0.53
C LEU B 637 8.97 4.67 -0.11
N ASP B 638 9.76 5.54 0.53
CA ASP B 638 11.05 5.11 1.04
C ASP B 638 10.90 4.13 2.20
N ALA B 639 9.81 4.21 2.96
CA ALA B 639 9.54 3.19 3.96
C ALA B 639 9.14 1.88 3.32
N ALA B 640 8.31 1.94 2.26
CA ALA B 640 7.88 0.73 1.58
C ALA B 640 9.03 0.02 0.89
N VAL B 641 10.01 0.78 0.38
CA VAL B 641 11.15 0.17 -0.30
C VAL B 641 11.95 -0.70 0.67
N GLU B 642 12.20 -0.19 1.87
CA GLU B 642 13.02 -0.92 2.84
C GLU B 642 12.22 -1.94 3.64
N VAL B 643 10.91 -1.76 3.77
CA VAL B 643 10.08 -2.62 4.61
C VAL B 643 9.40 -3.72 3.80
N GLU B 644 8.75 -3.35 2.71
CA GLU B 644 8.03 -4.30 1.87
C GLU B 644 8.83 -4.78 0.67
N ASN B 645 10.03 -4.25 0.45
CA ASN B 645 10.86 -4.59 -0.70
C ASN B 645 10.08 -4.40 -1.99
N GLY B 646 9.67 -3.16 -2.22
CA GLY B 646 8.76 -2.86 -3.31
C GLY B 646 7.35 -3.20 -2.91
N LEU B 647 6.38 -2.40 -3.33
CA LEU B 647 5.03 -2.57 -2.80
C LEU B 647 4.38 -3.85 -3.32
N ALA B 648 4.12 -3.93 -4.61
CA ALA B 648 3.48 -5.13 -5.16
C ALA B 648 3.77 -5.25 -6.65
N PRO B 649 4.40 -6.35 -7.08
CA PRO B 649 4.90 -6.43 -8.46
C PRO B 649 3.86 -6.17 -9.55
N ALA B 650 2.57 -6.14 -9.23
CA ALA B 650 1.50 -5.99 -10.22
C ALA B 650 1.56 -7.15 -11.23
N GLU B 651 1.26 -8.35 -10.70
CA GLU B 651 1.48 -9.61 -11.40
C GLU B 651 0.93 -9.58 -12.82
N LEU B 652 1.60 -10.34 -13.69
CA LEU B 652 1.29 -10.36 -15.11
C LEU B 652 0.05 -11.20 -15.39
N THR B 653 -0.29 -11.32 -16.68
CA THR B 653 -1.41 -12.16 -17.09
C THR B 653 -1.04 -13.64 -17.09
N VAL B 654 0.20 -13.96 -17.44
CA VAL B 654 0.67 -15.34 -17.53
C VAL B 654 -0.20 -16.17 -18.45
N ARG B 658 8.59 -21.54 -21.20
CA ARG B 658 8.98 -20.94 -19.92
C ARG B 658 9.04 -21.99 -18.81
N VAL B 659 9.82 -21.70 -17.77
CA VAL B 659 9.92 -22.54 -16.59
C VAL B 659 9.83 -21.65 -15.36
N GLN B 660 8.99 -22.04 -14.40
CA GLN B 660 8.77 -21.21 -13.23
C GLN B 660 10.05 -21.08 -12.40
N ILE B 661 10.00 -20.16 -11.43
CA ILE B 661 11.18 -19.75 -10.68
C ILE B 661 10.94 -19.73 -9.18
N LEU B 662 9.69 -19.79 -8.74
CA LEU B 662 9.26 -19.46 -7.39
C LEU B 662 10.02 -20.23 -6.32
N THR B 663 9.98 -19.69 -5.10
CA THR B 663 10.68 -20.23 -3.95
C THR B 663 9.94 -21.43 -3.36
N VAL B 664 10.64 -22.16 -2.51
CA VAL B 664 10.09 -23.39 -1.94
C VAL B 664 8.88 -23.09 -1.07
N HIS B 665 8.95 -22.03 -0.28
CA HIS B 665 7.85 -21.68 0.61
C HIS B 665 6.59 -21.29 -0.16
N ALA B 666 6.72 -20.81 -1.39
CA ALA B 666 5.57 -20.48 -2.22
C ALA B 666 5.12 -21.65 -3.07
N ALA B 667 5.76 -22.82 -2.92
CA ALA B 667 5.44 -23.99 -3.73
C ALA B 667 4.86 -25.09 -2.86
N LYS B 668 3.93 -24.72 -1.98
CA LYS B 668 3.30 -25.65 -1.06
C LYS B 668 1.99 -26.14 -1.64
N GLY B 669 1.81 -27.46 -1.68
CA GLY B 669 0.58 -28.06 -2.18
C GLY B 669 0.34 -27.87 -3.66
N LEU B 670 1.37 -28.00 -4.48
CA LEU B 670 1.22 -27.84 -5.93
C LEU B 670 1.86 -29.02 -6.65
N GLU B 671 1.97 -28.94 -7.98
CA GLU B 671 2.60 -30.01 -8.73
C GLU B 671 3.10 -29.45 -10.07
N TRP B 672 4.22 -30.02 -10.53
CA TRP B 672 4.79 -29.67 -11.82
C TRP B 672 5.39 -30.94 -12.42
N GLN B 673 5.94 -30.82 -13.64
CA GLN B 673 6.49 -31.96 -14.34
C GLN B 673 7.99 -32.13 -14.13
N VAL B 674 8.78 -31.12 -14.46
CA VAL B 674 10.23 -31.16 -14.26
C VAL B 674 10.57 -30.13 -13.19
N VAL B 675 10.91 -30.60 -12.00
CA VAL B 675 11.21 -29.74 -10.86
C VAL B 675 12.65 -29.99 -10.43
N ALA B 676 13.40 -28.92 -10.25
CA ALA B 676 14.80 -29.00 -9.86
C ALA B 676 15.04 -28.14 -8.62
N VAL B 677 15.69 -28.71 -7.61
CA VAL B 677 16.16 -27.94 -6.47
C VAL B 677 17.63 -27.63 -6.72
N PRO B 678 17.95 -26.49 -7.31
CA PRO B 678 19.29 -26.29 -7.87
C PRO B 678 20.43 -26.26 -6.87
N HIS B 679 20.35 -25.39 -5.86
CA HIS B 679 21.49 -25.09 -5.00
C HIS B 679 21.34 -25.83 -3.68
N LEU B 680 22.15 -26.87 -3.48
CA LEU B 680 22.08 -27.71 -2.31
C LEU B 680 23.43 -27.83 -1.60
N SER B 681 24.26 -26.80 -1.70
CA SER B 681 25.53 -26.81 -0.99
C SER B 681 25.29 -26.42 0.47
N ALA B 682 26.37 -26.41 1.26
CA ALA B 682 26.24 -26.08 2.67
C ALA B 682 25.94 -24.59 2.84
N ARG B 683 25.33 -24.26 3.98
CA ARG B 683 25.09 -22.91 4.45
C ARG B 683 24.08 -22.15 3.60
N VAL B 684 23.57 -22.72 2.52
CA VAL B 684 22.60 -22.07 1.66
C VAL B 684 21.23 -22.73 1.74
N PHE B 685 21.15 -24.05 1.54
CA PHE B 685 19.84 -24.67 1.72
C PHE B 685 19.53 -24.94 3.18
N PRO B 686 20.39 -25.60 3.96
CA PRO B 686 20.09 -25.74 5.38
C PRO B 686 19.95 -24.42 6.10
N SER B 687 20.61 -23.37 5.60
CA SER B 687 20.46 -22.01 6.11
C SER B 687 20.73 -21.93 7.61
N THR B 688 21.89 -22.43 8.01
CA THR B 688 22.29 -22.39 9.41
C THR B 688 22.65 -20.99 9.88
N THR B 689 22.76 -20.02 8.98
CA THR B 689 23.16 -18.67 9.33
C THR B 689 21.94 -17.83 9.72
N GLN B 690 22.19 -16.80 10.53
CA GLN B 690 21.20 -15.82 10.96
C GLN B 690 20.09 -16.44 11.81
N ALA B 691 20.37 -17.54 12.49
CA ALA B 691 19.42 -18.17 13.39
C ALA B 691 19.83 -17.91 14.83
N ARG B 692 18.91 -17.36 15.62
CA ARG B 692 19.18 -16.96 16.99
C ARG B 692 18.08 -17.46 17.91
N THR B 693 18.46 -17.99 19.06
CA THR B 693 17.52 -18.56 20.01
C THR B 693 16.84 -17.45 20.80
N TRP B 694 16.11 -17.82 21.86
CA TRP B 694 15.40 -16.84 22.68
C TRP B 694 16.28 -16.17 23.72
N LEU B 695 17.53 -16.60 23.88
CA LEU B 695 18.43 -16.04 24.88
C LEU B 695 19.55 -15.22 24.25
N THR B 696 19.34 -14.72 23.04
CA THR B 696 20.35 -13.90 22.38
C THR B 696 19.75 -12.60 21.87
N ASP B 697 18.52 -12.65 21.37
CA ASP B 697 17.82 -11.45 20.92
C ASP B 697 16.58 -11.24 21.77
N ALA B 698 16.21 -9.97 21.94
CA ALA B 698 15.08 -9.65 22.82
C ALA B 698 13.77 -10.18 22.27
N SER B 699 13.50 -9.95 20.99
CA SER B 699 12.19 -10.22 20.40
C SER B 699 12.07 -11.70 20.04
N ASP B 700 12.00 -12.54 21.06
CA ASP B 700 11.97 -13.98 20.83
C ASP B 700 10.99 -14.76 21.68
N LEU B 701 10.31 -14.14 22.64
CA LEU B 701 9.24 -14.79 23.41
C LEU B 701 9.69 -16.10 24.05
N PRO B 702 10.39 -16.05 25.19
CA PRO B 702 10.89 -17.28 25.84
C PRO B 702 9.81 -18.35 25.92
N PRO B 703 10.20 -19.63 25.86
CA PRO B 703 9.19 -20.69 25.75
C PRO B 703 8.33 -20.87 26.98
N LEU B 704 8.70 -20.28 28.11
CA LEU B 704 7.89 -20.43 29.32
C LEU B 704 6.51 -19.79 29.16
N LEU B 705 6.38 -18.81 28.27
CA LEU B 705 5.12 -18.12 28.07
C LEU B 705 4.70 -18.11 26.60
N ARG B 706 5.11 -19.13 25.85
CA ARG B 706 4.71 -19.30 24.46
C ARG B 706 3.80 -20.50 24.33
N GLY B 707 2.82 -20.40 23.43
CA GLY B 707 1.94 -21.52 23.19
C GLY B 707 2.64 -22.65 22.49
N ASP B 708 2.06 -23.84 22.62
CA ASP B 708 2.60 -25.05 22.01
C ASP B 708 4.01 -25.34 22.53
N ARG B 709 4.11 -25.55 23.84
CA ARG B 709 5.38 -25.90 24.47
C ARG B 709 5.32 -27.32 25.02
N GLY B 716 6.41 -29.30 21.47
CA GLY B 716 7.77 -28.94 21.12
C GLY B 716 8.33 -27.79 21.94
N VAL B 717 9.38 -27.16 21.40
CA VAL B 717 10.10 -26.04 22.00
C VAL B 717 10.31 -26.28 23.49
N PRO B 718 11.22 -27.17 23.87
CA PRO B 718 11.35 -27.55 25.28
C PRO B 718 11.78 -26.38 26.15
N VAL B 719 11.37 -26.43 27.41
CA VAL B 719 11.67 -25.40 28.40
C VAL B 719 12.72 -25.94 29.34
N LEU B 720 13.77 -25.16 29.58
CA LEU B 720 14.81 -25.57 30.52
C LEU B 720 14.26 -25.53 31.95
N ASP B 721 14.63 -26.55 32.74
CA ASP B 721 14.02 -26.72 34.05
C ASP B 721 14.38 -25.56 35.00
N THR B 722 15.64 -25.10 34.94
CA THR B 722 16.16 -23.99 35.75
C THR B 722 15.89 -24.17 37.25
N SER B 723 15.59 -25.39 37.68
CA SER B 723 15.32 -25.68 39.08
C SER B 723 16.13 -26.86 39.59
N ASP B 724 17.22 -27.22 38.89
CA ASP B 724 18.06 -28.34 39.30
C ASP B 724 19.53 -27.98 39.16
N ILE B 725 19.89 -26.72 39.39
CA ILE B 725 21.24 -26.22 39.18
C ILE B 725 21.77 -25.69 40.51
N TYR B 726 22.95 -26.18 40.91
CA TYR B 726 23.59 -25.77 42.14
C TYR B 726 24.99 -25.21 41.93
N ASP B 727 25.47 -25.15 40.69
CA ASP B 727 26.77 -24.58 40.38
C ASP B 727 26.72 -23.98 38.99
N ARG B 728 27.65 -23.06 38.72
CA ARG B 728 27.63 -22.35 37.45
C ARG B 728 27.93 -23.27 36.27
N LYS B 729 28.75 -24.30 36.48
CA LYS B 729 29.04 -25.24 35.39
C LYS B 729 27.78 -25.95 34.94
N ILE B 730 26.93 -26.35 35.88
CA ILE B 730 25.68 -27.01 35.52
C ILE B 730 24.78 -26.06 34.73
N LEU B 731 24.72 -24.79 35.15
CA LEU B 731 23.91 -23.83 34.41
C LEU B 731 24.44 -23.63 33.00
N SER B 732 25.76 -23.55 32.84
CA SER B 732 26.34 -23.40 31.52
C SER B 732 26.03 -24.60 30.64
N ASP B 733 26.13 -25.80 31.19
CA ASP B 733 25.79 -27.00 30.41
C ASP B 733 24.32 -27.01 30.03
N LYS B 734 23.44 -26.63 30.94
CA LYS B 734 22.01 -26.58 30.64
C LYS B 734 21.72 -25.60 29.52
N ILE B 735 22.32 -24.40 29.59
CA ILE B 735 22.10 -23.40 28.55
C ILE B 735 22.64 -23.90 27.21
N SER B 736 23.81 -24.52 27.22
CA SER B 736 24.40 -25.00 25.97
C SER B 736 23.54 -26.08 25.33
N ASP B 737 23.06 -27.05 26.11
CA ASP B 737 22.26 -28.10 25.51
C ASP B 737 20.89 -27.58 25.10
N HIS B 738 20.36 -26.59 25.81
CA HIS B 738 19.12 -25.94 25.38
C HIS B 738 19.31 -25.27 24.01
N LYS B 739 20.41 -24.57 23.82
CA LYS B 739 20.68 -23.96 22.52
C LYS B 739 20.83 -25.02 21.44
N LYS B 740 21.53 -26.12 21.75
CA LYS B 740 21.70 -27.18 20.77
C LYS B 740 20.35 -27.79 20.37
N SER B 741 19.48 -28.02 21.34
CA SER B 741 18.15 -28.56 21.03
C SER B 741 17.35 -27.59 20.17
N LEU B 742 17.39 -26.30 20.50
CA LEU B 742 16.63 -25.33 19.72
C LEU B 742 17.20 -25.18 18.31
N ASP B 743 18.50 -25.47 18.12
CA ASP B 743 19.05 -25.47 16.77
C ASP B 743 18.67 -26.72 15.99
N GLN B 744 18.66 -27.88 16.66
CA GLN B 744 18.20 -29.10 16.01
C GLN B 744 16.74 -28.97 15.57
N ARG B 745 15.96 -28.17 16.31
CA ARG B 745 14.59 -27.90 15.89
C ARG B 745 14.54 -27.26 14.50
N ARG B 746 15.38 -26.24 14.27
CA ARG B 746 15.42 -25.59 12.96
C ARG B 746 16.00 -26.51 11.89
N VAL B 747 16.94 -27.39 12.26
CA VAL B 747 17.44 -28.37 11.29
C VAL B 747 16.31 -29.30 10.85
N ASP B 748 15.48 -29.74 11.79
CA ASP B 748 14.34 -30.58 11.45
C ASP B 748 13.36 -29.84 10.55
N GLU B 749 13.15 -28.55 10.83
CA GLU B 749 12.28 -27.76 9.95
C GLU B 749 12.84 -27.71 8.54
N GLU B 750 14.16 -27.55 8.40
CA GLU B 750 14.77 -27.54 7.08
C GLU B 750 14.59 -28.89 6.37
N ARG B 751 14.71 -29.99 7.12
CA ARG B 751 14.47 -31.30 6.52
C ARG B 751 13.03 -31.42 6.03
N ARG B 752 12.08 -30.91 6.81
CA ARG B 752 10.69 -30.88 6.34
C ARG B 752 10.56 -30.05 5.08
N LEU B 753 11.31 -28.96 4.99
CA LEU B 753 11.29 -28.15 3.77
C LEU B 753 11.80 -28.93 2.57
N LEU B 754 12.88 -29.69 2.76
CA LEU B 754 13.39 -30.51 1.67
C LEU B 754 12.37 -31.57 1.25
N TYR B 755 11.70 -32.19 2.23
CA TYR B 755 10.66 -33.15 1.92
C TYR B 755 9.55 -32.50 1.11
N VAL B 756 9.16 -31.28 1.47
CA VAL B 756 8.13 -30.57 0.71
C VAL B 756 8.61 -30.31 -0.71
N ALA B 757 9.90 -29.94 -0.85
CA ALA B 757 10.43 -29.61 -2.18
C ALA B 757 10.49 -30.84 -3.09
N ILE B 758 10.84 -32.00 -2.53
CA ILE B 758 11.05 -33.18 -3.37
C ILE B 758 9.73 -33.70 -3.95
N THR B 759 8.68 -33.77 -3.13
CA THR B 759 7.47 -34.49 -3.53
C THR B 759 6.68 -33.79 -4.63
N ARG B 760 7.13 -32.66 -5.15
CA ARG B 760 6.43 -31.96 -6.23
C ARG B 760 7.06 -32.30 -7.59
N ALA B 761 7.08 -33.59 -7.94
CA ALA B 761 7.89 -34.04 -9.07
C ALA B 761 7.07 -34.48 -10.28
N GLU B 762 6.21 -35.49 -10.13
CA GLU B 762 5.40 -36.07 -11.21
C GLU B 762 6.25 -36.75 -12.28
N ASP B 763 7.57 -36.58 -12.21
CA ASP B 763 8.46 -36.98 -13.30
C ASP B 763 9.92 -36.89 -12.86
N THR B 764 10.84 -36.95 -13.81
CA THR B 764 12.27 -36.80 -13.52
C THR B 764 12.53 -35.57 -12.67
N LEU B 765 13.56 -35.68 -11.83
CA LEU B 765 13.91 -34.64 -10.86
C LEU B 765 15.40 -34.34 -10.99
N LEU B 766 15.77 -33.11 -10.65
CA LEU B 766 17.16 -32.65 -10.75
C LEU B 766 17.64 -32.14 -9.41
N LEU B 767 18.77 -32.68 -8.94
CA LEU B 767 19.39 -32.28 -7.68
C LEU B 767 20.84 -31.91 -7.98
N SER B 768 21.29 -30.75 -7.49
CA SER B 768 22.61 -30.27 -7.82
C SER B 768 23.24 -29.55 -6.64
N GLY B 769 24.56 -29.48 -6.66
CA GLY B 769 25.30 -28.75 -5.65
C GLY B 769 26.60 -28.23 -6.22
N HIS B 770 27.12 -27.18 -5.59
CA HIS B 770 28.31 -26.49 -6.07
C HIS B 770 29.36 -26.42 -4.98
N HIS B 771 30.63 -26.50 -5.40
CA HIS B 771 31.75 -26.42 -4.47
C HIS B 771 32.11 -24.98 -4.15
N TRP B 772 32.35 -24.17 -5.17
CA TRP B 772 32.77 -22.79 -4.98
C TRP B 772 31.60 -21.87 -5.26
N GLY B 773 31.32 -20.98 -4.31
CA GLY B 773 30.19 -20.08 -4.43
C GLY B 773 30.51 -18.86 -5.27
N ALA B 774 30.23 -17.68 -4.74
CA ALA B 774 30.47 -16.44 -5.47
C ALA B 774 31.41 -15.47 -4.77
N THR B 775 31.36 -15.38 -3.45
CA THR B 775 32.11 -14.38 -2.70
C THR B 775 32.80 -15.00 -1.48
N GLU B 776 33.49 -16.13 -1.69
CA GLU B 776 34.09 -16.89 -0.60
C GLU B 776 35.59 -17.01 -0.79
N SER B 777 36.35 -16.76 0.27
CA SER B 777 37.78 -17.00 0.25
C SER B 777 38.09 -18.49 0.24
N LYS B 778 37.24 -19.30 0.87
CA LYS B 778 37.44 -20.73 0.95
C LYS B 778 36.22 -21.45 0.40
N PRO B 779 36.39 -22.59 -0.26
CA PRO B 779 35.25 -23.32 -0.80
C PRO B 779 34.38 -23.88 0.32
N ARG B 780 33.08 -23.96 0.05
CA ARG B 780 32.13 -24.58 0.96
C ARG B 780 31.69 -25.92 0.37
N GLY B 781 31.67 -26.94 1.21
CA GLY B 781 31.25 -28.25 0.77
C GLY B 781 29.77 -28.27 0.47
N PRO B 782 29.30 -29.35 -0.14
CA PRO B 782 27.86 -29.53 -0.30
C PRO B 782 27.19 -29.79 1.04
N SER B 783 25.91 -29.46 1.13
CA SER B 783 25.19 -29.59 2.39
C SER B 783 25.06 -31.07 2.78
N GLU B 784 24.51 -31.29 3.97
CA GLU B 784 24.23 -32.65 4.40
C GLU B 784 23.15 -33.30 3.56
N PHE B 785 22.25 -32.48 2.99
CA PHE B 785 21.19 -33.04 2.16
C PHE B 785 21.75 -33.74 0.92
N LEU B 786 22.73 -33.12 0.26
CA LEU B 786 23.37 -33.77 -0.88
C LEU B 786 24.17 -34.99 -0.45
N CYS B 787 24.87 -34.91 0.68
CA CYS B 787 25.65 -36.04 1.14
C CYS B 787 24.77 -37.21 1.56
N GLU B 788 23.50 -36.96 1.88
CA GLU B 788 22.57 -38.04 2.15
C GLU B 788 21.89 -38.55 0.87
N LEU B 789 21.55 -37.65 -0.05
CA LEU B 789 20.91 -38.06 -1.29
C LEU B 789 21.87 -38.86 -2.18
N LYS B 790 23.16 -38.56 -2.12
CA LYS B 790 24.14 -39.35 -2.86
C LYS B 790 24.19 -40.78 -2.32
N THR B 791 24.13 -40.94 -1.01
CA THR B 791 24.07 -42.28 -0.44
C THR B 791 22.77 -42.98 -0.81
N ILE B 792 21.65 -42.24 -0.80
CA ILE B 792 20.36 -42.83 -1.12
C ILE B 792 20.35 -43.34 -2.56
N LEU B 793 20.85 -42.52 -3.49
CA LEU B 793 20.86 -42.93 -4.90
C LEU B 793 21.87 -44.03 -5.17
N GLU B 794 22.86 -44.22 -4.30
CA GLU B 794 23.88 -45.24 -4.47
C GLU B 794 23.54 -46.54 -3.77
N GLU B 795 22.37 -46.64 -3.14
CA GLU B 795 21.97 -47.86 -2.46
C GLU B 795 20.50 -48.18 -2.73
N GLU B 805 22.55 -41.56 -10.67
CA GLU B 805 23.34 -40.41 -10.23
C GLU B 805 24.43 -40.09 -11.25
N ILE B 806 24.35 -38.89 -11.84
CA ILE B 806 25.36 -38.49 -12.82
C ILE B 806 26.71 -38.40 -12.14
N GLU B 807 27.73 -38.98 -12.77
CA GLU B 807 29.07 -39.01 -12.20
C GLU B 807 29.77 -37.67 -12.40
N HIS B 808 29.12 -36.62 -11.92
CA HIS B 808 29.63 -35.26 -12.02
C HIS B 808 30.41 -34.83 -10.78
N TRP B 809 30.59 -35.73 -9.80
CA TRP B 809 31.32 -35.43 -8.57
C TRP B 809 32.70 -34.83 -8.83
N PRO B 820 41.43 -19.56 -4.37
CA PRO B 820 41.39 -19.22 -5.79
C PRO B 820 39.99 -19.38 -6.38
N LEU B 821 39.00 -18.70 -5.78
CA LEU B 821 37.63 -18.87 -6.24
C LEU B 821 37.43 -18.24 -7.61
N ARG B 822 37.59 -16.92 -7.70
CA ARG B 822 37.38 -16.18 -8.94
C ARG B 822 37.76 -14.72 -8.69
N ASP B 823 38.15 -14.04 -9.77
CA ASP B 823 38.46 -12.62 -9.70
C ASP B 823 37.84 -11.85 -10.86
N GLN B 824 37.07 -12.50 -11.73
CA GLN B 824 36.42 -11.80 -12.83
C GLN B 824 35.34 -10.88 -12.28
N VAL B 825 35.34 -9.64 -12.75
CA VAL B 825 34.38 -8.63 -12.32
C VAL B 825 33.64 -8.11 -13.55
N VAL B 826 32.32 -8.11 -13.48
CA VAL B 826 31.50 -7.60 -14.57
C VAL B 826 31.47 -6.08 -14.51
N GLU B 827 31.53 -5.43 -15.67
CA GLU B 827 31.52 -3.98 -15.75
C GLU B 827 30.74 -3.55 -16.98
N ALA B 828 29.97 -2.48 -16.83
CA ALA B 828 29.20 -1.89 -17.90
C ALA B 828 29.67 -0.46 -18.11
N LEU B 829 29.81 -0.05 -19.35
CA LEU B 829 30.44 1.21 -19.69
C LEU B 829 29.38 2.25 -20.07
N TRP B 830 29.44 3.42 -19.43
CA TRP B 830 28.42 4.45 -19.62
C TRP B 830 28.61 5.22 -20.93
N HIS B 839 15.97 -2.03 -34.47
CA HIS B 839 14.53 -2.09 -34.69
C HIS B 839 13.89 -0.71 -34.62
N VAL B 840 14.14 -0.01 -33.51
CA VAL B 840 13.58 1.32 -33.34
C VAL B 840 14.13 2.26 -34.42
N HIS B 841 15.45 2.26 -34.61
CA HIS B 841 16.04 3.11 -35.64
C HIS B 841 15.62 2.67 -37.03
N ARG B 842 15.58 1.35 -37.27
CA ARG B 842 15.15 0.85 -38.57
C ARG B 842 13.69 1.19 -38.84
N GLY B 843 12.83 1.01 -37.83
CA GLY B 843 11.42 1.30 -38.01
C GLY B 843 11.08 2.77 -38.08
N ALA B 844 11.94 3.63 -37.53
CA ALA B 844 11.67 5.07 -37.59
C ALA B 844 11.76 5.59 -39.02
N GLN B 845 12.51 4.92 -39.88
CA GLN B 845 12.67 5.36 -41.25
C GLN B 845 11.36 5.28 -42.02
N LEU B 846 10.57 4.22 -41.79
CA LEU B 846 9.29 4.11 -42.46
C LEU B 846 8.37 5.25 -42.08
N VAL B 847 8.32 5.61 -40.79
CA VAL B 847 7.50 6.73 -40.35
C VAL B 847 8.01 8.02 -40.96
N ALA B 848 9.33 8.21 -40.99
CA ALA B 848 9.89 9.44 -41.54
C ALA B 848 9.57 9.59 -43.02
N ALA B 849 9.65 8.49 -43.78
CA ALA B 849 9.33 8.53 -45.19
C ALA B 849 7.84 8.61 -45.45
N ALA B 850 7.02 8.24 -44.45
CA ALA B 850 5.57 8.28 -44.64
C ALA B 850 5.08 9.72 -44.85
N MET B 851 5.67 10.68 -44.14
CA MET B 851 5.33 12.07 -44.35
C MET B 851 6.52 12.84 -44.91
N GLY B 863 -8.01 -2.57 -37.50
CA GLY B 863 -8.69 -1.47 -38.17
C GLY B 863 -8.37 -0.12 -37.57
N TRP B 864 -7.11 0.28 -37.70
CA TRP B 864 -6.64 1.51 -37.07
C TRP B 864 -7.09 2.77 -37.80
N ALA B 865 -7.47 2.66 -39.07
CA ALA B 865 -7.84 3.86 -39.83
C ALA B 865 -9.08 4.52 -39.23
N ALA B 866 -10.09 3.72 -38.86
CA ALA B 866 -11.30 4.28 -38.28
C ALA B 866 -11.01 4.98 -36.96
N ASP B 867 -10.22 4.33 -36.09
CA ASP B 867 -9.88 4.94 -34.81
C ASP B 867 -9.10 6.23 -35.02
N VAL B 868 -8.16 6.23 -35.97
CA VAL B 868 -7.33 7.41 -36.20
C VAL B 868 -8.18 8.57 -36.70
N ASP B 869 -9.09 8.32 -37.65
CA ASP B 869 -9.90 9.41 -38.17
C ASP B 869 -10.89 9.90 -37.13
N ALA B 870 -11.44 9.00 -36.31
CA ALA B 870 -12.33 9.43 -35.24
C ALA B 870 -11.58 10.31 -34.24
N LEU B 871 -10.35 9.92 -33.87
CA LEU B 871 -9.57 10.72 -32.94
C LEU B 871 -9.21 12.08 -33.53
N LEU B 872 -8.88 12.11 -34.82
CA LEU B 872 -8.57 13.38 -35.48
C LEU B 872 -9.80 14.28 -35.48
N ALA B 873 -10.98 13.72 -35.75
CA ALA B 873 -12.20 14.50 -35.70
C ALA B 873 -12.46 15.03 -34.29
N GLU B 874 -12.23 14.20 -33.28
CA GLU B 874 -12.45 14.65 -31.90
C GLU B 874 -11.49 15.77 -31.52
N ARG B 875 -10.24 15.67 -31.93
CA ARG B 875 -9.25 16.69 -31.55
C ARG B 875 -9.51 18.01 -32.27
N GLU B 876 -9.88 17.95 -33.55
CA GLU B 876 -10.05 19.14 -34.38
C GLU B 876 -11.48 19.68 -34.35
N ARG B 877 -12.23 19.43 -33.28
CA ARG B 877 -13.59 19.91 -33.13
C ARG B 877 -13.69 20.66 -31.81
N PRO B 878 -13.39 21.98 -31.81
CA PRO B 878 -13.40 22.81 -30.59
C PRO B 878 -14.76 22.86 -29.92
#